data_4E2L
#
_entry.id   4E2L
#
_cell.length_a   208.307
_cell.length_b   141.257
_cell.length_c   136.888
_cell.angle_alpha   90.000
_cell.angle_beta   107.030
_cell.angle_gamma   90.000
#
_symmetry.space_group_name_H-M   'C 1 2 1'
#
_entity_poly.entity_id   1
_entity_poly.type   'polypeptide(L)'
_entity_poly.pdbx_seq_one_letter_code
;HHHHHHGSWTSAAVVTPPEPVQWQELEKTFTKLRVLDLDIKIDRTEAFNLFIKKFQSVSLLEEYLRSSPYVMDQLKEAKI
DELDLHRAIVALSEKMKAVDDNASKKKDEPSLYTSWTLSFTAPTSEEAQTVLSGYIDYISALVVKESIENVRNKLEIKTQ
FEKEKLAQDRIKMKNQLDANIQRLNYSLDIANAAGIKKPVYGSGDDPDFSISLGADGIERKLEIEKAVTDVAELNGELRN
RQYLVEQLTKANINDVNFTPFKYQLSPSLPV
;
_entity_poly.pdbx_strand_id   A,B,C,D,E,F,G,H,I
#
# COMPACT_ATOMS: atom_id res chain seq x y z
N TRP A 9 52.95 -22.08 -24.14
CA TRP A 9 51.71 -22.34 -24.90
C TRP A 9 50.46 -21.43 -24.56
N THR A 10 50.02 -21.30 -23.31
CA THR A 10 48.76 -20.55 -23.03
C THR A 10 48.78 -19.43 -21.96
N SER A 11 48.37 -18.23 -22.38
CA SER A 11 48.26 -17.05 -21.51
C SER A 11 46.81 -16.72 -21.09
N ALA A 12 46.61 -16.35 -19.83
CA ALA A 12 45.27 -16.04 -19.35
C ALA A 12 45.20 -14.71 -18.58
N ALA A 13 43.98 -14.19 -18.46
CA ALA A 13 43.72 -12.97 -17.71
C ALA A 13 42.46 -13.14 -16.90
N VAL A 14 42.48 -12.76 -15.63
CA VAL A 14 41.25 -12.79 -14.84
C VAL A 14 40.66 -11.41 -14.64
N VAL A 15 39.46 -11.25 -15.17
CA VAL A 15 38.83 -9.95 -15.38
C VAL A 15 37.55 -9.80 -14.53
N THR A 16 37.43 -8.67 -13.82
CA THR A 16 36.24 -8.35 -13.01
C THR A 16 35.67 -6.95 -13.40
N PRO A 17 34.38 -6.69 -13.12
CA PRO A 17 33.77 -5.37 -13.32
C PRO A 17 34.46 -4.27 -12.51
N PRO A 18 34.73 -3.11 -13.16
CA PRO A 18 35.66 -2.11 -12.66
C PRO A 18 35.18 -1.45 -11.38
N GLU A 19 36.13 -0.96 -10.59
CA GLU A 19 35.83 -0.44 -9.27
C GLU A 19 35.67 1.08 -9.27
N PRO A 20 35.01 1.64 -8.24
CA PRO A 20 34.63 3.06 -8.25
C PRO A 20 35.79 4.00 -8.62
N VAL A 21 36.90 3.90 -7.90
CA VAL A 21 38.02 4.80 -8.14
C VAL A 21 38.39 4.93 -9.61
N GLN A 22 38.13 3.89 -10.41
CA GLN A 22 38.43 3.93 -11.84
C GLN A 22 37.45 4.81 -12.61
N TRP A 23 36.45 5.32 -11.92
CA TRP A 23 35.31 5.94 -12.56
C TRP A 23 35.31 7.45 -12.33
N GLN A 24 36.35 7.96 -11.68
CA GLN A 24 36.36 9.32 -11.19
C GLN A 24 36.40 10.44 -12.26
N GLU A 25 37.13 10.22 -13.36
CA GLU A 25 37.09 11.20 -14.47
C GLU A 25 35.76 11.13 -15.22
N LEU A 26 35.09 9.99 -15.12
CA LEU A 26 33.74 9.81 -15.63
C LEU A 26 32.69 10.42 -14.69
N GLU A 27 33.02 10.54 -13.40
CA GLU A 27 32.09 11.13 -12.45
C GLU A 27 32.24 12.63 -12.40
N LYS A 28 33.34 13.15 -12.94
CA LYS A 28 33.53 14.59 -13.06
C LYS A 28 32.77 15.10 -14.28
N THR A 29 32.71 14.30 -15.33
CA THR A 29 31.96 14.68 -16.52
C THR A 29 30.44 14.48 -16.38
N PHE A 30 29.99 13.66 -15.43
CA PHE A 30 28.55 13.50 -15.25
C PHE A 30 27.92 14.50 -14.25
N THR A 31 28.74 15.10 -13.39
CA THR A 31 28.26 16.10 -12.45
C THR A 31 28.06 17.41 -13.25
N LYS A 32 26.83 17.59 -13.74
CA LYS A 32 26.59 18.24 -15.03
C LYS A 32 27.36 17.36 -16.00
N LEU A 33 26.70 16.83 -17.03
CA LEU A 33 25.36 17.22 -17.43
C LEU A 33 24.22 17.18 -16.36
N ARG A 34 24.52 16.72 -15.14
CA ARG A 34 23.51 16.63 -14.07
C ARG A 34 23.01 18.03 -13.65
N VAL A 35 23.93 18.97 -13.56
CA VAL A 35 23.62 20.38 -13.31
C VAL A 35 22.75 20.94 -14.43
N LEU A 36 23.09 20.63 -15.67
CA LEU A 36 22.28 21.00 -16.82
C LEU A 36 20.99 20.19 -16.88
N ASP A 37 20.64 19.57 -15.77
CA ASP A 37 19.36 18.86 -15.66
C ASP A 37 19.35 17.55 -16.45
N LEU A 38 20.51 17.13 -16.92
CA LEU A 38 20.63 15.86 -17.61
C LEU A 38 21.23 14.85 -16.65
N ASP A 39 20.46 13.84 -16.25
CA ASP A 39 21.05 12.81 -15.42
C ASP A 39 21.30 11.56 -16.23
N ILE A 40 22.57 11.32 -16.51
CA ILE A 40 22.97 10.10 -17.18
C ILE A 40 24.14 9.48 -16.44
N LYS A 41 24.65 8.40 -16.99
CA LYS A 41 25.71 7.68 -16.33
C LYS A 41 26.14 6.53 -17.23
N ILE A 42 27.20 5.88 -16.77
CA ILE A 42 27.78 4.71 -17.40
C ILE A 42 27.91 3.68 -16.28
N ASP A 43 27.02 2.68 -16.27
CA ASP A 43 26.96 1.69 -15.19
C ASP A 43 28.13 0.70 -15.25
N ARG A 44 29.01 0.76 -14.26
CA ARG A 44 30.18 -0.11 -14.24
C ARG A 44 29.89 -1.54 -14.69
N THR A 45 28.89 -2.21 -14.10
CA THR A 45 28.62 -3.59 -14.50
C THR A 45 28.09 -3.69 -15.94
N GLU A 46 27.41 -2.65 -16.41
CA GLU A 46 26.94 -2.68 -17.79
C GLU A 46 28.09 -2.48 -18.77
N ALA A 47 29.06 -1.67 -18.39
CA ALA A 47 30.26 -1.49 -19.21
C ALA A 47 31.07 -2.80 -19.33
N PHE A 48 31.13 -3.55 -18.23
CA PHE A 48 31.83 -4.82 -18.17
C PHE A 48 31.16 -5.88 -19.05
N ASN A 49 29.84 -5.96 -18.98
CA ASN A 49 29.09 -6.90 -19.81
C ASN A 49 29.25 -6.60 -21.28
N LEU A 50 29.49 -5.33 -21.59
CA LEU A 50 29.68 -4.93 -22.97
C LEU A 50 31.07 -5.33 -23.46
N PHE A 51 32.02 -5.36 -22.53
CA PHE A 51 33.34 -5.87 -22.83
C PHE A 51 33.30 -7.38 -23.17
N ILE A 52 32.88 -8.18 -22.21
CA ILE A 52 32.76 -9.61 -22.38
C ILE A 52 31.98 -9.92 -23.64
N LYS A 53 31.02 -9.07 -23.99
CA LYS A 53 30.20 -9.32 -25.17
C LYS A 53 30.95 -9.09 -26.47
N LYS A 54 31.72 -8.00 -26.52
CA LYS A 54 32.50 -7.67 -27.71
C LYS A 54 33.72 -8.59 -27.81
N PHE A 55 34.31 -8.93 -26.66
CA PHE A 55 35.45 -9.84 -26.60
C PHE A 55 35.07 -11.23 -27.11
N GLN A 56 33.80 -11.56 -27.01
CA GLN A 56 33.32 -12.84 -27.53
C GLN A 56 32.88 -12.69 -28.98
N SER A 57 33.08 -11.52 -29.56
CA SER A 57 32.62 -11.36 -30.93
C SER A 57 33.66 -11.87 -31.90
N VAL A 58 33.30 -12.92 -32.63
CA VAL A 58 34.20 -13.60 -33.52
C VAL A 58 34.61 -12.70 -34.69
N SER A 59 33.69 -11.90 -35.21
CA SER A 59 34.05 -10.93 -36.24
C SER A 59 35.02 -9.87 -35.72
N LEU A 60 34.79 -9.37 -34.51
CA LEU A 60 35.70 -8.41 -33.91
C LEU A 60 37.09 -9.00 -33.65
N LEU A 61 37.15 -10.32 -33.48
CA LEU A 61 38.43 -10.97 -33.25
C LEU A 61 39.20 -11.04 -34.55
N GLU A 62 38.56 -11.52 -35.62
CA GLU A 62 39.17 -11.52 -36.94
C GLU A 62 39.57 -10.12 -37.41
N GLU A 63 38.76 -9.11 -37.14
CA GLU A 63 39.17 -7.75 -37.49
C GLU A 63 40.48 -7.40 -36.78
N TYR A 64 40.62 -7.85 -35.55
CA TYR A 64 41.80 -7.51 -34.77
C TYR A 64 43.03 -8.26 -35.25
N LEU A 65 42.92 -9.57 -35.41
CA LEU A 65 44.03 -10.36 -35.94
C LEU A 65 44.56 -9.77 -37.25
N ARG A 66 43.68 -9.63 -38.24
CA ARG A 66 44.06 -9.13 -39.55
C ARG A 66 44.72 -7.73 -39.48
N SER A 67 44.34 -6.94 -38.50
CA SER A 67 44.91 -5.60 -38.36
C SER A 67 46.21 -5.57 -37.59
N SER A 68 46.49 -6.64 -36.84
CA SER A 68 47.67 -6.70 -35.98
C SER A 68 48.91 -6.91 -36.83
N PRO A 69 49.84 -5.95 -36.81
CA PRO A 69 51.04 -6.17 -37.60
C PRO A 69 51.83 -7.34 -37.00
N TYR A 70 51.77 -7.48 -35.68
CA TYR A 70 52.45 -8.56 -35.02
C TYR A 70 51.97 -9.92 -35.54
N VAL A 71 50.67 -10.06 -35.76
CA VAL A 71 50.16 -11.32 -36.27
C VAL A 71 50.43 -11.47 -37.76
N MET A 72 50.39 -10.36 -38.49
CA MET A 72 50.57 -10.39 -39.95
C MET A 72 52.02 -10.50 -40.43
N ASP A 73 52.90 -11.02 -39.56
CA ASP A 73 54.28 -11.33 -39.94
C ASP A 73 54.40 -12.84 -40.08
N GLN A 74 54.32 -13.52 -38.95
CA GLN A 74 54.22 -14.97 -38.93
C GLN A 74 53.01 -15.43 -39.73
N LEU A 83 46.38 -16.20 -50.60
CA LEU A 83 45.15 -16.10 -49.80
C LEU A 83 44.66 -17.43 -49.17
N ASP A 84 45.62 -18.21 -48.67
CA ASP A 84 45.29 -19.28 -47.73
C ASP A 84 45.20 -18.61 -46.37
N LEU A 85 45.51 -17.31 -46.35
CA LEU A 85 45.53 -16.49 -45.15
C LEU A 85 44.21 -16.62 -44.40
N HIS A 86 43.11 -16.50 -45.13
CA HIS A 86 41.80 -16.59 -44.51
C HIS A 86 41.74 -17.79 -43.55
N ARG A 87 42.24 -18.95 -44.00
CA ARG A 87 42.20 -20.17 -43.21
C ARG A 87 43.09 -20.09 -41.96
N ALA A 88 44.14 -19.27 -42.04
CA ALA A 88 45.12 -19.17 -40.96
C ALA A 88 44.56 -18.32 -39.84
N ILE A 89 43.85 -17.26 -40.24
CA ILE A 89 43.18 -16.39 -39.30
C ILE A 89 42.10 -17.16 -38.53
N VAL A 90 41.20 -17.79 -39.27
CA VAL A 90 40.14 -18.59 -38.66
C VAL A 90 40.68 -19.63 -37.68
N ALA A 91 41.85 -20.15 -37.99
CA ALA A 91 42.53 -21.12 -37.14
C ALA A 91 42.95 -20.43 -35.84
N LEU A 92 43.49 -19.24 -35.97
CA LEU A 92 43.89 -18.48 -34.79
C LEU A 92 42.67 -18.08 -33.94
N SER A 93 41.55 -17.77 -34.58
CA SER A 93 40.44 -17.20 -33.85
C SER A 93 39.74 -18.29 -33.02
N GLU A 94 40.06 -19.54 -33.34
CA GLU A 94 39.60 -20.67 -32.54
C GLU A 94 40.43 -20.87 -31.27
N LYS A 95 41.45 -20.04 -31.06
CA LYS A 95 42.33 -20.20 -29.91
C LYS A 95 41.98 -19.29 -28.76
N MET A 96 41.08 -18.32 -29.01
CA MET A 96 40.68 -17.31 -28.01
C MET A 96 39.52 -17.76 -27.14
N LYS A 97 39.71 -17.76 -25.83
CA LYS A 97 38.66 -18.24 -24.95
C LYS A 97 38.21 -17.22 -23.92
N ALA A 98 36.90 -17.18 -23.65
CA ALA A 98 36.37 -16.39 -22.54
C ALA A 98 35.40 -17.26 -21.73
N VAL A 99 35.55 -17.31 -20.41
CA VAL A 99 34.61 -18.08 -19.59
C VAL A 99 34.23 -17.49 -18.23
N ASP A 100 33.00 -17.78 -17.82
CA ASP A 100 32.48 -17.32 -16.54
C ASP A 100 32.99 -18.27 -15.44
N ASP A 101 32.79 -17.90 -14.18
CA ASP A 101 33.27 -18.75 -13.08
C ASP A 101 32.20 -19.07 -12.00
N SER A 111 28.29 -16.12 -5.49
CA SER A 111 29.68 -15.70 -5.67
C SER A 111 29.92 -14.24 -5.22
N LEU A 112 31.07 -14.03 -4.59
CA LEU A 112 31.42 -12.77 -3.95
C LEU A 112 31.63 -11.63 -4.95
N TYR A 113 32.08 -11.98 -6.14
CA TYR A 113 32.12 -11.01 -7.24
C TYR A 113 32.13 -11.73 -8.58
N THR A 114 31.65 -11.04 -9.61
CA THR A 114 31.70 -11.58 -10.95
C THR A 114 33.16 -11.68 -11.36
N SER A 115 33.50 -12.66 -12.20
CA SER A 115 34.86 -12.76 -12.72
C SER A 115 34.85 -13.62 -13.97
N TRP A 116 35.55 -13.17 -15.02
CA TRP A 116 35.73 -13.99 -16.22
C TRP A 116 37.20 -14.34 -16.45
N THR A 117 37.45 -15.56 -16.91
CA THR A 117 38.78 -15.94 -17.40
C THR A 117 38.85 -15.87 -18.92
N LEU A 118 39.75 -15.02 -19.39
CA LEU A 118 40.04 -14.84 -20.80
C LEU A 118 41.42 -15.45 -21.05
N SER A 119 41.61 -16.07 -22.21
CA SER A 119 42.86 -16.78 -22.46
C SER A 119 43.14 -16.93 -23.93
N PHE A 120 44.43 -16.97 -24.27
CA PHE A 120 44.85 -17.21 -25.63
C PHE A 120 46.03 -18.17 -25.70
N THR A 121 46.04 -19.04 -26.70
CA THR A 121 47.09 -20.05 -26.78
C THR A 121 47.95 -19.98 -28.06
N ALA A 122 49.25 -20.25 -27.93
CA ALA A 122 50.16 -20.14 -29.07
C ALA A 122 51.46 -20.95 -28.97
N PRO A 123 52.17 -21.13 -30.10
CA PRO A 123 53.43 -21.89 -30.11
C PRO A 123 54.43 -21.36 -29.09
N THR A 124 54.84 -20.11 -29.20
CA THR A 124 55.73 -19.54 -28.19
C THR A 124 54.93 -19.10 -26.95
N SER A 125 55.63 -18.68 -25.91
CA SER A 125 54.97 -18.20 -24.70
C SER A 125 54.75 -16.70 -24.76
N GLU A 126 55.71 -15.98 -25.35
CA GLU A 126 55.57 -14.53 -25.53
C GLU A 126 54.53 -14.22 -26.60
N GLU A 127 54.46 -15.05 -27.64
CA GLU A 127 53.42 -14.85 -28.65
C GLU A 127 52.03 -14.98 -28.05
N ALA A 128 51.88 -15.80 -27.03
CA ALA A 128 50.58 -15.95 -26.40
C ALA A 128 50.19 -14.69 -25.60
N GLN A 129 51.06 -14.26 -24.71
CA GLN A 129 50.78 -13.11 -23.87
C GLN A 129 50.58 -11.83 -24.68
N THR A 130 51.38 -11.61 -25.71
CA THR A 130 51.16 -10.40 -26.49
C THR A 130 49.88 -10.47 -27.30
N VAL A 131 49.57 -11.58 -27.97
CA VAL A 131 48.31 -11.61 -28.72
C VAL A 131 47.05 -11.40 -27.87
N LEU A 132 47.01 -11.98 -26.67
CA LEU A 132 45.86 -11.84 -25.78
C LEU A 132 45.78 -10.44 -25.22
N SER A 133 46.90 -9.98 -24.67
CA SER A 133 47.03 -8.62 -24.13
C SER A 133 46.58 -7.55 -25.12
N GLY A 134 46.89 -7.78 -26.39
CA GLY A 134 46.58 -6.87 -27.46
C GLY A 134 45.12 -6.88 -27.83
N TYR A 135 44.48 -8.03 -27.72
CA TYR A 135 43.07 -8.08 -28.05
C TYR A 135 42.26 -7.39 -26.96
N ILE A 136 42.59 -7.68 -25.70
CA ILE A 136 41.80 -7.08 -24.63
C ILE A 136 42.08 -5.60 -24.50
N ASP A 137 42.98 -5.05 -25.32
CA ASP A 137 43.15 -3.58 -25.42
C ASP A 137 42.34 -3.02 -26.56
N TYR A 138 42.31 -3.75 -27.65
CA TYR A 138 41.47 -3.46 -28.81
C TYR A 138 39.98 -3.50 -28.49
N ILE A 139 39.56 -4.43 -27.64
CA ILE A 139 38.15 -4.46 -27.29
C ILE A 139 37.87 -3.32 -26.32
N SER A 140 38.69 -3.20 -25.28
CA SER A 140 38.52 -2.11 -24.34
C SER A 140 38.47 -0.77 -25.08
N ALA A 141 39.26 -0.64 -26.15
CA ALA A 141 39.17 0.55 -26.99
C ALA A 141 37.74 0.77 -27.49
N LEU A 142 37.14 -0.29 -28.01
CA LEU A 142 35.83 -0.18 -28.61
C LEU A 142 34.75 0.13 -27.59
N VAL A 143 35.00 -0.24 -26.34
CA VAL A 143 34.01 -0.03 -25.30
C VAL A 143 34.02 1.38 -24.69
N VAL A 144 35.16 2.07 -24.72
CA VAL A 144 35.17 3.49 -24.36
C VAL A 144 34.60 4.34 -25.49
N LYS A 145 35.00 4.04 -26.73
CA LYS A 145 34.48 4.77 -27.88
C LYS A 145 32.95 4.67 -28.00
N GLU A 146 32.38 3.49 -27.81
CA GLU A 146 30.92 3.29 -27.88
C GLU A 146 30.24 3.88 -26.63
N SER A 147 30.90 3.74 -25.48
CA SER A 147 30.36 4.27 -24.22
C SER A 147 30.23 5.78 -24.31
N ILE A 148 31.35 6.42 -24.60
CA ILE A 148 31.42 7.87 -24.76
C ILE A 148 30.46 8.35 -25.83
N GLU A 149 30.47 7.72 -27.01
CA GLU A 149 29.55 8.13 -28.08
C GLU A 149 28.11 8.04 -27.67
N ASN A 150 27.86 7.27 -26.62
CA ASN A 150 26.51 7.02 -26.17
C ASN A 150 26.04 8.10 -25.23
N VAL A 151 26.91 8.51 -24.32
CA VAL A 151 26.68 9.67 -23.45
C VAL A 151 26.52 10.96 -24.27
N ARG A 152 27.24 11.05 -25.39
CA ARG A 152 27.16 12.21 -26.27
C ARG A 152 25.85 12.23 -27.04
N ASN A 153 25.32 11.05 -27.32
CA ASN A 153 24.03 10.98 -27.99
C ASN A 153 22.89 11.45 -27.09
N LYS A 154 23.00 11.11 -25.80
CA LYS A 154 22.00 11.44 -24.82
C LYS A 154 21.91 12.95 -24.65
N LEU A 155 23.05 13.62 -24.72
CA LEU A 155 23.14 15.07 -24.55
C LEU A 155 22.70 15.82 -25.80
N GLU A 156 22.83 15.18 -26.96
CA GLU A 156 22.37 15.76 -28.22
C GLU A 156 20.88 15.57 -28.38
N ILE A 157 20.31 14.67 -27.58
CA ILE A 157 18.87 14.44 -27.64
C ILE A 157 18.19 15.35 -26.63
N LYS A 158 18.84 15.59 -25.50
CA LYS A 158 18.28 16.52 -24.52
C LYS A 158 18.38 17.94 -25.06
N THR A 159 19.50 18.23 -25.70
CA THR A 159 19.74 19.56 -26.24
C THR A 159 18.73 19.88 -27.32
N GLN A 160 18.37 18.88 -28.11
CA GLN A 160 17.45 19.09 -29.21
C GLN A 160 16.00 19.08 -28.72
N PHE A 161 15.74 18.46 -27.58
CA PHE A 161 14.41 18.52 -27.01
C PHE A 161 14.18 19.84 -26.31
N GLU A 162 15.06 20.24 -25.40
CA GLU A 162 14.89 21.53 -24.74
C GLU A 162 14.77 22.68 -25.76
N LYS A 163 15.45 22.54 -26.91
CA LYS A 163 15.40 23.56 -27.96
C LYS A 163 14.04 23.59 -28.59
N GLU A 164 13.56 22.44 -29.04
CA GLU A 164 12.32 22.41 -29.78
C GLU A 164 11.15 22.75 -28.90
N LYS A 165 11.28 22.51 -27.59
CA LYS A 165 10.20 22.76 -26.63
C LYS A 165 10.13 24.24 -26.29
N LEU A 166 11.28 24.83 -26.00
CA LEU A 166 11.37 26.28 -25.80
C LEU A 166 10.80 27.03 -26.98
N ALA A 167 11.15 26.62 -28.19
CA ALA A 167 10.62 27.30 -29.37
C ALA A 167 9.12 27.11 -29.48
N GLN A 168 8.61 25.98 -29.02
CA GLN A 168 7.17 25.71 -29.07
C GLN A 168 6.39 26.42 -27.96
N ASP A 169 7.00 26.54 -26.77
CA ASP A 169 6.34 27.23 -25.68
C ASP A 169 6.18 28.71 -25.96
N ARG A 170 7.16 29.30 -26.63
CA ARG A 170 7.09 30.72 -27.03
C ARG A 170 5.90 30.99 -27.91
N ILE A 171 5.75 30.28 -29.01
CA ILE A 171 4.53 30.40 -29.81
C ILE A 171 3.30 30.20 -28.95
N LYS A 172 3.35 29.32 -27.97
CA LYS A 172 2.15 29.03 -27.19
C LYS A 172 1.76 30.23 -26.33
N MET A 173 2.74 31.00 -25.85
CA MET A 173 2.37 32.18 -25.07
C MET A 173 2.21 33.41 -25.89
N LYS A 174 2.82 33.45 -27.06
CA LYS A 174 2.43 34.50 -27.98
C LYS A 174 0.93 34.32 -28.23
N ASN A 175 0.47 33.09 -28.22
CA ASN A 175 -0.96 32.83 -28.41
C ASN A 175 -1.87 33.20 -27.22
N GLN A 176 -1.37 33.01 -26.01
CA GLN A 176 -2.11 33.45 -24.81
C GLN A 176 -2.04 34.97 -24.70
N LEU A 177 -0.87 35.53 -24.95
CA LEU A 177 -0.68 36.98 -24.86
C LEU A 177 -1.62 37.68 -25.84
N ASP A 178 -1.70 37.21 -27.08
CA ASP A 178 -2.65 37.80 -28.00
C ASP A 178 -4.12 37.74 -27.54
N ALA A 179 -4.54 36.62 -26.96
CA ALA A 179 -5.93 36.46 -26.52
C ALA A 179 -6.29 37.31 -25.28
N ASN A 180 -5.30 37.55 -24.43
CA ASN A 180 -5.44 38.47 -23.31
C ASN A 180 -5.45 39.90 -23.78
N ILE A 181 -4.87 40.13 -24.96
CA ILE A 181 -4.94 41.44 -25.59
C ILE A 181 -6.40 41.67 -25.97
N GLN A 182 -7.04 40.66 -26.56
CA GLN A 182 -8.46 40.79 -26.95
C GLN A 182 -9.37 40.93 -25.74
N ARG A 183 -8.94 40.37 -24.63
CA ARG A 183 -9.73 40.37 -23.43
C ARG A 183 -9.64 41.76 -22.87
N LEU A 184 -8.41 42.25 -22.72
CA LEU A 184 -8.15 43.58 -22.19
C LEU A 184 -8.85 44.66 -23.03
N ASN A 185 -8.93 44.42 -24.33
CA ASN A 185 -9.65 45.27 -25.27
C ASN A 185 -11.13 45.33 -24.95
N TYR A 186 -11.75 44.17 -24.74
CA TYR A 186 -13.16 44.19 -24.37
C TYR A 186 -13.33 44.75 -22.96
N SER A 187 -12.45 44.37 -22.04
CA SER A 187 -12.46 44.96 -20.70
C SER A 187 -12.45 46.48 -20.71
N LEU A 188 -11.99 47.10 -21.79
CA LEU A 188 -12.00 48.56 -21.90
C LEU A 188 -13.42 49.06 -22.16
N ASP A 189 -14.02 48.69 -23.29
CA ASP A 189 -15.42 49.01 -23.58
C ASP A 189 -16.31 48.95 -22.34
N ILE A 190 -16.32 47.81 -21.66
CA ILE A 190 -17.09 47.67 -20.42
C ILE A 190 -16.73 48.76 -19.42
N ALA A 191 -15.45 48.90 -19.07
CA ALA A 191 -15.05 49.95 -18.14
C ALA A 191 -15.58 51.34 -18.55
N ASN A 192 -15.73 51.55 -19.86
CA ASN A 192 -16.29 52.78 -20.41
C ASN A 192 -17.82 52.82 -20.27
N ALA A 193 -18.50 51.86 -20.89
CA ALA A 193 -19.94 51.70 -20.70
C ALA A 193 -20.33 51.84 -19.23
N ALA A 194 -19.65 51.12 -18.35
CA ALA A 194 -19.88 51.23 -16.91
C ALA A 194 -19.40 52.57 -16.35
N GLY A 195 -18.67 53.33 -17.17
CA GLY A 195 -18.14 54.62 -16.74
C GLY A 195 -17.35 54.54 -15.46
N ILE A 196 -16.43 53.58 -15.40
CA ILE A 196 -15.59 53.46 -14.22
C ILE A 196 -14.14 53.74 -14.63
N LYS A 197 -13.78 55.01 -14.63
CA LYS A 197 -12.50 55.45 -15.15
C LYS A 197 -11.34 55.19 -14.21
N LYS A 198 -11.49 55.55 -12.95
CA LYS A 198 -10.44 55.33 -11.97
C LYS A 198 -10.67 53.96 -11.31
N PRO A 199 -9.68 53.47 -10.55
CA PRO A 199 -9.77 52.13 -9.93
C PRO A 199 -10.83 52.01 -8.83
N VAL A 200 -11.12 50.75 -8.46
CA VAL A 200 -12.19 50.43 -7.50
C VAL A 200 -11.63 49.88 -6.18
N ASP A 206 -14.91 41.18 -11.69
CA ASP A 206 -15.49 40.42 -12.80
C ASP A 206 -14.61 39.23 -13.27
N PRO A 207 -15.27 38.11 -13.57
CA PRO A 207 -14.59 36.85 -13.90
C PRO A 207 -14.07 36.76 -15.33
N ASP A 208 -14.90 37.13 -16.32
CA ASP A 208 -14.47 37.06 -17.72
C ASP A 208 -13.56 38.24 -18.04
N PHE A 209 -14.11 39.45 -17.97
CA PHE A 209 -13.38 40.68 -18.29
C PHE A 209 -13.17 41.59 -17.08
N SER A 210 -12.01 41.50 -16.43
CA SER A 210 -11.74 42.30 -15.24
C SER A 210 -11.92 43.79 -15.53
N ILE A 211 -12.21 44.57 -14.48
CA ILE A 211 -12.58 45.97 -14.66
C ILE A 211 -12.08 46.89 -13.54
N SER A 212 -11.87 46.32 -12.36
CA SER A 212 -11.56 47.06 -11.14
C SER A 212 -10.33 47.96 -11.22
N LEU A 213 -9.70 48.03 -12.39
CA LEU A 213 -8.55 48.91 -12.60
C LEU A 213 -9.01 50.29 -13.06
N GLY A 214 -10.08 50.33 -13.84
CA GLY A 214 -10.56 51.57 -14.43
C GLY A 214 -10.13 51.57 -15.87
N ALA A 215 -10.86 52.26 -16.74
CA ALA A 215 -10.48 52.35 -18.14
C ALA A 215 -9.27 53.26 -18.30
N ASP A 216 -8.99 54.06 -17.28
CA ASP A 216 -7.79 54.88 -17.30
C ASP A 216 -6.54 53.99 -17.25
N GLY A 217 -6.46 53.16 -16.21
CA GLY A 217 -5.40 52.15 -16.13
C GLY A 217 -5.44 51.03 -17.18
N ILE A 218 -6.63 50.57 -17.55
CA ILE A 218 -6.77 49.49 -18.51
C ILE A 218 -6.17 49.84 -19.85
N GLU A 219 -6.33 51.09 -20.25
CA GLU A 219 -5.89 51.48 -21.58
C GLU A 219 -4.37 51.58 -21.65
N ARG A 220 -3.75 51.85 -20.50
CA ARG A 220 -2.31 51.89 -20.44
C ARG A 220 -1.78 50.45 -20.54
N LYS A 221 -2.43 49.55 -19.80
CA LYS A 221 -2.10 48.13 -19.78
C LYS A 221 -2.29 47.53 -21.17
N LEU A 222 -3.35 47.93 -21.88
CA LEU A 222 -3.56 47.41 -23.22
C LEU A 222 -2.42 47.81 -24.15
N GLU A 223 -1.83 48.96 -23.89
CA GLU A 223 -0.85 49.53 -24.80
C GLU A 223 0.53 48.93 -24.55
N ILE A 224 0.80 48.62 -23.29
CA ILE A 224 2.01 47.92 -22.88
C ILE A 224 2.14 46.50 -23.45
N GLU A 225 1.04 45.77 -23.49
CA GLU A 225 1.01 44.40 -23.95
C GLU A 225 1.00 44.29 -25.47
N LYS A 226 0.51 45.35 -26.12
CA LYS A 226 0.63 45.43 -27.57
C LYS A 226 2.08 45.73 -27.99
N ALA A 227 2.84 46.32 -27.06
CA ALA A 227 4.22 46.74 -27.29
C ALA A 227 5.25 45.62 -26.99
N VAL A 228 4.73 44.46 -26.60
CA VAL A 228 5.57 43.33 -26.27
C VAL A 228 6.14 42.70 -27.53
N THR A 229 7.45 42.52 -27.52
CA THR A 229 8.17 42.13 -28.72
C THR A 229 8.72 40.73 -28.55
N ASP A 230 9.24 40.48 -27.34
CA ASP A 230 9.81 39.20 -26.96
C ASP A 230 9.06 38.68 -25.72
N VAL A 231 8.30 37.61 -25.89
CA VAL A 231 7.50 37.07 -24.77
C VAL A 231 8.32 36.78 -23.51
N ALA A 232 9.64 36.77 -23.65
CA ALA A 232 10.49 36.42 -22.52
C ALA A 232 10.86 37.63 -21.68
N GLU A 233 10.46 38.81 -22.11
CA GLU A 233 10.88 40.03 -21.41
C GLU A 233 10.17 40.12 -20.07
N LEU A 234 8.96 39.59 -20.03
CA LEU A 234 8.20 39.60 -18.80
C LEU A 234 8.20 38.25 -18.10
N ASN A 235 8.91 37.29 -18.70
CA ASN A 235 8.86 35.92 -18.22
C ASN A 235 10.22 35.36 -17.76
N GLY A 236 10.36 35.21 -16.44
CA GLY A 236 11.55 34.62 -15.87
C GLY A 236 11.81 33.19 -16.33
N GLU A 237 10.78 32.35 -16.30
CA GLU A 237 10.92 30.93 -16.65
C GLU A 237 11.60 30.82 -18.00
N LEU A 238 10.95 31.44 -18.99
CA LEU A 238 11.36 31.57 -20.39
C LEU A 238 12.77 32.07 -20.52
N ARG A 239 13.20 32.84 -19.53
CA ARG A 239 14.52 33.45 -19.60
C ARG A 239 15.54 32.41 -19.22
N ASN A 240 15.33 31.81 -18.06
CA ASN A 240 16.20 30.75 -17.61
C ASN A 240 16.17 29.49 -18.48
N ARG A 241 15.05 29.22 -19.13
CA ARG A 241 14.98 28.18 -20.14
C ARG A 241 15.90 28.43 -21.35
N GLN A 242 15.91 29.66 -21.85
CA GLN A 242 16.89 30.01 -22.90
C GLN A 242 18.32 29.71 -22.42
N TYR A 243 18.58 30.05 -21.16
CA TYR A 243 19.90 29.88 -20.54
C TYR A 243 20.29 28.40 -20.48
N LEU A 244 19.32 27.55 -20.20
CA LEU A 244 19.52 26.11 -20.24
C LEU A 244 19.95 25.67 -21.64
N VAL A 245 19.09 25.91 -22.62
CA VAL A 245 19.44 25.63 -24.01
C VAL A 245 20.82 26.18 -24.46
N GLU A 246 21.27 27.27 -23.86
CA GLU A 246 22.57 27.79 -24.24
C GLU A 246 23.63 26.97 -23.55
N GLN A 247 23.49 26.76 -22.25
CA GLN A 247 24.43 25.92 -21.51
C GLN A 247 24.58 24.49 -22.04
N LEU A 248 23.47 23.89 -22.47
CA LEU A 248 23.45 22.56 -23.10
C LEU A 248 24.24 22.56 -24.40
N THR A 249 23.88 23.47 -25.29
CA THR A 249 24.56 23.65 -26.57
C THR A 249 26.07 23.86 -26.48
N LYS A 250 26.50 24.58 -25.45
CA LYS A 250 27.93 24.84 -25.23
C LYS A 250 28.66 23.62 -24.66
N ALA A 251 28.02 22.94 -23.71
CA ALA A 251 28.61 21.78 -23.02
C ALA A 251 29.04 20.67 -23.98
N ASN A 252 30.17 20.02 -23.62
CA ASN A 252 30.87 19.03 -24.45
C ASN A 252 31.22 17.80 -23.62
N ILE A 253 31.16 16.62 -24.24
CA ILE A 253 31.75 15.44 -23.58
C ILE A 253 33.10 15.16 -24.21
N ASN A 254 34.17 15.38 -23.45
CA ASN A 254 35.52 15.19 -23.95
C ASN A 254 36.01 13.71 -23.92
N ASP A 255 37.03 13.39 -24.72
CA ASP A 255 37.55 12.01 -24.78
C ASP A 255 38.21 11.57 -23.46
N VAL A 256 37.41 11.00 -22.57
CA VAL A 256 37.92 10.51 -21.30
C VAL A 256 38.32 9.07 -21.50
N ASN A 257 39.36 8.64 -20.82
CA ASN A 257 39.70 7.23 -20.84
C ASN A 257 39.35 6.53 -19.53
N PHE A 258 38.86 5.29 -19.66
CA PHE A 258 38.59 4.43 -18.53
C PHE A 258 38.75 3.03 -19.08
N THR A 259 38.81 2.06 -18.17
CA THR A 259 38.94 0.65 -18.48
C THR A 259 37.68 -0.07 -18.01
N PRO A 260 36.93 -0.68 -18.93
CA PRO A 260 35.64 -1.22 -18.50
C PRO A 260 35.76 -2.46 -17.59
N PHE A 261 36.92 -2.70 -16.97
CA PHE A 261 37.13 -3.86 -16.10
C PHE A 261 38.26 -3.59 -15.12
N LYS A 262 38.49 -4.55 -14.22
CA LYS A 262 39.61 -4.53 -13.27
C LYS A 262 40.33 -5.86 -13.39
N TYR A 263 41.65 -5.85 -13.25
CA TYR A 263 42.45 -7.05 -13.36
C TYR A 263 42.63 -7.67 -11.99
N GLN A 264 42.11 -8.88 -11.84
CA GLN A 264 42.57 -9.77 -10.79
C GLN A 264 43.86 -10.36 -11.34
N LEU A 265 43.81 -10.79 -12.60
CA LEU A 265 45.02 -11.27 -13.29
C LEU A 265 45.24 -10.60 -14.65
N SER A 266 46.27 -9.76 -14.73
CA SER A 266 46.75 -9.23 -16.00
C SER A 266 47.40 -10.35 -16.85
N PRO A 267 47.25 -10.28 -18.20
CA PRO A 267 47.74 -11.35 -19.07
C PRO A 267 49.09 -11.90 -18.65
N SER A 268 49.12 -13.22 -18.50
CA SER A 268 50.23 -13.91 -17.87
C SER A 268 51.33 -14.22 -18.84
N LEU A 269 52.53 -14.44 -18.32
CA LEU A 269 53.58 -15.03 -19.12
C LEU A 269 53.78 -16.46 -18.64
N PRO A 270 53.16 -17.43 -19.34
CA PRO A 270 52.98 -18.82 -18.88
C PRO A 270 54.25 -19.66 -18.56
N TRP B 9 54.93 -24.56 8.60
CA TRP B 9 55.02 -24.90 7.20
C TRP B 9 53.69 -24.60 6.53
N THR B 10 52.64 -24.48 7.32
CA THR B 10 51.50 -23.69 6.88
C THR B 10 51.02 -22.75 7.99
N SER B 11 51.18 -21.46 7.75
CA SER B 11 50.69 -20.45 8.67
C SER B 11 49.26 -20.13 8.28
N ALA B 12 48.42 -19.85 9.27
CA ALA B 12 47.02 -19.58 9.00
C ALA B 12 46.48 -18.37 9.74
N ALA B 13 45.63 -17.62 9.05
CA ALA B 13 44.87 -16.56 9.70
C ALA B 13 43.40 -16.85 9.49
N VAL B 14 42.59 -16.50 10.50
CA VAL B 14 41.15 -16.45 10.32
C VAL B 14 40.69 -15.00 10.50
N VAL B 15 40.08 -14.45 9.45
CA VAL B 15 39.67 -13.05 9.46
C VAL B 15 38.16 -12.91 9.42
N THR B 16 37.65 -11.88 10.08
CA THR B 16 36.22 -11.61 10.12
C THR B 16 35.96 -10.13 9.79
N PRO B 17 34.77 -9.80 9.26
CA PRO B 17 34.36 -8.40 9.05
C PRO B 17 34.53 -7.57 10.32
N PRO B 18 35.08 -6.36 10.18
CA PRO B 18 35.60 -5.60 11.34
C PRO B 18 34.51 -5.07 12.26
N GLU B 19 34.84 -5.00 13.55
CA GLU B 19 33.89 -4.59 14.58
C GLU B 19 33.67 -3.07 14.58
N PRO B 20 32.50 -2.64 15.08
CA PRO B 20 32.16 -1.21 15.12
C PRO B 20 33.28 -0.34 15.73
N VAL B 21 33.77 -0.67 16.92
CA VAL B 21 34.81 0.13 17.57
C VAL B 21 36.06 0.41 16.71
N GLN B 22 36.25 -0.36 15.64
CA GLN B 22 37.36 -0.13 14.73
C GLN B 22 37.06 0.97 13.72
N TRP B 23 35.85 1.50 13.79
CA TRP B 23 35.36 2.42 12.77
C TRP B 23 35.24 3.83 13.32
N GLN B 24 35.62 4.01 14.59
CA GLN B 24 35.40 5.29 15.27
C GLN B 24 36.13 6.49 14.64
N GLU B 25 37.38 6.33 14.21
CA GLU B 25 38.05 7.47 13.55
C GLU B 25 37.39 7.79 12.22
N LEU B 26 36.89 6.78 11.53
CA LEU B 26 36.21 7.00 10.25
C LEU B 26 34.81 7.59 10.45
N GLU B 27 34.31 7.52 11.68
CA GLU B 27 32.95 7.95 11.95
C GLU B 27 32.96 9.42 12.34
N LYS B 28 34.04 9.86 12.99
CA LYS B 28 34.23 11.26 13.33
C LYS B 28 34.40 12.08 12.06
N THR B 29 35.00 11.46 11.06
CA THR B 29 35.21 12.08 9.75
C THR B 29 33.91 12.17 8.94
N PHE B 30 33.21 11.05 8.79
CA PHE B 30 31.98 11.04 8.00
C PHE B 30 30.93 11.94 8.64
N THR B 31 31.06 12.18 9.95
CA THR B 31 30.14 13.06 10.67
C THR B 31 30.43 14.53 10.34
N LYS B 32 31.71 14.87 10.22
CA LYS B 32 32.07 16.21 9.77
C LYS B 32 31.38 16.52 8.43
N LEU B 33 31.29 15.51 7.57
CA LEU B 33 30.76 15.68 6.22
C LEU B 33 29.25 15.60 6.13
N ARG B 34 28.64 14.86 7.05
CA ARG B 34 27.20 14.70 7.06
C ARG B 34 26.61 16.08 7.30
N VAL B 35 27.26 16.82 8.20
CA VAL B 35 26.91 18.19 8.49
C VAL B 35 26.88 19.03 7.21
N LEU B 36 27.85 18.82 6.33
CA LEU B 36 27.93 19.54 5.06
C LEU B 36 27.05 18.86 4.02
N ASP B 37 25.99 18.23 4.50
CA ASP B 37 25.08 17.41 3.68
C ASP B 37 25.77 16.45 2.67
N LEU B 38 26.79 15.76 3.17
CA LEU B 38 27.45 14.70 2.42
C LEU B 38 27.29 13.35 3.15
N ASP B 39 26.26 12.59 2.79
CA ASP B 39 26.00 11.30 3.46
C ASP B 39 26.84 10.16 2.87
N ILE B 40 28.04 9.97 3.44
CA ILE B 40 29.06 9.09 2.87
C ILE B 40 29.54 8.06 3.92
N LYS B 41 29.33 6.78 3.64
CA LYS B 41 29.83 5.75 4.54
C LYS B 41 30.70 4.73 3.81
N ILE B 42 31.57 4.07 4.57
CA ILE B 42 32.32 2.90 4.14
C ILE B 42 31.74 1.71 4.89
N ASP B 43 30.94 0.90 4.21
CA ASP B 43 30.33 -0.28 4.84
C ASP B 43 31.43 -1.25 5.31
N ARG B 44 31.41 -1.64 6.58
CA ARG B 44 32.44 -2.54 7.09
C ARG B 44 32.46 -3.87 6.33
N THR B 45 31.28 -4.38 5.96
CA THR B 45 31.22 -5.63 5.20
C THR B 45 31.68 -5.44 3.76
N GLU B 46 31.49 -4.24 3.21
CA GLU B 46 32.02 -3.95 1.89
C GLU B 46 33.55 -3.90 1.89
N ALA B 47 34.15 -3.24 2.89
CA ALA B 47 35.61 -3.20 3.01
C ALA B 47 36.16 -4.61 3.26
N PHE B 48 35.45 -5.39 4.06
CA PHE B 48 35.87 -6.77 4.24
C PHE B 48 35.87 -7.51 2.91
N ASN B 49 34.84 -7.33 2.09
CA ASN B 49 34.80 -8.02 0.79
C ASN B 49 35.87 -7.57 -0.19
N LEU B 50 36.10 -6.26 -0.29
CA LEU B 50 37.16 -5.78 -1.14
C LEU B 50 38.50 -6.29 -0.62
N PHE B 51 38.63 -6.46 0.68
CA PHE B 51 39.85 -7.06 1.23
C PHE B 51 40.12 -8.44 0.64
N ILE B 52 39.12 -9.32 0.70
CA ILE B 52 39.22 -10.67 0.16
C ILE B 52 39.36 -10.65 -1.36
N LYS B 53 38.75 -9.69 -2.03
CA LYS B 53 38.89 -9.59 -3.48
C LYS B 53 40.35 -9.28 -3.86
N LYS B 54 40.95 -8.32 -3.17
CA LYS B 54 42.34 -7.98 -3.47
C LYS B 54 43.20 -9.18 -3.11
N PHE B 55 43.06 -9.66 -1.88
CA PHE B 55 43.83 -10.80 -1.41
C PHE B 55 43.86 -11.98 -2.38
N GLN B 56 42.74 -12.25 -3.04
CA GLN B 56 42.71 -13.30 -4.05
C GLN B 56 43.34 -12.91 -5.38
N SER B 57 43.95 -11.73 -5.46
CA SER B 57 44.46 -11.28 -6.75
C SER B 57 45.90 -11.74 -7.04
N VAL B 58 46.03 -12.61 -8.02
CA VAL B 58 47.32 -13.16 -8.38
C VAL B 58 48.27 -12.03 -8.73
N SER B 59 47.82 -11.14 -9.61
CA SER B 59 48.63 -9.99 -10.01
C SER B 59 49.16 -9.23 -8.79
N LEU B 60 48.26 -8.87 -7.88
CA LEU B 60 48.65 -8.18 -6.65
C LEU B 60 49.63 -9.00 -5.81
N LEU B 61 49.42 -10.30 -5.76
CA LEU B 61 50.25 -11.18 -4.93
C LEU B 61 51.70 -11.24 -5.47
N GLU B 62 51.85 -11.34 -6.79
CA GLU B 62 53.16 -11.40 -7.39
C GLU B 62 53.88 -10.07 -7.21
N GLU B 63 53.15 -8.98 -7.38
CA GLU B 63 53.73 -7.68 -7.08
C GLU B 63 54.30 -7.68 -5.68
N TYR B 64 53.46 -7.97 -4.68
CA TYR B 64 53.94 -8.06 -3.30
C TYR B 64 55.23 -8.91 -3.18
N LEU B 65 55.20 -10.11 -3.72
CA LEU B 65 56.37 -11.00 -3.66
C LEU B 65 57.61 -10.42 -4.33
N ARG B 66 57.46 -9.93 -5.56
CA ARG B 66 58.59 -9.37 -6.29
C ARG B 66 59.16 -8.14 -5.58
N SER B 67 58.34 -7.50 -4.77
CA SER B 67 58.78 -6.26 -4.13
C SER B 67 59.15 -6.44 -2.66
N SER B 68 58.84 -7.59 -2.08
CA SER B 68 59.28 -7.84 -0.71
C SER B 68 60.77 -8.17 -0.72
N PRO B 69 61.53 -7.54 0.20
CA PRO B 69 62.94 -7.89 0.32
C PRO B 69 63.10 -9.27 0.94
N TYR B 70 62.21 -9.60 1.88
CA TYR B 70 62.29 -10.88 2.58
C TYR B 70 62.12 -12.07 1.66
N VAL B 71 61.33 -11.90 0.61
CA VAL B 71 61.16 -12.96 -0.38
C VAL B 71 62.30 -12.99 -1.40
N MET B 72 62.85 -11.83 -1.72
CA MET B 72 63.86 -11.76 -2.77
C MET B 72 65.22 -12.29 -2.33
N ASP B 73 65.65 -11.96 -1.12
CA ASP B 73 66.88 -12.57 -0.61
C ASP B 73 66.87 -14.08 -0.94
N GLN B 74 65.75 -14.73 -0.59
CA GLN B 74 65.52 -16.14 -0.81
C GLN B 74 64.86 -16.39 -2.15
N LEU B 83 67.18 -15.15 -14.98
CA LEU B 83 65.77 -14.78 -14.75
C LEU B 83 64.84 -16.00 -14.76
N ASP B 84 65.26 -17.04 -14.03
CA ASP B 84 64.38 -18.11 -13.58
C ASP B 84 63.48 -17.59 -12.45
N LEU B 85 63.55 -16.28 -12.22
CA LEU B 85 62.83 -15.64 -11.12
C LEU B 85 61.33 -15.73 -11.31
N HIS B 86 60.85 -15.27 -12.47
CA HIS B 86 59.44 -15.41 -12.84
C HIS B 86 58.86 -16.80 -12.50
N ARG B 87 59.63 -17.87 -12.73
CA ARG B 87 59.19 -19.26 -12.45
C ARG B 87 59.11 -19.57 -10.95
N ALA B 88 59.95 -18.90 -10.18
CA ALA B 88 59.95 -19.08 -8.74
C ALA B 88 58.78 -18.34 -8.12
N ILE B 89 58.57 -17.12 -8.61
CA ILE B 89 57.49 -16.27 -8.15
C ILE B 89 56.12 -16.83 -8.51
N VAL B 90 56.01 -17.49 -9.66
CA VAL B 90 54.77 -18.16 -10.04
C VAL B 90 54.49 -19.34 -9.12
N ALA B 91 55.55 -19.89 -8.55
CA ALA B 91 55.44 -21.09 -7.73
C ALA B 91 55.03 -20.73 -6.31
N LEU B 92 55.72 -19.76 -5.72
CA LEU B 92 55.32 -19.22 -4.43
C LEU B 92 53.87 -18.77 -4.47
N SER B 93 53.47 -18.18 -5.60
CA SER B 93 52.13 -17.62 -5.74
C SER B 93 51.03 -18.70 -5.73
N GLU B 94 51.43 -19.96 -5.86
CA GLU B 94 50.48 -21.06 -5.79
C GLU B 94 50.30 -21.58 -4.35
N LYS B 95 51.03 -21.02 -3.40
CA LYS B 95 50.94 -21.46 -2.01
C LYS B 95 50.11 -20.55 -1.11
N MET B 96 49.66 -19.41 -1.66
CA MET B 96 48.69 -18.54 -1.00
C MET B 96 47.30 -19.06 -1.29
N LYS B 97 46.49 -19.19 -0.25
CA LYS B 97 45.13 -19.67 -0.41
C LYS B 97 44.19 -18.87 0.47
N ALA B 98 42.96 -18.72 -0.02
CA ALA B 98 41.89 -18.12 0.77
C ALA B 98 40.57 -18.90 0.58
N VAL B 99 40.07 -19.50 1.67
CA VAL B 99 38.80 -20.18 1.62
C VAL B 99 37.78 -19.56 2.59
N ASP B 100 36.51 -19.56 2.17
CA ASP B 100 35.41 -19.14 3.02
C ASP B 100 34.88 -20.32 3.85
N ASP B 101 34.81 -20.15 5.17
CA ASP B 101 34.45 -21.25 6.06
C ASP B 101 33.00 -21.76 5.96
N SER B 111 24.84 -19.46 9.87
CA SER B 111 26.21 -19.16 10.29
C SER B 111 26.26 -17.86 11.08
N LEU B 112 26.73 -17.93 12.31
CA LEU B 112 26.70 -16.77 13.20
C LEU B 112 27.28 -15.54 12.53
N TYR B 113 28.61 -15.54 12.32
CA TYR B 113 29.27 -14.43 11.63
C TYR B 113 29.99 -14.95 10.39
N THR B 114 30.46 -14.03 9.53
CA THR B 114 31.18 -14.42 8.33
C THR B 114 32.68 -14.48 8.64
N SER B 115 33.35 -15.52 8.15
CA SER B 115 34.80 -15.64 8.39
C SER B 115 35.54 -16.42 7.31
N TRP B 116 36.73 -15.93 6.96
CA TRP B 116 37.56 -16.55 5.93
C TRP B 116 38.89 -16.99 6.54
N THR B 117 39.40 -18.12 6.07
CA THR B 117 40.69 -18.60 6.51
C THR B 117 41.71 -18.36 5.40
N LEU B 118 42.76 -17.61 5.74
CA LEU B 118 43.84 -17.31 4.81
C LEU B 118 45.09 -18.09 5.22
N SER B 119 45.75 -18.68 4.23
CA SER B 119 46.88 -19.54 4.50
C SER B 119 47.98 -19.38 3.47
N PHE B 120 49.18 -19.73 3.91
CA PHE B 120 50.35 -19.82 3.04
C PHE B 120 51.29 -20.91 3.53
N THR B 121 51.91 -21.62 2.61
CA THR B 121 52.80 -22.70 2.99
C THR B 121 54.23 -22.46 2.49
N ALA B 122 55.20 -22.57 3.39
CA ALA B 122 56.63 -22.45 3.05
C ALA B 122 57.53 -23.52 3.69
N PRO B 123 58.71 -23.72 3.14
CA PRO B 123 59.63 -24.75 3.66
C PRO B 123 59.94 -24.61 5.14
N THR B 124 59.99 -23.40 5.65
CA THR B 124 60.26 -23.17 7.07
C THR B 124 58.96 -22.70 7.65
N SER B 125 58.81 -22.72 8.97
CA SER B 125 57.58 -22.24 9.59
C SER B 125 57.60 -20.73 9.83
N GLU B 126 58.77 -20.17 10.14
CA GLU B 126 58.89 -18.73 10.32
C GLU B 126 58.87 -18.01 8.98
N GLU B 127 59.07 -18.75 7.91
CA GLU B 127 58.90 -18.17 6.59
C GLU B 127 57.42 -18.14 6.28
N ALA B 128 56.76 -19.28 6.49
CA ALA B 128 55.34 -19.40 6.24
C ALA B 128 54.50 -18.29 6.90
N GLN B 129 54.80 -17.94 8.15
CA GLN B 129 54.04 -16.92 8.88
C GLN B 129 54.41 -15.50 8.46
N THR B 130 55.70 -15.24 8.32
CA THR B 130 56.16 -13.93 7.88
C THR B 130 55.64 -13.55 6.47
N VAL B 131 55.66 -14.46 5.52
CA VAL B 131 55.11 -14.13 4.20
C VAL B 131 53.59 -14.02 4.19
N LEU B 132 52.89 -14.77 5.02
CA LEU B 132 51.45 -14.53 5.10
C LEU B 132 51.13 -13.19 5.80
N SER B 133 51.64 -13.02 7.01
CA SER B 133 51.57 -11.75 7.75
C SER B 133 51.81 -10.52 6.86
N GLY B 134 52.87 -10.57 6.05
CA GLY B 134 53.24 -9.44 5.22
C GLY B 134 52.30 -9.21 4.05
N TYR B 135 51.77 -10.28 3.47
CA TYR B 135 50.86 -10.11 2.34
C TYR B 135 49.50 -9.59 2.80
N ILE B 136 49.14 -9.91 4.04
CA ILE B 136 47.94 -9.37 4.65
C ILE B 136 48.07 -7.86 4.85
N ASP B 137 49.22 -7.43 5.38
CA ASP B 137 49.46 -6.02 5.60
C ASP B 137 49.61 -5.26 4.29
N TYR B 138 50.18 -5.90 3.28
CA TYR B 138 50.28 -5.24 1.97
C TYR B 138 48.89 -5.04 1.35
N ILE B 139 48.00 -6.00 1.54
CA ILE B 139 46.64 -5.89 1.02
C ILE B 139 45.81 -4.92 1.86
N SER B 140 45.89 -5.06 3.17
CA SER B 140 45.20 -4.16 4.08
C SER B 140 45.53 -2.67 3.80
N ALA B 141 46.75 -2.43 3.33
CA ALA B 141 47.22 -1.09 3.02
C ALA B 141 46.58 -0.58 1.74
N LEU B 142 46.52 -1.43 0.73
CA LEU B 142 45.86 -1.08 -0.52
C LEU B 142 44.42 -0.69 -0.26
N VAL B 143 43.71 -1.53 0.48
CA VAL B 143 42.30 -1.27 0.72
C VAL B 143 42.08 0.01 1.50
N VAL B 144 42.97 0.32 2.45
CA VAL B 144 42.86 1.57 3.19
C VAL B 144 43.15 2.79 2.31
N LYS B 145 44.10 2.66 1.39
CA LYS B 145 44.37 3.76 0.47
C LYS B 145 43.17 3.97 -0.47
N GLU B 146 42.78 2.95 -1.23
CA GLU B 146 41.59 3.03 -2.07
C GLU B 146 40.36 3.65 -1.38
N SER B 147 40.10 3.24 -0.14
CA SER B 147 38.90 3.64 0.60
C SER B 147 38.94 5.12 0.97
N ILE B 148 40.13 5.58 1.34
CA ILE B 148 40.37 6.98 1.66
C ILE B 148 40.30 7.84 0.41
N GLU B 149 40.70 7.30 -0.73
CA GLU B 149 40.60 8.03 -1.98
C GLU B 149 39.16 8.06 -2.54
N ASN B 150 38.37 7.03 -2.24
CA ASN B 150 36.99 6.99 -2.69
C ASN B 150 36.22 8.14 -2.08
N VAL B 151 36.41 8.33 -0.78
CA VAL B 151 35.72 9.37 -0.02
C VAL B 151 36.14 10.78 -0.47
N ARG B 152 37.43 10.99 -0.71
CA ARG B 152 37.88 12.26 -1.26
C ARG B 152 37.25 12.46 -2.61
N ASN B 153 37.20 11.42 -3.40
CA ASN B 153 36.59 11.50 -4.71
C ASN B 153 35.15 12.02 -4.64
N LYS B 154 34.43 11.59 -3.61
CA LYS B 154 33.05 12.01 -3.41
C LYS B 154 32.96 13.45 -2.94
N LEU B 155 33.99 13.92 -2.22
CA LEU B 155 34.03 15.31 -1.77
C LEU B 155 34.31 16.27 -2.95
N GLU B 156 35.22 15.87 -3.83
CA GLU B 156 35.50 16.62 -5.05
C GLU B 156 34.33 16.59 -6.04
N ILE B 157 33.43 15.66 -5.89
CA ILE B 157 32.26 15.65 -6.76
C ILE B 157 31.18 16.51 -6.14
N LYS B 158 31.08 16.43 -4.82
CA LYS B 158 30.16 17.25 -4.04
C LYS B 158 30.51 18.76 -4.15
N THR B 159 31.73 19.13 -3.78
CA THR B 159 32.16 20.52 -3.90
C THR B 159 32.00 20.99 -5.32
N GLN B 160 32.37 20.15 -6.29
CA GLN B 160 32.19 20.56 -7.67
C GLN B 160 30.73 20.89 -7.92
N PHE B 161 29.86 19.92 -7.71
CA PHE B 161 28.45 20.14 -7.96
C PHE B 161 27.93 21.47 -7.40
N GLU B 162 28.02 21.66 -6.07
CA GLU B 162 27.46 22.83 -5.38
C GLU B 162 27.92 24.19 -5.92
N LYS B 163 29.14 24.26 -6.46
CA LYS B 163 29.66 25.52 -7.00
C LYS B 163 29.05 25.83 -8.33
N GLU B 164 28.92 24.82 -9.18
CA GLU B 164 28.35 25.03 -10.50
C GLU B 164 26.86 25.29 -10.42
N LYS B 165 26.23 24.80 -9.36
CA LYS B 165 24.80 24.95 -9.20
C LYS B 165 24.51 26.34 -8.71
N LEU B 166 25.31 26.85 -7.79
CA LEU B 166 25.06 28.24 -7.39
C LEU B 166 25.40 29.21 -8.52
N ALA B 167 26.56 29.04 -9.11
CA ALA B 167 26.91 29.83 -10.29
C ALA B 167 25.74 29.84 -11.24
N GLN B 168 25.05 28.72 -11.36
CA GLN B 168 23.96 28.60 -12.30
C GLN B 168 22.66 29.18 -11.75
N ASP B 169 22.46 29.11 -10.44
CA ASP B 169 21.26 29.67 -9.82
C ASP B 169 21.41 31.18 -9.67
N ARG B 170 22.65 31.66 -9.65
CA ARG B 170 22.89 33.09 -9.56
C ARG B 170 22.50 33.82 -10.85
N ILE B 171 22.77 33.20 -11.99
CA ILE B 171 22.36 33.71 -13.29
C ILE B 171 20.86 33.49 -13.51
N LYS B 172 20.21 32.71 -12.66
CA LYS B 172 18.77 32.50 -12.81
C LYS B 172 18.04 33.50 -11.92
N MET B 173 18.67 33.84 -10.80
CA MET B 173 18.12 34.87 -9.93
C MET B 173 18.27 36.22 -10.62
N LYS B 174 19.45 36.49 -11.19
CA LYS B 174 19.63 37.71 -11.95
C LYS B 174 18.58 37.82 -13.06
N ASN B 175 18.44 36.78 -13.88
CA ASN B 175 17.43 36.83 -14.92
C ASN B 175 16.01 37.09 -14.44
N GLN B 176 15.65 36.55 -13.28
CA GLN B 176 14.31 36.74 -12.73
C GLN B 176 14.15 38.18 -12.27
N LEU B 177 15.12 38.67 -11.51
CA LEU B 177 15.17 40.07 -11.12
C LEU B 177 15.00 40.98 -12.33
N ASP B 178 15.65 40.63 -13.44
CA ASP B 178 15.48 41.35 -14.68
C ASP B 178 14.06 41.41 -15.22
N ALA B 179 13.33 40.31 -15.17
CA ALA B 179 11.95 40.33 -15.66
C ALA B 179 11.05 41.03 -14.65
N ASN B 180 11.49 41.06 -13.40
CA ASN B 180 10.77 41.71 -12.31
C ASN B 180 10.94 43.21 -12.36
N ILE B 181 12.10 43.64 -12.87
CA ILE B 181 12.28 45.05 -13.12
C ILE B 181 11.39 45.45 -14.30
N GLN B 182 11.50 44.77 -15.43
CA GLN B 182 10.65 45.11 -16.57
C GLN B 182 9.18 45.11 -16.19
N ARG B 183 8.82 44.36 -15.16
CA ARG B 183 7.42 44.30 -14.76
C ARG B 183 7.07 45.53 -13.92
N LEU B 184 7.93 45.86 -12.97
CA LEU B 184 7.80 47.01 -12.12
C LEU B 184 7.82 48.27 -12.99
N ASN B 185 8.61 48.24 -14.04
CA ASN B 185 8.66 49.34 -14.99
C ASN B 185 7.25 49.60 -15.57
N TYR B 186 6.58 48.54 -16.00
CA TYR B 186 5.22 48.65 -16.53
C TYR B 186 4.18 48.86 -15.42
N SER B 187 4.62 48.86 -14.17
CA SER B 187 3.73 49.09 -13.02
C SER B 187 3.67 50.57 -12.75
N LEU B 188 4.85 51.20 -12.71
CA LEU B 188 4.96 52.64 -12.63
C LEU B 188 4.06 53.28 -13.67
N ASP B 189 4.25 52.89 -14.93
CA ASP B 189 3.47 53.49 -16.03
C ASP B 189 1.96 53.31 -15.91
N ILE B 190 1.50 52.22 -15.29
CA ILE B 190 0.06 52.02 -15.10
C ILE B 190 -0.43 52.69 -13.83
N ALA B 191 0.41 52.78 -12.80
CA ALA B 191 0.05 53.54 -11.60
C ALA B 191 -0.21 55.02 -11.94
N ASN B 192 0.65 55.58 -12.78
CA ASN B 192 0.52 56.98 -13.23
C ASN B 192 -0.63 57.20 -14.19
N ALA B 193 -1.04 56.17 -14.93
CA ALA B 193 -2.13 56.32 -15.89
C ALA B 193 -3.47 56.22 -15.20
N ALA B 194 -3.47 55.92 -13.91
CA ALA B 194 -4.72 55.78 -13.18
C ALA B 194 -4.64 56.65 -11.95
N GLY B 195 -3.58 57.45 -11.91
CA GLY B 195 -3.42 58.46 -10.88
C GLY B 195 -3.49 57.92 -9.48
N ILE B 196 -2.81 56.81 -9.22
CA ILE B 196 -2.60 56.35 -7.87
C ILE B 196 -1.15 56.63 -7.53
N LYS B 197 -0.92 57.60 -6.68
CA LYS B 197 0.44 58.04 -6.41
C LYS B 197 0.81 57.76 -4.96
N LYS B 198 -0.19 57.52 -4.13
CA LYS B 198 0.06 57.03 -2.78
C LYS B 198 -0.54 55.63 -2.69
N PRO B 199 -0.13 54.84 -1.67
CA PRO B 199 -0.55 53.46 -1.45
C PRO B 199 -2.06 53.21 -1.61
N VAL B 200 -2.50 51.99 -1.30
CA VAL B 200 -3.92 51.64 -1.37
C VAL B 200 -4.35 50.85 -0.13
N ASP B 206 -4.32 44.10 -8.65
CA ASP B 206 -4.10 43.63 -10.03
C ASP B 206 -3.03 42.54 -10.18
N PRO B 207 -3.37 41.44 -10.88
CA PRO B 207 -2.56 40.20 -10.90
C PRO B 207 -1.22 40.28 -11.64
N ASP B 208 -1.16 41.00 -12.76
CA ASP B 208 0.06 41.10 -13.56
C ASP B 208 0.96 42.23 -13.07
N PHE B 209 0.47 43.46 -13.16
CA PHE B 209 1.24 44.63 -12.75
C PHE B 209 0.63 45.18 -11.47
N SER B 210 1.24 44.88 -10.33
CA SER B 210 0.72 45.33 -9.04
C SER B 210 0.87 46.84 -8.86
N ILE B 211 -0.23 47.54 -8.62
CA ILE B 211 -0.23 48.99 -8.56
C ILE B 211 -0.36 49.50 -7.12
N SER B 212 -0.86 48.63 -6.24
CA SER B 212 -1.09 48.96 -4.83
C SER B 212 -0.13 50.03 -4.30
N LEU B 213 1.13 49.66 -4.10
CA LEU B 213 2.11 50.58 -3.53
C LEU B 213 1.94 52.04 -4.00
N GLY B 214 1.43 52.19 -5.23
CA GLY B 214 1.26 53.51 -5.83
C GLY B 214 2.51 54.15 -6.39
N ALA B 215 2.32 54.94 -7.44
CA ALA B 215 3.39 55.57 -8.20
C ALA B 215 4.58 56.12 -7.39
N ASP B 216 4.37 56.47 -6.12
CA ASP B 216 5.46 57.01 -5.30
C ASP B 216 6.42 55.94 -4.77
N GLY B 217 5.86 54.88 -4.18
CA GLY B 217 6.67 53.77 -3.72
C GLY B 217 7.28 52.99 -4.89
N ILE B 218 6.43 52.53 -5.80
CA ILE B 218 6.87 51.88 -7.03
C ILE B 218 8.03 52.60 -7.71
N GLU B 219 8.25 53.87 -7.36
CA GLU B 219 9.35 54.63 -7.98
C GLU B 219 10.68 54.49 -7.23
N ARG B 220 10.64 54.61 -5.90
CA ARG B 220 11.83 54.42 -5.09
C ARG B 220 12.25 52.94 -5.18
N LYS B 221 11.25 52.08 -5.25
CA LYS B 221 11.42 50.65 -5.37
C LYS B 221 11.98 50.31 -6.75
N LEU B 222 11.36 50.83 -7.80
CA LEU B 222 11.81 50.54 -9.15
C LEU B 222 13.29 50.81 -9.26
N GLU B 223 13.79 51.63 -8.35
CA GLU B 223 15.15 52.12 -8.47
C GLU B 223 16.14 51.54 -7.47
N ILE B 224 15.64 50.95 -6.40
CA ILE B 224 16.50 50.16 -5.52
C ILE B 224 16.84 48.83 -6.20
N GLU B 225 15.86 48.33 -6.96
CA GLU B 225 16.04 47.14 -7.76
C GLU B 225 16.92 47.34 -8.97
N LYS B 226 17.09 48.59 -9.41
CA LYS B 226 17.98 48.84 -10.55
C LYS B 226 19.43 48.97 -10.09
N ALA B 227 19.64 49.13 -8.78
CA ALA B 227 20.98 49.33 -8.23
C ALA B 227 21.58 48.05 -7.62
N VAL B 228 20.82 46.94 -7.57
CA VAL B 228 21.42 45.69 -7.09
C VAL B 228 22.53 45.21 -8.02
N THR B 229 23.64 44.80 -7.42
CA THR B 229 24.81 44.39 -8.18
C THR B 229 25.00 42.89 -8.04
N ASP B 230 24.78 42.36 -6.84
CA ASP B 230 24.68 40.91 -6.68
C ASP B 230 23.38 40.50 -6.01
N VAL B 231 22.66 39.60 -6.67
CA VAL B 231 21.40 39.08 -6.15
C VAL B 231 21.51 38.50 -4.73
N ALA B 232 22.73 38.24 -4.28
CA ALA B 232 22.96 37.65 -2.97
C ALA B 232 22.67 38.60 -1.80
N GLU B 233 22.55 39.88 -2.09
CA GLU B 233 22.33 40.90 -1.05
C GLU B 233 20.98 40.72 -0.35
N LEU B 234 19.95 40.46 -1.15
CA LEU B 234 18.60 40.29 -0.63
C LEU B 234 18.15 38.85 -0.71
N ASN B 235 18.92 37.94 -0.12
CA ASN B 235 18.65 36.51 -0.25
C ASN B 235 19.49 35.63 0.67
N GLY B 236 18.94 35.27 1.84
CA GLY B 236 19.64 34.44 2.80
C GLY B 236 20.08 33.13 2.16
N GLU B 237 19.18 32.52 1.40
CA GLU B 237 19.48 31.27 0.70
C GLU B 237 20.82 31.31 -0.06
N LEU B 238 20.93 32.11 -1.10
CA LEU B 238 22.16 32.27 -1.87
C LEU B 238 23.37 32.60 -1.03
N ARG B 239 23.20 33.28 0.09
CA ARG B 239 24.37 33.60 0.91
C ARG B 239 24.78 32.36 1.66
N ASN B 240 23.80 31.70 2.25
CA ASN B 240 24.05 30.41 2.88
C ASN B 240 24.64 29.36 1.92
N ARG B 241 24.18 29.36 0.67
CA ARG B 241 24.69 28.41 -0.32
C ARG B 241 26.17 28.64 -0.59
N GLN B 242 26.61 29.91 -0.57
CA GLN B 242 28.04 30.19 -0.67
C GLN B 242 28.80 29.72 0.57
N TYR B 243 28.14 29.75 1.73
CA TYR B 243 28.76 29.26 2.95
C TYR B 243 29.10 27.77 2.84
N LEU B 244 28.15 26.99 2.32
CA LEU B 244 28.33 25.57 2.06
C LEU B 244 29.50 25.36 1.10
N VAL B 245 29.35 25.89 -0.11
CA VAL B 245 30.38 25.81 -1.12
C VAL B 245 31.74 26.28 -0.58
N GLU B 246 31.71 26.98 0.55
CA GLU B 246 32.97 27.38 1.18
C GLU B 246 33.57 26.26 2.05
N GLN B 247 32.83 25.85 3.07
CA GLN B 247 33.25 24.73 3.93
C GLN B 247 33.65 23.49 3.15
N LEU B 248 32.88 23.16 2.11
CA LEU B 248 33.17 22.05 1.21
C LEU B 248 34.53 22.21 0.54
N THR B 249 34.89 23.45 0.23
CA THR B 249 36.19 23.70 -0.39
C THR B 249 37.34 23.70 0.63
N LYS B 250 37.06 23.98 1.89
CA LYS B 250 38.14 24.08 2.85
C LYS B 250 38.26 22.80 3.66
N ALA B 251 37.30 21.89 3.46
CA ALA B 251 37.29 20.59 4.14
C ALA B 251 38.30 19.59 3.56
N ASN B 252 38.91 18.82 4.46
CA ASN B 252 39.95 17.84 4.14
C ASN B 252 39.58 16.46 4.64
N ILE B 253 39.83 15.42 3.84
CA ILE B 253 39.81 14.05 4.36
C ILE B 253 41.24 13.66 4.67
N ASN B 254 41.52 13.44 5.94
CA ASN B 254 42.88 13.14 6.36
C ASN B 254 43.13 11.64 6.44
N ASP B 255 44.29 11.20 5.98
CA ASP B 255 44.67 9.80 6.01
C ASP B 255 44.26 9.15 7.32
N VAL B 256 43.17 8.38 7.27
CA VAL B 256 42.71 7.60 8.43
C VAL B 256 43.35 6.23 8.32
N ASN B 257 43.60 5.60 9.46
CA ASN B 257 44.25 4.29 9.47
C ASN B 257 43.38 3.20 10.09
N PHE B 258 42.66 2.47 9.24
CA PHE B 258 41.79 1.40 9.73
C PHE B 258 42.21 -0.03 9.26
N THR B 259 41.40 -1.03 9.61
CA THR B 259 41.69 -2.41 9.25
C THR B 259 40.43 -3.10 8.71
N PRO B 260 40.40 -3.35 7.40
CA PRO B 260 39.19 -3.83 6.69
C PRO B 260 38.65 -5.14 7.21
N PHE B 261 39.26 -5.66 8.28
CA PHE B 261 38.89 -6.94 8.89
C PHE B 261 39.21 -6.96 10.39
N LYS B 262 38.87 -8.09 11.02
CA LYS B 262 39.08 -8.35 12.43
C LYS B 262 39.66 -9.77 12.57
N TYR B 263 40.72 -9.91 13.36
CA TYR B 263 41.34 -11.22 13.60
C TYR B 263 40.60 -12.13 14.59
N GLN B 264 40.23 -13.33 14.13
CA GLN B 264 39.93 -14.41 15.06
C GLN B 264 41.28 -15.05 15.38
N LEU B 265 42.03 -15.36 14.32
CA LEU B 265 43.36 -15.95 14.44
C LEU B 265 44.39 -15.09 13.71
N SER B 266 45.26 -14.40 14.45
CA SER B 266 46.37 -13.72 13.78
C SER B 266 47.24 -14.79 13.12
N PRO B 267 47.95 -14.43 12.03
CA PRO B 267 48.71 -15.44 11.30
C PRO B 267 49.58 -16.24 12.25
N SER B 268 49.41 -17.56 12.18
CA SER B 268 49.96 -18.48 13.17
C SER B 268 51.45 -18.69 12.98
N LEU B 269 52.07 -19.25 14.01
CA LEU B 269 53.42 -19.82 13.92
C LEU B 269 53.24 -21.31 13.95
N PRO B 270 53.22 -21.93 12.77
CA PRO B 270 52.86 -23.36 12.57
C PRO B 270 53.95 -24.28 13.08
N TRP C 9 38.00 -33.99 34.67
CA TRP C 9 38.47 -34.33 33.33
C TRP C 9 37.82 -33.48 32.21
N THR C 10 36.50 -33.35 32.21
CA THR C 10 35.82 -32.42 31.29
C THR C 10 34.78 -31.56 32.00
N SER C 11 35.06 -30.25 32.07
CA SER C 11 34.14 -29.28 32.67
C SER C 11 33.24 -28.67 31.60
N ALA C 12 31.95 -28.59 31.88
CA ALA C 12 31.03 -27.98 30.95
C ALA C 12 30.32 -26.80 31.59
N ALA C 13 29.91 -25.84 30.77
CA ALA C 13 28.97 -24.82 31.21
C ALA C 13 27.98 -24.61 30.08
N VAL C 14 26.73 -24.37 30.42
CA VAL C 14 25.72 -24.15 29.41
C VAL C 14 25.30 -22.69 29.46
N VAL C 15 25.18 -22.08 28.30
CA VAL C 15 25.18 -20.64 28.25
C VAL C 15 24.07 -20.13 27.36
N THR C 16 23.57 -18.95 27.68
CA THR C 16 22.33 -18.47 27.07
C THR C 16 22.29 -16.95 27.03
N PRO C 17 21.61 -16.37 26.02
CA PRO C 17 21.43 -14.91 25.94
C PRO C 17 20.88 -14.39 27.26
N PRO C 18 21.39 -13.25 27.75
CA PRO C 18 21.08 -12.74 29.09
C PRO C 18 19.62 -12.35 29.20
N GLU C 19 19.07 -12.32 30.40
CA GLU C 19 17.65 -12.00 30.60
C GLU C 19 17.48 -10.53 30.99
N PRO C 20 16.31 -9.94 30.68
CA PRO C 20 16.04 -8.52 30.95
C PRO C 20 16.47 -8.09 32.35
N VAL C 21 16.17 -8.88 33.36
CA VAL C 21 16.49 -8.48 34.73
C VAL C 21 17.97 -8.15 34.98
N GLN C 22 18.86 -8.50 34.06
CA GLN C 22 20.28 -8.27 34.24
C GLN C 22 20.74 -6.94 33.69
N TRP C 23 19.87 -6.37 32.86
CA TRP C 23 20.21 -5.20 32.08
C TRP C 23 19.96 -3.92 32.86
N GLN C 24 19.25 -4.03 33.98
CA GLN C 24 18.74 -2.87 34.73
C GLN C 24 19.71 -1.72 34.93
N GLU C 25 20.98 -2.05 35.18
CA GLU C 25 22.05 -1.06 35.34
C GLU C 25 22.31 -0.36 34.02
N LEU C 26 22.19 -1.11 32.93
CA LEU C 26 22.40 -0.60 31.58
C LEU C 26 21.21 0.18 31.07
N GLU C 27 20.04 -0.07 31.65
CA GLU C 27 18.83 0.64 31.24
C GLU C 27 18.67 1.96 32.00
N LYS C 28 19.43 2.11 33.09
CA LYS C 28 19.43 3.34 33.87
C LYS C 28 20.43 4.34 33.30
N THR C 29 21.11 3.89 32.26
CA THR C 29 22.11 4.71 31.61
C THR C 29 21.55 5.16 30.28
N PHE C 30 20.96 4.23 29.52
CA PHE C 30 20.34 4.55 28.25
C PHE C 30 19.21 5.60 28.32
N THR C 31 18.70 5.86 29.52
CA THR C 31 17.58 6.78 29.69
C THR C 31 18.06 8.21 29.81
N LYS C 32 19.05 8.44 30.66
CA LYS C 32 19.60 9.79 30.78
C LYS C 32 20.04 10.27 29.41
N LEU C 33 20.11 9.34 28.45
CA LEU C 33 20.46 9.64 27.08
C LEU C 33 19.23 9.67 26.18
N ARG C 34 18.17 9.01 26.59
CA ARG C 34 16.94 9.02 25.81
C ARG C 34 16.15 10.33 26.04
N VAL C 35 16.29 10.89 27.24
CA VAL C 35 15.77 12.22 27.50
C VAL C 35 16.38 13.17 26.49
N LEU C 36 17.69 13.05 26.28
CA LEU C 36 18.43 13.89 25.32
C LEU C 36 18.24 13.42 23.88
N ASP C 37 17.13 12.73 23.64
CA ASP C 37 16.72 12.25 22.31
C ASP C 37 17.68 11.31 21.57
N LEU C 38 18.64 10.73 22.30
CA LEU C 38 19.57 9.75 21.71
C LEU C 38 19.16 8.33 22.09
N ASP C 39 18.72 7.57 21.10
CA ASP C 39 18.30 6.19 21.34
C ASP C 39 19.42 5.18 21.09
N ILE C 40 20.08 4.77 22.17
CA ILE C 40 21.11 3.74 22.09
C ILE C 40 20.73 2.54 22.93
N LYS C 41 21.08 1.36 22.44
CA LYS C 41 20.80 0.12 23.13
C LYS C 41 22.05 -0.75 23.02
N ILE C 42 22.20 -1.70 23.94
CA ILE C 42 23.08 -2.83 23.75
C ILE C 42 22.13 -4.00 23.64
N ASP C 43 21.86 -4.47 22.43
CA ASP C 43 20.93 -5.58 22.25
C ASP C 43 21.45 -6.80 23.02
N ARG C 44 20.62 -7.37 23.89
CA ARG C 44 21.07 -8.50 24.71
C ARG C 44 21.53 -9.69 23.87
N THR C 45 20.86 -9.96 22.75
CA THR C 45 21.24 -11.07 21.89
C THR C 45 22.57 -10.78 21.19
N GLU C 46 22.65 -9.58 20.65
CA GLU C 46 23.83 -9.08 19.97
C GLU C 46 25.06 -9.08 20.89
N ALA C 47 24.84 -9.04 22.21
CA ALA C 47 25.93 -9.00 23.19
C ALA C 47 26.37 -10.40 23.53
N PHE C 48 25.44 -11.33 23.33
CA PHE C 48 25.69 -12.74 23.51
C PHE C 48 26.45 -13.25 22.31
N ASN C 49 25.94 -12.96 21.12
CA ASN C 49 26.59 -13.37 19.89
C ASN C 49 28.02 -12.86 19.80
N LEU C 50 28.31 -11.78 20.53
CA LEU C 50 29.67 -11.24 20.58
C LEU C 50 30.47 -11.98 21.63
N PHE C 51 29.82 -12.42 22.70
CA PHE C 51 30.47 -13.30 23.66
C PHE C 51 30.91 -14.59 23.00
N ILE C 52 30.04 -15.18 22.20
CA ILE C 52 30.33 -16.46 21.56
C ILE C 52 31.39 -16.34 20.47
N LYS C 53 31.38 -15.22 19.75
CA LYS C 53 32.39 -14.95 18.74
C LYS C 53 33.77 -14.73 19.38
N LYS C 54 33.84 -13.88 20.39
CA LYS C 54 35.11 -13.70 21.07
C LYS C 54 35.67 -14.98 21.72
N PHE C 55 34.77 -15.86 22.16
CA PHE C 55 35.15 -17.10 22.83
C PHE C 55 35.69 -18.11 21.84
N GLN C 56 35.15 -18.13 20.63
CA GLN C 56 35.66 -18.96 19.55
C GLN C 56 37.00 -18.45 18.96
N SER C 57 37.55 -17.39 19.55
CA SER C 57 38.80 -16.82 19.02
C SER C 57 40.04 -17.54 19.52
N VAL C 58 40.73 -18.27 18.63
CA VAL C 58 41.93 -19.00 19.06
C VAL C 58 43.01 -18.05 19.59
N SER C 59 43.22 -16.94 18.87
CA SER C 59 44.19 -15.94 19.28
C SER C 59 43.84 -15.38 20.67
N LEU C 60 42.56 -15.13 20.92
CA LEU C 60 42.13 -14.69 22.24
C LEU C 60 42.38 -15.74 23.31
N LEU C 61 42.11 -16.99 22.96
CA LEU C 61 42.34 -18.13 23.84
C LEU C 61 43.81 -18.23 24.25
N GLU C 62 44.69 -18.33 23.23
CA GLU C 62 46.13 -18.38 23.45
C GLU C 62 46.51 -17.24 24.39
N GLU C 63 46.04 -16.03 24.09
CA GLU C 63 46.39 -14.87 24.90
C GLU C 63 46.01 -15.08 26.36
N TYR C 64 44.75 -15.46 26.60
CA TYR C 64 44.31 -15.77 27.97
C TYR C 64 45.22 -16.80 28.64
N LEU C 65 45.54 -17.90 27.94
CA LEU C 65 46.40 -18.91 28.55
C LEU C 65 47.75 -18.29 28.94
N ARG C 66 48.46 -17.72 27.98
CA ARG C 66 49.72 -17.04 28.28
C ARG C 66 49.55 -16.04 29.40
N SER C 67 48.34 -15.54 29.57
CA SER C 67 48.11 -14.53 30.59
C SER C 67 48.12 -15.17 31.99
N SER C 68 47.47 -16.33 32.10
CA SER C 68 47.17 -16.95 33.40
C SER C 68 48.32 -17.63 34.14
N PRO C 69 48.59 -17.16 35.38
CA PRO C 69 49.58 -17.76 36.28
C PRO C 69 49.30 -19.25 36.53
N TYR C 70 48.05 -19.60 36.76
CA TYR C 70 47.61 -20.98 37.02
C TYR C 70 47.96 -21.93 35.87
N VAL C 71 47.65 -21.51 34.65
CA VAL C 71 47.95 -22.33 33.49
C VAL C 71 49.46 -22.29 33.20
N MET C 72 50.17 -21.31 33.75
CA MET C 72 51.58 -21.19 33.42
C MET C 72 52.54 -21.44 34.57
N ASP C 73 52.03 -22.07 35.62
CA ASP C 73 52.91 -22.74 36.58
C ASP C 73 53.31 -24.06 35.93
N GLN C 74 52.31 -24.77 35.40
CA GLN C 74 52.49 -26.09 34.83
C GLN C 74 53.28 -26.08 33.51
N LEU C 75 53.99 -24.99 33.21
CA LEU C 75 54.79 -24.96 32.00
C LEU C 75 56.31 -24.77 32.22
N LYS C 76 56.74 -24.74 33.48
CA LYS C 76 58.16 -24.93 33.83
C LYS C 76 58.55 -26.41 33.74
N GLU C 77 57.70 -27.21 33.11
CA GLU C 77 57.98 -28.61 32.84
C GLU C 77 58.29 -28.78 31.36
N ALA C 78 58.26 -27.67 30.62
CA ALA C 78 58.40 -27.69 29.17
C ALA C 78 59.79 -27.24 28.71
N LYS C 79 60.21 -27.75 27.54
CA LYS C 79 61.59 -27.62 27.02
C LYS C 79 62.08 -28.95 26.41
N GLU C 82 63.18 -22.58 25.64
CA GLU C 82 62.78 -23.94 25.44
C GLU C 82 61.49 -23.97 24.63
N LEU C 83 61.28 -23.01 23.72
CA LEU C 83 59.95 -22.71 23.08
C LEU C 83 58.76 -23.61 23.41
N ASP C 84 58.97 -24.93 23.46
CA ASP C 84 57.90 -25.93 23.57
C ASP C 84 56.61 -25.44 24.22
N LEU C 85 56.74 -24.56 25.21
CA LEU C 85 55.65 -23.70 25.62
C LEU C 85 54.62 -23.48 24.51
N HIS C 86 55.05 -22.96 23.37
CA HIS C 86 54.13 -22.72 22.28
C HIS C 86 53.45 -23.98 21.72
N ARG C 87 54.06 -25.14 21.86
CA ARG C 87 53.38 -26.36 21.40
C ARG C 87 52.40 -26.91 22.42
N ALA C 88 52.65 -26.65 23.70
CA ALA C 88 51.66 -26.94 24.73
C ALA C 88 50.44 -26.05 24.59
N ILE C 89 50.67 -24.75 24.37
CA ILE C 89 49.59 -23.77 24.27
C ILE C 89 48.67 -24.10 23.10
N VAL C 90 49.26 -24.36 21.94
CA VAL C 90 48.47 -24.84 20.82
C VAL C 90 47.78 -26.15 21.20
N ALA C 91 48.36 -26.85 22.16
CA ALA C 91 47.75 -28.10 22.59
C ALA C 91 46.50 -27.83 23.41
N LEU C 92 46.67 -27.11 24.52
CA LEU C 92 45.54 -26.81 25.40
C LEU C 92 44.33 -26.19 24.68
N SER C 93 44.59 -25.25 23.77
CA SER C 93 43.52 -24.61 23.00
C SER C 93 42.72 -25.58 22.12
N GLU C 94 43.28 -26.73 21.78
CA GLU C 94 42.50 -27.68 21.00
C GLU C 94 41.50 -28.38 21.94
N LYS C 95 41.59 -28.08 23.23
CA LYS C 95 40.75 -28.73 24.21
C LYS C 95 39.60 -27.86 24.74
N MET C 96 39.57 -26.60 24.30
CA MET C 96 38.49 -25.64 24.60
C MET C 96 37.47 -25.69 23.50
N LYS C 97 36.19 -25.88 23.85
CA LYS C 97 35.18 -26.12 22.82
C LYS C 97 33.88 -25.35 23.08
N ALA C 98 33.29 -24.83 22.01
CA ALA C 98 31.98 -24.19 22.10
C ALA C 98 31.01 -24.83 21.12
N VAL C 99 29.87 -25.30 21.62
CA VAL C 99 28.89 -25.85 20.71
C VAL C 99 27.48 -25.23 20.85
N ASP C 100 26.84 -25.03 19.70
CA ASP C 100 25.45 -24.59 19.66
C ASP C 100 24.46 -25.77 19.61
N ASP C 101 23.40 -25.72 20.41
CA ASP C 101 22.54 -26.89 20.59
C ASP C 101 21.36 -26.98 19.62
N SER C 111 12.81 -23.47 17.90
CA SER C 111 13.33 -23.86 19.22
C SER C 111 13.14 -22.78 20.29
N LEU C 112 12.99 -23.20 21.55
CA LEU C 112 12.40 -22.34 22.57
C LEU C 112 13.32 -21.24 23.13
N TYR C 113 14.56 -21.58 23.41
CA TYR C 113 15.55 -20.53 23.69
C TYR C 113 16.88 -20.92 23.05
N THR C 114 17.78 -19.95 22.94
CA THR C 114 19.09 -20.19 22.35
C THR C 114 20.07 -20.60 23.44
N SER C 115 20.85 -21.64 23.16
CA SER C 115 21.77 -22.13 24.16
C SER C 115 23.03 -22.72 23.54
N TRP C 116 24.18 -22.38 24.12
CA TRP C 116 25.45 -22.94 23.68
C TRP C 116 26.10 -23.68 24.84
N THR C 117 26.76 -24.80 24.55
CA THR C 117 27.50 -25.53 25.57
C THR C 117 28.99 -25.26 25.44
N LEU C 118 29.61 -24.87 26.54
CA LEU C 118 31.03 -24.52 26.53
C LEU C 118 31.81 -25.47 27.42
N SER C 119 32.87 -26.04 26.88
CA SER C 119 33.59 -27.10 27.56
C SER C 119 35.10 -26.94 27.47
N PHE C 120 35.77 -27.36 28.54
CA PHE C 120 37.21 -27.50 28.55
C PHE C 120 37.60 -28.80 29.24
N THR C 121 38.50 -29.54 28.59
CA THR C 121 38.93 -30.83 29.11
C THR C 121 40.40 -30.82 29.56
N ALA C 122 40.67 -31.32 30.75
CA ALA C 122 42.01 -31.29 31.34
C ALA C 122 42.27 -32.46 32.32
N PRO C 123 43.54 -32.88 32.48
CA PRO C 123 44.02 -33.90 33.40
C PRO C 123 43.18 -34.14 34.66
N THR C 124 43.05 -33.15 35.53
CA THR C 124 42.22 -33.26 36.74
C THR C 124 40.87 -32.53 36.59
N SER C 125 39.86 -32.94 37.35
CA SER C 125 38.55 -32.31 37.22
C SER C 125 38.63 -30.89 37.72
N GLU C 126 39.42 -30.69 38.77
CA GLU C 126 39.62 -29.36 39.34
C GLU C 126 40.48 -28.42 38.46
N GLU C 127 41.16 -28.96 37.46
CA GLU C 127 41.81 -28.11 36.47
C GLU C 127 40.75 -27.65 35.49
N ALA C 128 40.06 -28.62 34.87
CA ALA C 128 39.02 -28.33 33.89
C ALA C 128 38.03 -27.28 34.35
N GLN C 129 37.71 -27.27 35.64
CA GLN C 129 36.86 -26.20 36.15
C GLN C 129 37.60 -24.89 36.09
N THR C 130 38.61 -24.71 36.93
CA THR C 130 39.20 -23.38 37.00
C THR C 130 39.59 -22.74 35.64
N VAL C 131 40.12 -23.52 34.70
CA VAL C 131 40.52 -22.97 33.40
C VAL C 131 39.34 -22.50 32.56
N LEU C 132 38.23 -23.20 32.64
CA LEU C 132 37.02 -22.78 31.92
C LEU C 132 36.37 -21.59 32.59
N SER C 133 36.23 -21.64 33.91
CA SER C 133 35.70 -20.47 34.61
C SER C 133 36.60 -19.23 34.42
N GLY C 134 37.91 -19.39 34.51
CA GLY C 134 38.80 -18.27 34.30
C GLY C 134 38.73 -17.68 32.90
N TYR C 135 38.46 -18.52 31.91
CA TYR C 135 38.42 -18.08 30.52
C TYR C 135 37.09 -17.44 30.15
N ILE C 136 36.02 -17.87 30.80
CA ILE C 136 34.70 -17.32 30.53
C ILE C 136 34.67 -15.89 31.09
N ASP C 137 35.30 -15.72 32.24
CA ASP C 137 35.50 -14.40 32.83
C ASP C 137 36.35 -13.50 31.96
N TYR C 138 37.42 -14.04 31.41
CA TYR C 138 38.30 -13.27 30.57
C TYR C 138 37.55 -12.72 29.35
N ILE C 139 36.76 -13.54 28.67
CA ILE C 139 36.08 -13.09 27.46
C ILE C 139 34.92 -12.16 27.81
N SER C 140 34.22 -12.48 28.89
CA SER C 140 33.17 -11.61 29.41
C SER C 140 33.67 -10.18 29.60
N ALA C 141 34.78 -10.04 30.31
CA ALA C 141 35.37 -8.73 30.57
C ALA C 141 35.65 -7.96 29.28
N LEU C 142 36.04 -8.67 28.24
CA LEU C 142 36.32 -8.04 26.95
C LEU C 142 35.04 -7.58 26.25
N VAL C 143 33.96 -8.35 26.36
CA VAL C 143 32.67 -7.95 25.78
C VAL C 143 32.15 -6.67 26.45
N VAL C 144 32.05 -6.69 27.78
CA VAL C 144 31.72 -5.50 28.55
C VAL C 144 32.58 -4.30 28.16
N LYS C 145 33.89 -4.44 28.18
CA LYS C 145 34.76 -3.33 27.77
C LYS C 145 34.36 -2.83 26.39
N GLU C 146 34.44 -3.69 25.38
CA GLU C 146 34.14 -3.27 24.01
C GLU C 146 32.73 -2.67 23.90
N SER C 147 31.77 -3.26 24.60
CA SER C 147 30.37 -2.83 24.54
C SER C 147 30.10 -1.44 25.15
N ILE C 148 30.73 -1.15 26.30
CA ILE C 148 30.66 0.19 26.92
C ILE C 148 31.38 1.27 26.09
N GLU C 149 32.52 0.92 25.49
CA GLU C 149 33.21 1.81 24.57
C GLU C 149 32.32 2.13 23.37
N ASN C 150 31.55 1.15 22.92
CA ASN C 150 30.65 1.32 21.80
C ASN C 150 29.63 2.42 22.02
N VAL C 151 29.06 2.43 23.21
CA VAL C 151 28.04 3.37 23.60
C VAL C 151 28.67 4.75 23.66
N ARG C 152 29.80 4.82 24.36
CA ARG C 152 30.58 6.05 24.45
C ARG C 152 30.84 6.63 23.07
N ASN C 153 31.13 5.76 22.10
CA ASN C 153 31.37 6.22 20.73
C ASN C 153 30.10 6.80 20.08
N LYS C 154 28.95 6.22 20.38
CA LYS C 154 27.72 6.78 19.83
C LYS C 154 27.43 8.15 20.44
N LEU C 155 27.75 8.31 21.72
CA LEU C 155 27.59 9.58 22.42
C LEU C 155 28.52 10.67 21.88
N GLU C 156 29.78 10.33 21.69
CA GLU C 156 30.73 11.27 21.12
C GLU C 156 30.28 11.74 19.74
N ILE C 157 29.93 10.79 18.87
CA ILE C 157 29.49 11.13 17.51
C ILE C 157 28.22 11.98 17.55
N LYS C 158 27.40 11.73 18.56
CA LYS C 158 26.16 12.48 18.72
C LYS C 158 26.49 13.90 19.18
N THR C 159 27.22 14.01 20.28
CA THR C 159 27.65 15.31 20.76
C THR C 159 28.29 16.10 19.62
N GLN C 160 29.31 15.53 18.96
CA GLN C 160 29.99 16.25 17.90
C GLN C 160 29.03 16.72 16.82
N PHE C 161 28.21 15.84 16.29
CA PHE C 161 27.30 16.20 15.22
C PHE C 161 26.37 17.37 15.61
N GLU C 162 25.77 17.27 16.79
CA GLU C 162 24.90 18.33 17.31
C GLU C 162 25.62 19.67 17.49
N LYS C 163 26.90 19.61 17.83
CA LYS C 163 27.69 20.79 18.10
C LYS C 163 28.07 21.47 16.77
N GLU C 164 28.43 20.65 15.80
CA GLU C 164 28.83 21.22 14.52
C GLU C 164 27.62 21.68 13.73
N LYS C 165 26.46 21.12 14.02
CA LYS C 165 25.27 21.51 13.28
C LYS C 165 24.77 22.85 13.78
N LEU C 166 24.93 23.10 15.08
CA LEU C 166 24.56 24.38 15.68
C LEU C 166 25.49 25.48 15.15
N ALA C 167 26.79 25.29 15.34
CA ALA C 167 27.78 26.23 14.85
C ALA C 167 27.49 26.65 13.42
N GLN C 168 26.97 25.73 12.61
CA GLN C 168 26.65 26.04 11.22
C GLN C 168 25.26 26.72 11.05
N ASP C 169 24.36 26.50 11.99
CA ASP C 169 23.07 27.15 11.88
C ASP C 169 23.11 28.56 12.49
N ARG C 170 23.76 28.70 13.64
CA ARG C 170 24.05 30.03 14.16
C ARG C 170 24.57 30.94 13.04
N ILE C 171 25.36 30.39 12.13
CA ILE C 171 25.90 31.19 11.03
C ILE C 171 24.87 31.42 9.93
N LYS C 172 24.09 30.40 9.61
CA LYS C 172 23.08 30.58 8.58
C LYS C 172 22.05 31.65 9.00
N MET C 173 21.86 31.79 10.31
CA MET C 173 20.94 32.79 10.87
C MET C 173 21.49 34.16 10.58
N LYS C 174 22.73 34.39 11.02
CA LYS C 174 23.43 35.65 10.77
C LYS C 174 23.27 36.09 9.32
N ASN C 175 23.34 35.15 8.38
CA ASN C 175 23.13 35.49 6.96
C ASN C 175 21.71 35.94 6.63
N GLN C 176 20.72 35.25 7.20
CA GLN C 176 19.33 35.67 7.04
C GLN C 176 19.04 37.00 7.72
N LEU C 177 19.63 37.22 8.89
CA LEU C 177 19.54 38.49 9.58
C LEU C 177 20.19 39.62 8.75
N ASP C 178 21.35 39.35 8.16
CA ASP C 178 21.96 40.33 7.25
C ASP C 178 21.13 40.57 6.00
N ALA C 179 20.81 39.52 5.26
CA ALA C 179 19.90 39.68 4.11
C ALA C 179 18.67 40.49 4.50
N ASN C 180 18.20 40.33 5.73
CA ASN C 180 16.99 41.02 6.19
C ASN C 180 17.22 42.50 6.50
N ILE C 181 18.29 42.80 7.23
CA ILE C 181 18.69 44.18 7.41
C ILE C 181 18.75 44.96 6.09
N GLN C 182 19.40 44.42 5.06
CA GLN C 182 19.39 45.09 3.75
C GLN C 182 17.96 45.25 3.23
N ARG C 183 17.10 44.31 3.55
CA ARG C 183 15.73 44.38 3.07
C ARG C 183 14.98 45.44 3.87
N LEU C 184 15.23 45.46 5.18
CA LEU C 184 14.57 46.41 6.08
C LEU C 184 15.02 47.82 5.73
N ASN C 185 16.32 47.93 5.44
CA ASN C 185 16.94 49.16 5.00
C ASN C 185 16.33 49.76 3.72
N TYR C 186 15.96 48.92 2.75
CA TYR C 186 15.31 49.42 1.55
C TYR C 186 13.82 49.61 1.75
N SER C 187 13.30 49.19 2.90
CA SER C 187 11.90 49.45 3.22
C SER C 187 11.79 50.83 3.85
N LEU C 188 12.78 51.16 4.67
CA LEU C 188 12.92 52.50 5.22
C LEU C 188 12.85 53.54 4.12
N ASP C 189 13.53 53.28 2.99
CA ASP C 189 13.49 54.22 1.87
C ASP C 189 12.17 54.23 1.07
N ILE C 190 11.56 53.06 0.87
CA ILE C 190 10.28 53.03 0.16
C ILE C 190 9.16 53.56 1.03
N ALA C 191 9.24 53.28 2.33
CA ALA C 191 8.32 53.91 3.27
C ALA C 191 8.33 55.44 3.07
N ASN C 192 9.47 56.06 3.37
CA ASN C 192 9.71 57.48 3.14
C ASN C 192 9.15 58.02 1.82
N ALA C 193 9.66 57.59 0.68
CA ALA C 193 9.20 58.13 -0.60
C ALA C 193 7.69 57.97 -0.88
N ALA C 194 6.96 57.17 -0.10
CA ALA C 194 5.50 57.07 -0.28
C ALA C 194 4.71 57.92 0.72
N GLY C 195 5.43 58.64 1.58
CA GLY C 195 4.81 59.49 2.59
C GLY C 195 4.47 58.77 3.88
N ILE C 196 4.31 57.45 3.81
CA ILE C 196 3.84 56.68 4.97
C ILE C 196 4.78 56.73 6.17
N LYS C 197 4.54 57.71 7.03
CA LYS C 197 5.37 57.90 8.21
C LYS C 197 4.84 57.04 9.38
N LYS C 198 3.53 57.06 9.61
CA LYS C 198 2.97 56.28 10.71
C LYS C 198 2.35 54.95 10.28
N PRO C 199 2.22 54.00 11.23
CA PRO C 199 1.53 52.71 11.05
C PRO C 199 0.26 52.83 10.23
N VAL C 200 0.09 51.93 9.28
CA VAL C 200 -1.06 51.97 8.38
C VAL C 200 -2.20 51.12 8.92
N ASP C 206 2.88 45.06 1.16
CA ASP C 206 3.94 44.86 0.17
C ASP C 206 4.64 43.50 0.32
N PRO C 207 4.90 42.80 -0.81
CA PRO C 207 5.45 41.43 -0.83
C PRO C 207 6.95 41.38 -0.63
N ASP C 208 7.68 42.31 -1.24
CA ASP C 208 9.15 42.29 -1.24
C ASP C 208 9.76 43.22 -0.19
N PHE C 209 9.15 44.38 0.01
CA PHE C 209 9.60 45.33 1.02
C PHE C 209 8.41 45.90 1.79
N SER C 210 7.90 45.20 2.80
CA SER C 210 6.70 45.68 3.51
C SER C 210 6.95 46.99 4.26
N ILE C 211 6.04 47.95 4.09
CA ILE C 211 6.15 49.30 4.68
C ILE C 211 5.06 49.55 5.74
N SER C 212 4.10 48.62 5.82
CA SER C 212 3.07 48.64 6.85
C SER C 212 3.41 49.45 8.08
N LEU C 213 4.46 49.04 8.78
CA LEU C 213 4.82 49.64 10.06
C LEU C 213 5.13 51.15 9.97
N GLY C 214 5.33 51.66 8.77
CA GLY C 214 5.63 53.08 8.60
C GLY C 214 7.00 53.50 9.12
N ALA C 215 7.55 54.51 8.45
CA ALA C 215 8.93 54.96 8.65
C ALA C 215 9.43 55.14 10.09
N ASP C 216 8.62 55.67 10.99
CA ASP C 216 9.10 55.92 12.35
C ASP C 216 9.36 54.61 13.08
N GLY C 217 8.47 53.64 12.86
CA GLY C 217 8.68 52.30 13.35
C GLY C 217 9.89 51.66 12.68
N ILE C 218 9.78 51.47 11.37
CA ILE C 218 10.79 50.76 10.60
C ILE C 218 12.21 51.23 10.88
N GLU C 219 12.35 52.46 11.37
CA GLU C 219 13.68 53.01 11.61
C GLU C 219 14.28 52.54 12.93
N ARG C 220 13.47 52.47 13.99
CA ARG C 220 13.98 52.04 15.29
C ARG C 220 14.27 50.54 15.16
N LYS C 221 13.37 49.83 14.48
CA LYS C 221 13.52 48.42 14.19
C LYS C 221 14.80 48.13 13.41
N LEU C 222 15.08 48.91 12.38
CA LEU C 222 16.30 48.72 11.60
C LEU C 222 17.55 48.88 12.47
N GLU C 223 17.45 49.60 13.57
CA GLU C 223 18.62 49.79 14.41
C GLU C 223 18.66 48.84 15.62
N ILE C 224 17.55 48.14 15.84
CA ILE C 224 17.53 47.02 16.76
C ILE C 224 18.23 45.80 16.14
N GLU C 225 17.92 45.52 14.88
CA GLU C 225 18.46 44.37 14.18
C GLU C 225 19.88 44.59 13.72
N LYS C 226 20.37 45.82 13.82
CA LYS C 226 21.78 46.13 13.52
C LYS C 226 22.62 45.96 14.79
N ALA C 227 21.94 46.10 15.93
CA ALA C 227 22.60 45.99 17.24
C ALA C 227 22.40 44.62 17.86
N VAL C 228 21.70 43.72 17.17
CA VAL C 228 21.72 42.31 17.57
C VAL C 228 23.14 41.76 17.36
N THR C 229 23.69 41.20 18.43
CA THR C 229 25.07 40.71 18.43
C THR C 229 25.13 39.19 18.35
N ASP C 230 24.11 38.56 18.93
CA ASP C 230 24.01 37.11 19.04
C ASP C 230 22.63 36.66 18.55
N VAL C 231 22.59 35.85 17.50
CA VAL C 231 21.32 35.50 16.85
C VAL C 231 20.39 34.72 17.76
N ALA C 232 20.83 34.44 18.98
CA ALA C 232 20.07 33.59 19.85
C ALA C 232 19.31 34.37 20.91
N GLU C 233 19.71 35.63 21.12
CA GLU C 233 19.02 36.52 22.07
C GLU C 233 17.52 36.42 21.86
N LEU C 234 17.09 36.66 20.62
CA LEU C 234 15.67 36.62 20.29
C LEU C 234 15.14 35.20 20.12
N ASN C 235 16.04 34.26 19.85
CA ASN C 235 15.58 32.93 19.44
C ASN C 235 15.48 31.82 20.51
N GLY C 236 14.33 31.15 20.52
CA GLY C 236 14.05 30.11 21.50
C GLY C 236 14.68 28.79 21.14
N GLU C 237 14.49 28.34 19.90
CA GLU C 237 15.09 27.10 19.45
C GLU C 237 16.60 27.10 19.74
N LEU C 238 17.29 28.12 19.27
CA LEU C 238 18.73 28.20 19.42
C LEU C 238 19.14 28.23 20.88
N ARG C 239 18.32 28.83 21.74
CA ARG C 239 18.60 28.84 23.18
C ARG C 239 18.54 27.41 23.73
N ASN C 240 17.66 26.61 23.15
CA ASN C 240 17.49 25.23 23.56
C ASN C 240 18.46 24.28 22.90
N ARG C 241 18.80 24.54 21.63
CA ARG C 241 19.76 23.67 20.97
C ARG C 241 21.08 23.79 21.72
N GLN C 242 21.49 25.02 22.03
CA GLN C 242 22.65 25.25 22.89
C GLN C 242 22.59 24.37 24.14
N TYR C 243 21.42 24.34 24.76
CA TYR C 243 21.19 23.59 25.98
C TYR C 243 21.39 22.09 25.73
N LEU C 244 20.69 21.57 24.72
CA LEU C 244 20.89 20.20 24.25
C LEU C 244 22.37 19.82 24.19
N VAL C 245 23.14 20.53 23.39
CA VAL C 245 24.58 20.31 23.31
C VAL C 245 25.26 20.39 24.68
N GLU C 246 24.82 21.30 25.56
CA GLU C 246 25.42 21.40 26.88
C GLU C 246 25.09 20.14 27.70
N GLN C 247 24.00 19.48 27.32
CA GLN C 247 23.53 18.31 28.04
C GLN C 247 24.14 17.01 27.51
N LEU C 248 24.46 16.97 26.21
CA LEU C 248 25.22 15.86 25.65
C LEU C 248 26.64 15.89 26.17
N THR C 249 27.29 17.04 26.04
CA THR C 249 28.64 17.23 26.51
C THR C 249 28.82 16.78 27.96
N LYS C 250 27.91 17.22 28.82
CA LYS C 250 28.07 17.03 30.26
C LYS C 250 27.67 15.63 30.71
N ALA C 251 26.93 14.93 29.85
CA ALA C 251 26.56 13.53 30.11
C ALA C 251 27.72 12.52 29.92
N ASN C 252 27.75 11.51 30.78
CA ASN C 252 28.74 10.45 30.67
C ASN C 252 28.14 9.04 30.86
N ILE C 253 28.87 8.02 30.42
CA ILE C 253 28.49 6.63 30.64
C ILE C 253 29.51 5.99 31.57
N ASN C 254 29.13 5.75 32.82
CA ASN C 254 30.10 5.21 33.77
C ASN C 254 30.31 3.72 33.58
N ASP C 255 31.46 3.20 34.03
CA ASP C 255 31.72 1.76 34.01
C ASP C 255 30.54 0.96 34.61
N VAL C 256 29.77 0.31 33.75
CA VAL C 256 28.70 -0.56 34.20
C VAL C 256 29.17 -1.98 33.98
N ASN C 257 28.94 -2.85 34.97
CA ASN C 257 29.34 -4.25 34.90
C ASN C 257 28.13 -5.15 34.67
N PHE C 258 28.11 -5.89 33.58
CA PHE C 258 27.02 -6.85 33.33
C PHE C 258 27.57 -8.22 32.92
N THR C 259 26.74 -9.04 32.28
CA THR C 259 27.20 -10.34 31.80
C THR C 259 26.51 -10.62 30.48
N PRO C 260 27.30 -10.85 29.42
CA PRO C 260 26.69 -10.99 28.08
C PRO C 260 25.98 -12.31 27.92
N PHE C 261 25.69 -12.98 29.04
CA PHE C 261 25.02 -14.27 29.00
C PHE C 261 24.35 -14.59 30.33
N LYS C 262 23.44 -15.57 30.28
CA LYS C 262 22.83 -16.19 31.46
C LYS C 262 23.31 -17.64 31.55
N TYR C 263 23.64 -18.09 32.75
CA TYR C 263 24.02 -19.49 32.98
C TYR C 263 22.79 -20.38 33.15
N GLN C 264 22.61 -21.34 32.26
CA GLN C 264 21.75 -22.49 32.58
C GLN C 264 22.52 -23.40 33.51
N LEU C 265 23.81 -23.51 33.24
CA LEU C 265 24.71 -24.36 33.97
C LEU C 265 26.04 -23.65 34.11
N SER C 266 26.38 -23.24 35.33
CA SER C 266 27.71 -22.71 35.59
C SER C 266 28.77 -23.81 35.47
N PRO C 267 30.02 -23.45 35.14
CA PRO C 267 31.07 -24.44 34.88
C PRO C 267 31.08 -25.56 35.90
N SER C 268 31.12 -26.79 35.38
CA SER C 268 30.94 -27.97 36.21
C SER C 268 32.22 -28.42 36.84
N LEU C 269 32.04 -29.22 37.89
CA LEU C 269 33.10 -29.95 38.54
C LEU C 269 32.75 -31.40 38.30
N PRO C 270 33.54 -32.12 37.49
CA PRO C 270 33.19 -33.49 37.14
C PRO C 270 33.56 -34.53 38.22
N TRP D 9 9.63 -46.39 39.51
CA TRP D 9 8.96 -45.28 40.19
C TRP D 9 9.22 -43.90 39.57
N THR D 10 8.34 -43.48 38.67
CA THR D 10 8.46 -42.17 38.03
C THR D 10 7.23 -41.30 38.29
N SER D 11 7.44 -40.19 39.00
CA SER D 11 6.41 -39.15 39.19
C SER D 11 6.34 -38.22 37.98
N ALA D 12 5.14 -37.83 37.57
CA ALA D 12 4.97 -37.01 36.38
C ALA D 12 4.03 -35.82 36.61
N ALA D 13 4.26 -34.74 35.86
CA ALA D 13 3.39 -33.59 35.85
C ALA D 13 3.27 -33.14 34.40
N VAL D 14 2.07 -32.74 33.99
CA VAL D 14 1.90 -32.13 32.66
C VAL D 14 1.42 -30.66 32.77
N VAL D 15 2.28 -29.71 32.41
CA VAL D 15 1.99 -28.30 32.59
C VAL D 15 1.75 -27.58 31.27
N THR D 16 1.13 -26.41 31.36
CA THR D 16 0.60 -25.70 30.19
C THR D 16 0.64 -24.19 30.47
N PRO D 17 0.72 -23.34 29.42
CA PRO D 17 0.69 -21.87 29.61
C PRO D 17 -0.52 -21.42 30.43
N PRO D 18 -0.29 -20.56 31.46
CA PRO D 18 -1.32 -20.19 32.43
C PRO D 18 -2.55 -19.55 31.80
N GLU D 19 -3.68 -19.81 32.44
CA GLU D 19 -4.99 -19.45 31.91
C GLU D 19 -5.35 -18.02 32.38
N PRO D 20 -6.11 -17.27 31.54
CA PRO D 20 -6.38 -15.84 31.82
C PRO D 20 -6.86 -15.62 33.25
N VAL D 21 -7.72 -16.50 33.70
CA VAL D 21 -8.31 -16.38 35.02
C VAL D 21 -7.27 -16.22 36.14
N GLN D 22 -6.08 -16.76 35.93
CA GLN D 22 -5.03 -16.74 36.96
C GLN D 22 -4.28 -15.41 37.01
N TRP D 23 -4.39 -14.68 35.92
CA TRP D 23 -3.67 -13.44 35.77
C TRP D 23 -4.35 -12.28 36.49
N GLN D 24 -5.64 -12.40 36.74
CA GLN D 24 -6.46 -11.28 37.19
C GLN D 24 -5.86 -10.34 38.25
N GLU D 25 -5.07 -10.87 39.19
CA GLU D 25 -4.48 -10.02 40.22
C GLU D 25 -3.24 -9.25 39.73
N LEU D 26 -2.53 -9.85 38.79
CA LEU D 26 -1.51 -9.11 38.08
C LEU D 26 -2.20 -7.98 37.33
N GLU D 27 -3.13 -8.35 36.47
CA GLU D 27 -3.84 -7.40 35.65
C GLU D 27 -4.37 -6.21 36.47
N LYS D 28 -4.59 -6.43 37.77
CA LYS D 28 -5.01 -5.33 38.63
C LYS D 28 -3.88 -4.33 38.81
N THR D 29 -2.68 -4.84 39.05
CA THR D 29 -1.51 -3.99 39.24
C THR D 29 -1.10 -3.23 37.97
N PHE D 30 -1.10 -3.90 36.83
CA PHE D 30 -0.70 -3.28 35.56
C PHE D 30 -1.70 -2.24 35.08
N THR D 31 -2.85 -2.21 35.75
CA THR D 31 -3.93 -1.33 35.36
C THR D 31 -3.93 -0.02 36.14
N LYS D 32 -3.36 -0.02 37.35
CA LYS D 32 -3.14 1.22 38.09
C LYS D 32 -1.95 1.94 37.50
N LEU D 33 -1.22 1.23 36.63
CA LEU D 33 -0.07 1.79 35.95
C LEU D 33 -0.39 2.18 34.52
N ARG D 34 -1.29 1.44 33.87
CA ARG D 34 -1.64 1.78 32.48
C ARG D 34 -2.18 3.20 32.43
N VAL D 35 -2.67 3.66 33.59
CA VAL D 35 -3.24 4.99 33.82
C VAL D 35 -2.16 6.05 33.94
N LEU D 36 -0.98 5.63 34.40
CA LEU D 36 0.16 6.50 34.47
C LEU D 36 0.96 6.48 33.16
N ASP D 37 0.32 6.14 32.04
CA ASP D 37 0.95 6.19 30.71
C ASP D 37 2.10 5.18 30.55
N LEU D 38 2.08 4.14 31.38
CA LEU D 38 3.10 3.09 31.36
C LEU D 38 2.47 1.76 30.92
N ASP D 39 2.57 1.42 29.63
CA ASP D 39 1.87 0.21 29.17
C ASP D 39 2.68 -1.07 29.36
N ILE D 40 2.31 -1.81 30.40
CA ILE D 40 3.08 -2.94 30.88
C ILE D 40 2.26 -4.22 30.82
N LYS D 41 2.93 -5.33 30.54
CA LYS D 41 2.32 -6.65 30.62
C LYS D 41 3.36 -7.66 31.09
N ILE D 42 2.86 -8.83 31.50
CA ILE D 42 3.68 -10.03 31.62
C ILE D 42 2.96 -11.04 30.75
N ASP D 43 3.45 -11.26 29.54
CA ASP D 43 2.80 -12.20 28.65
C ASP D 43 2.63 -13.53 29.41
N ARG D 44 1.59 -14.29 29.08
CA ARG D 44 1.33 -15.53 29.77
C ARG D 44 2.14 -16.65 29.13
N THR D 45 2.11 -16.74 27.80
CA THR D 45 2.97 -17.69 27.11
C THR D 45 4.46 -17.41 27.38
N GLU D 46 4.80 -16.20 27.82
CA GLU D 46 6.21 -15.89 28.11
C GLU D 46 6.61 -16.21 29.55
N ALA D 47 5.68 -16.11 30.48
CA ALA D 47 5.98 -16.52 31.85
C ALA D 47 6.18 -18.03 31.87
N PHE D 48 5.29 -18.72 31.17
CA PHE D 48 5.38 -20.16 31.01
C PHE D 48 6.71 -20.51 30.38
N ASN D 49 6.96 -19.97 29.19
CA ASN D 49 8.22 -20.25 28.47
C ASN D 49 9.45 -20.00 29.32
N LEU D 50 9.38 -19.03 30.23
CA LEU D 50 10.50 -18.76 31.12
C LEU D 50 10.58 -19.80 32.23
N PHE D 51 9.43 -20.26 32.70
CA PHE D 51 9.37 -21.33 33.70
C PHE D 51 10.09 -22.57 33.20
N ILE D 52 9.68 -23.08 32.04
CA ILE D 52 10.31 -24.24 31.43
C ILE D 52 11.82 -24.02 31.40
N LYS D 53 12.26 -22.88 30.88
CA LYS D 53 13.69 -22.59 30.83
C LYS D 53 14.38 -22.70 32.18
N LYS D 54 13.89 -21.97 33.18
CA LYS D 54 14.50 -22.05 34.51
C LYS D 54 14.61 -23.48 35.00
N PHE D 55 13.54 -24.24 34.81
CA PHE D 55 13.43 -25.65 35.21
C PHE D 55 14.53 -26.51 34.61
N GLN D 56 14.58 -26.58 33.27
CA GLN D 56 15.67 -27.17 32.55
C GLN D 56 17.07 -26.67 32.96
N SER D 57 17.21 -26.01 34.10
CA SER D 57 18.53 -25.50 34.45
C SER D 57 19.22 -26.39 35.44
N VAL D 58 20.28 -27.05 34.99
CA VAL D 58 20.95 -28.03 35.83
C VAL D 58 21.51 -27.34 37.06
N SER D 59 21.91 -26.09 36.90
CA SER D 59 22.42 -25.32 38.03
C SER D 59 21.31 -25.00 39.05
N LEU D 60 20.11 -24.68 38.56
CA LEU D 60 19.01 -24.32 39.45
C LEU D 60 18.53 -25.50 40.26
N LEU D 61 18.59 -26.66 39.63
CA LEU D 61 18.16 -27.90 40.25
C LEU D 61 19.11 -28.34 41.34
N GLU D 62 20.41 -28.36 41.05
CA GLU D 62 21.42 -28.66 42.06
C GLU D 62 21.22 -27.73 43.24
N GLU D 63 20.93 -26.47 42.95
CA GLU D 63 20.73 -25.52 44.02
C GLU D 63 19.56 -26.00 44.89
N TYR D 64 18.46 -26.37 44.25
CA TYR D 64 17.29 -26.92 44.94
C TYR D 64 17.59 -28.12 45.85
N LEU D 65 18.09 -29.19 45.24
CA LEU D 65 18.44 -30.40 45.99
C LEU D 65 19.29 -30.06 47.22
N ARG D 66 20.38 -29.32 47.00
CA ARG D 66 21.35 -29.08 48.06
C ARG D 66 20.77 -28.30 49.24
N SER D 67 19.64 -27.65 49.02
CA SER D 67 19.06 -26.81 50.07
C SER D 67 17.75 -27.36 50.67
N SER D 68 16.98 -28.10 49.89
CA SER D 68 15.84 -28.83 50.44
C SER D 68 16.30 -29.84 51.51
N PRO D 69 15.83 -29.68 52.76
CA PRO D 69 16.30 -30.46 53.89
C PRO D 69 15.78 -31.89 53.84
N TYR D 70 14.69 -32.10 53.06
CA TYR D 70 14.17 -33.44 52.78
C TYR D 70 15.19 -34.28 52.02
N VAL D 71 15.54 -33.83 50.81
CA VAL D 71 16.58 -34.45 50.02
C VAL D 71 17.89 -34.62 50.80
N MET D 72 18.16 -33.66 51.68
CA MET D 72 19.37 -33.69 52.50
C MET D 72 19.27 -34.72 53.62
N ASP D 73 18.12 -35.38 53.72
CA ASP D 73 17.99 -36.55 54.60
C ASP D 73 18.65 -37.78 53.96
N GLN D 74 18.13 -38.20 52.81
CA GLN D 74 18.76 -39.25 52.00
C GLN D 74 20.09 -38.77 51.39
N LEU D 83 32.14 -36.51 51.29
CA LEU D 83 32.07 -35.48 50.28
C LEU D 83 31.44 -35.98 48.99
N ASP D 84 31.01 -37.25 49.00
CA ASP D 84 30.33 -37.85 47.85
C ASP D 84 28.99 -37.17 47.59
N LEU D 85 28.54 -36.36 48.56
CA LEU D 85 27.38 -35.48 48.40
C LEU D 85 27.33 -34.95 46.97
N HIS D 86 28.46 -34.46 46.48
CA HIS D 86 28.51 -33.95 45.13
C HIS D 86 27.94 -34.95 44.12
N ARG D 87 28.55 -36.12 43.98
CA ARG D 87 28.06 -37.08 42.97
C ARG D 87 26.64 -37.56 43.30
N ALA D 88 26.32 -37.66 44.58
CA ALA D 88 24.95 -37.96 44.97
C ALA D 88 24.03 -37.00 44.23
N ILE D 89 24.41 -35.72 44.31
CA ILE D 89 23.65 -34.62 43.71
C ILE D 89 23.62 -34.75 42.20
N VAL D 90 24.80 -34.81 41.59
CA VAL D 90 24.89 -34.94 40.14
C VAL D 90 24.08 -36.13 39.68
N ALA D 91 23.88 -37.09 40.56
CA ALA D 91 23.12 -38.27 40.19
C ALA D 91 21.63 -37.99 40.26
N LEU D 92 21.17 -37.48 41.39
CA LEU D 92 19.78 -37.09 41.49
C LEU D 92 19.36 -36.23 40.30
N SER D 93 20.15 -35.23 39.97
CA SER D 93 19.73 -34.23 38.98
C SER D 93 19.66 -34.76 37.55
N GLU D 94 20.20 -35.94 37.30
CA GLU D 94 20.09 -36.56 35.98
C GLU D 94 18.68 -37.17 35.83
N LYS D 95 18.02 -37.39 36.97
CA LYS D 95 16.72 -38.02 36.97
C LYS D 95 15.55 -37.07 36.69
N MET D 96 15.84 -35.77 36.56
CA MET D 96 14.82 -34.73 36.24
C MET D 96 14.69 -34.55 34.75
N LYS D 97 13.47 -34.51 34.22
CA LYS D 97 13.36 -34.28 32.79
C LYS D 97 12.23 -33.36 32.43
N ALA D 98 12.35 -32.72 31.27
CA ALA D 98 11.28 -31.90 30.74
C ALA D 98 11.14 -32.22 29.28
N VAL D 99 9.90 -32.41 28.83
CA VAL D 99 9.66 -32.84 27.46
C VAL D 99 8.50 -32.08 26.88
N ASP D 100 8.68 -31.59 25.67
CA ASP D 100 7.61 -30.95 24.95
C ASP D 100 6.82 -31.97 24.16
N ASP D 101 5.58 -32.20 24.57
CA ASP D 101 4.64 -33.00 23.77
C ASP D 101 4.42 -32.27 22.44
N ASN D 102 5.06 -32.77 21.40
CA ASN D 102 5.16 -32.10 20.08
C ASN D 102 6.66 -31.87 19.73
N SER D 111 -1.50 -28.64 16.56
CA SER D 111 -1.52 -28.80 18.01
C SER D 111 -2.42 -27.76 18.71
N LEU D 112 -3.46 -28.25 19.39
CA LEU D 112 -4.45 -27.38 20.07
C LEU D 112 -3.84 -26.41 21.08
N TYR D 113 -3.29 -26.94 22.15
CA TYR D 113 -2.66 -26.11 23.15
C TYR D 113 -1.22 -26.57 23.37
N THR D 114 -0.43 -25.73 24.03
CA THR D 114 0.95 -26.11 24.34
C THR D 114 1.01 -26.89 25.66
N SER D 115 1.68 -28.05 25.67
CA SER D 115 1.88 -28.79 26.92
C SER D 115 3.26 -29.42 27.04
N TRP D 116 3.77 -29.50 28.27
CA TRP D 116 5.09 -30.04 28.54
C TRP D 116 4.98 -31.08 29.64
N THR D 117 5.59 -32.25 29.47
CA THR D 117 5.61 -33.24 30.55
C THR D 117 6.84 -33.12 31.40
N LEU D 118 6.64 -33.01 32.71
CA LEU D 118 7.75 -33.00 33.66
C LEU D 118 7.84 -34.36 34.39
N SER D 119 9.05 -34.79 34.72
CA SER D 119 9.18 -36.08 35.40
C SER D 119 10.42 -36.22 36.24
N PHE D 120 10.28 -37.04 37.26
CA PHE D 120 11.38 -37.31 38.14
C PHE D 120 11.14 -38.66 38.73
N THR D 121 12.17 -39.48 38.66
CA THR D 121 12.07 -40.86 39.09
C THR D 121 12.99 -41.12 40.27
N ALA D 122 12.52 -41.94 41.20
CA ALA D 122 13.28 -42.20 42.41
C ALA D 122 12.89 -43.55 43.07
N PRO D 123 13.65 -43.96 44.10
CA PRO D 123 13.43 -45.21 44.86
C PRO D 123 12.00 -45.44 45.35
N THR D 124 11.39 -44.44 45.98
CA THR D 124 10.03 -44.58 46.51
C THR D 124 8.98 -43.95 45.59
N SER D 125 7.71 -44.33 45.72
CA SER D 125 6.69 -43.65 44.95
C SER D 125 6.55 -42.23 45.48
N GLU D 126 6.64 -42.10 46.80
CA GLU D 126 6.45 -40.82 47.45
C GLU D 126 7.64 -39.91 47.30
N GLU D 127 8.85 -40.48 47.22
CA GLU D 127 10.03 -39.62 47.05
C GLU D 127 9.98 -38.97 45.67
N ALA D 128 9.63 -39.75 44.65
CA ALA D 128 9.49 -39.21 43.29
C ALA D 128 8.52 -38.01 43.18
N GLN D 129 7.40 -38.06 43.89
CA GLN D 129 6.42 -36.99 43.84
C GLN D 129 6.85 -35.80 44.68
N THR D 130 7.35 -36.09 45.88
CA THR D 130 7.78 -35.03 46.78
C THR D 130 8.90 -34.15 46.20
N VAL D 131 9.89 -34.76 45.55
CA VAL D 131 10.98 -33.98 44.97
C VAL D 131 10.49 -33.18 43.76
N LEU D 132 9.82 -33.84 42.81
CA LEU D 132 9.25 -33.16 41.65
C LEU D 132 8.35 -31.97 41.99
N SER D 133 7.51 -32.10 43.00
CA SER D 133 6.68 -30.97 43.41
C SER D 133 7.58 -29.94 44.10
N GLY D 134 8.35 -30.38 45.08
CA GLY D 134 9.29 -29.48 45.73
C GLY D 134 10.04 -28.61 44.74
N TYR D 135 10.42 -29.19 43.60
CA TYR D 135 11.15 -28.46 42.57
C TYR D 135 10.21 -27.50 41.85
N ILE D 136 9.17 -28.02 41.22
CA ILE D 136 8.23 -27.14 40.52
C ILE D 136 7.81 -25.90 41.38
N ASP D 137 7.51 -26.10 42.65
CA ASP D 137 7.26 -24.98 43.57
C ASP D 137 8.44 -24.04 43.62
N TYR D 138 9.64 -24.60 43.70
CA TYR D 138 10.87 -23.82 43.73
C TYR D 138 11.08 -22.97 42.46
N ILE D 139 10.78 -23.52 41.29
CA ILE D 139 10.95 -22.76 40.06
C ILE D 139 9.84 -21.71 39.85
N SER D 140 8.60 -22.09 40.14
CA SER D 140 7.49 -21.14 40.16
C SER D 140 7.83 -19.87 40.99
N ALA D 141 8.41 -20.09 42.17
CA ALA D 141 8.78 -19.00 43.07
C ALA D 141 9.78 -18.05 42.41
N LEU D 142 10.91 -18.59 41.96
CA LEU D 142 11.87 -17.81 41.21
C LEU D 142 11.25 -17.07 40.03
N VAL D 143 10.28 -17.68 39.35
CA VAL D 143 9.63 -17.01 38.21
C VAL D 143 8.78 -15.82 38.66
N VAL D 144 8.00 -15.99 39.74
CA VAL D 144 7.20 -14.85 40.24
C VAL D 144 8.08 -13.76 40.86
N LYS D 145 9.24 -14.13 41.39
CA LYS D 145 10.09 -13.14 42.02
C LYS D 145 10.79 -12.24 40.99
N GLU D 146 11.42 -12.88 40.01
CA GLU D 146 12.02 -12.16 38.90
C GLU D 146 10.98 -11.34 38.12
N SER D 147 9.79 -11.90 37.96
CA SER D 147 8.83 -11.27 37.07
C SER D 147 8.31 -9.95 37.62
N ILE D 148 7.94 -9.90 38.90
CA ILE D 148 7.58 -8.63 39.50
C ILE D 148 8.82 -7.73 39.62
N GLU D 149 10.02 -8.28 39.66
CA GLU D 149 11.19 -7.39 39.64
C GLU D 149 11.33 -6.69 38.30
N ASN D 150 11.09 -7.42 37.23
CA ASN D 150 11.01 -6.82 35.90
C ASN D 150 10.03 -5.67 35.85
N VAL D 151 8.90 -5.83 36.52
CA VAL D 151 7.86 -4.81 36.49
C VAL D 151 8.27 -3.61 37.33
N ARG D 152 8.82 -3.86 38.51
CA ARG D 152 9.30 -2.79 39.38
C ARG D 152 10.35 -1.97 38.67
N ASN D 153 11.22 -2.65 37.91
CA ASN D 153 12.21 -1.99 37.08
C ASN D 153 11.61 -1.11 35.98
N LYS D 154 10.76 -1.68 35.13
CA LYS D 154 10.12 -0.89 34.10
C LYS D 154 9.57 0.41 34.69
N LEU D 155 8.98 0.29 35.90
CA LEU D 155 8.48 1.44 36.66
C LEU D 155 9.57 2.44 37.05
N GLU D 156 10.62 1.98 37.72
CA GLU D 156 11.70 2.88 38.09
C GLU D 156 12.33 3.61 36.89
N ILE D 157 12.36 2.95 35.74
CA ILE D 157 12.77 3.65 34.52
C ILE D 157 11.76 4.74 34.19
N LYS D 158 10.50 4.37 33.98
CA LYS D 158 9.49 5.35 33.65
C LYS D 158 9.54 6.52 34.60
N THR D 159 9.73 6.27 35.88
CA THR D 159 9.80 7.38 36.82
C THR D 159 10.97 8.28 36.50
N GLN D 160 12.19 7.80 36.70
CA GLN D 160 13.35 8.62 36.47
C GLN D 160 13.41 9.24 35.04
N PHE D 161 12.62 8.74 34.10
CA PHE D 161 12.57 9.34 32.75
C PHE D 161 11.55 10.47 32.63
N GLU D 162 10.38 10.31 33.25
CA GLU D 162 9.41 11.40 33.27
C GLU D 162 9.97 12.51 34.12
N LYS D 163 10.73 12.11 35.13
CA LYS D 163 11.38 13.07 36.02
C LYS D 163 12.46 13.90 35.31
N GLU D 164 13.43 13.23 34.68
CA GLU D 164 14.47 13.96 33.96
C GLU D 164 13.89 14.73 32.77
N LYS D 165 12.84 14.21 32.15
CA LYS D 165 12.20 14.94 31.06
C LYS D 165 11.64 16.26 31.52
N LEU D 166 10.97 16.26 32.68
CA LEU D 166 10.26 17.46 33.15
C LEU D 166 11.21 18.59 33.50
N ALA D 167 12.23 18.29 34.31
CA ALA D 167 13.28 19.26 34.61
C ALA D 167 13.79 19.91 33.34
N GLN D 168 14.06 19.07 32.33
CA GLN D 168 14.48 19.52 31.02
C GLN D 168 13.43 20.43 30.40
N ASP D 169 12.22 19.92 30.21
CA ASP D 169 11.14 20.71 29.60
C ASP D 169 10.91 22.05 30.29
N ARG D 170 11.33 22.19 31.55
CA ARG D 170 11.16 23.45 32.27
C ARG D 170 12.21 24.50 31.87
N ILE D 171 13.44 24.04 31.68
CA ILE D 171 14.48 24.91 31.21
C ILE D 171 14.20 25.28 29.76
N LYS D 172 13.85 24.29 28.94
CA LYS D 172 13.52 24.53 27.54
C LYS D 172 12.39 25.55 27.40
N MET D 173 11.71 25.82 28.51
CA MET D 173 10.66 26.81 28.54
C MET D 173 11.15 28.10 29.17
N LYS D 174 11.78 28.01 30.34
CA LYS D 174 12.37 29.21 30.91
C LYS D 174 13.19 29.93 29.84
N ASN D 175 13.88 29.16 29.00
CA ASN D 175 14.58 29.71 27.84
C ASN D 175 13.66 30.37 26.83
N GLN D 176 12.61 29.66 26.46
CA GLN D 176 11.65 30.19 25.49
C GLN D 176 11.07 31.48 26.03
N LEU D 177 11.01 31.58 27.35
CA LEU D 177 10.45 32.72 28.06
C LEU D 177 11.37 33.95 28.05
N ASP D 178 12.68 33.72 28.24
CA ASP D 178 13.69 34.79 28.17
C ASP D 178 13.77 35.48 26.81
N ALA D 179 13.84 34.69 25.74
CA ALA D 179 13.90 35.23 24.38
C ALA D 179 12.58 35.92 23.99
N ASN D 180 11.54 35.72 24.79
CA ASN D 180 10.30 36.41 24.53
C ASN D 180 10.12 37.65 25.38
N ILE D 181 10.98 37.81 26.38
CA ILE D 181 11.09 39.07 27.09
C ILE D 181 11.93 40.02 26.24
N GLN D 182 13.09 39.57 25.81
CA GLN D 182 13.94 40.34 24.91
C GLN D 182 13.16 40.84 23.68
N ARG D 183 12.17 40.07 23.24
CA ARG D 183 11.38 40.42 22.06
C ARG D 183 10.33 41.44 22.45
N LEU D 184 9.74 41.26 23.63
CA LEU D 184 8.80 42.23 24.18
C LEU D 184 9.51 43.53 24.50
N ASN D 185 10.76 43.45 24.96
CA ASN D 185 11.56 44.63 25.26
C ASN D 185 11.79 45.45 24.01
N TYR D 186 11.82 44.78 22.86
CA TYR D 186 11.98 45.48 21.60
C TYR D 186 10.62 45.98 21.08
N SER D 187 9.61 45.13 21.13
CA SER D 187 8.26 45.57 20.72
C SER D 187 7.81 46.85 21.44
N LEU D 188 8.42 47.13 22.59
CA LEU D 188 8.16 48.36 23.33
C LEU D 188 8.91 49.52 22.69
N ASP D 189 10.12 49.25 22.24
CA ASP D 189 10.96 50.25 21.60
C ASP D 189 10.42 50.65 20.23
N ILE D 190 9.78 49.74 19.51
CA ILE D 190 9.14 50.10 18.26
C ILE D 190 7.81 50.82 18.50
N ALA D 191 7.08 50.41 19.54
CA ALA D 191 5.79 51.04 19.87
C ALA D 191 5.92 52.55 20.09
N ASN D 192 6.89 52.94 20.93
CA ASN D 192 7.14 54.34 21.22
C ASN D 192 7.54 55.15 19.99
N ALA D 193 8.51 54.66 19.24
CA ALA D 193 8.98 55.32 18.03
C ALA D 193 7.87 55.60 17.00
N ALA D 194 6.99 54.64 16.77
CA ALA D 194 5.91 54.88 15.82
C ALA D 194 4.80 55.61 16.56
N GLY D 195 4.95 55.69 17.88
CA GLY D 195 4.06 56.46 18.74
C GLY D 195 2.73 55.81 19.10
N ILE D 196 2.70 54.49 19.20
CA ILE D 196 1.47 53.77 19.52
C ILE D 196 1.39 53.45 21.01
N LYS D 197 0.73 54.32 21.76
CA LYS D 197 0.61 54.21 23.21
C LYS D 197 -0.67 53.45 23.59
N LYS D 198 -1.75 53.76 22.87
CA LYS D 198 -3.00 53.02 23.01
C LYS D 198 -3.09 51.94 21.94
N PRO D 199 -3.83 50.85 22.21
CA PRO D 199 -4.02 49.68 21.33
C PRO D 199 -4.40 50.01 19.87
N VAL D 200 -4.66 48.96 19.08
CA VAL D 200 -4.93 49.10 17.65
C VAL D 200 -6.11 48.24 17.17
N PRO D 207 4.94 40.29 12.32
CA PRO D 207 5.64 39.00 12.45
C PRO D 207 6.83 39.06 13.43
N ASP D 208 7.74 40.02 13.21
CA ASP D 208 8.97 40.16 13.99
C ASP D 208 8.70 40.62 15.42
N PHE D 209 8.18 41.83 15.57
CA PHE D 209 7.85 42.39 16.87
C PHE D 209 6.46 43.02 16.76
N SER D 210 5.52 42.62 17.63
CA SER D 210 4.14 43.10 17.51
C SER D 210 3.89 44.37 18.33
N ILE D 211 3.23 45.35 17.72
CA ILE D 211 3.03 46.66 18.36
C ILE D 211 1.58 46.95 18.82
N SER D 212 0.61 46.28 18.18
CA SER D 212 -0.82 46.47 18.45
C SER D 212 -1.25 46.84 19.89
N LEU D 213 -0.87 46.02 20.89
CA LEU D 213 -1.27 46.30 22.27
C LEU D 213 -0.91 47.73 22.71
N GLY D 214 0.07 48.34 22.03
CA GLY D 214 0.47 49.69 22.36
C GLY D 214 1.44 49.76 23.53
N ALA D 215 2.25 50.82 23.55
CA ALA D 215 3.31 50.95 24.54
C ALA D 215 2.78 50.89 25.97
N ASP D 216 1.48 51.06 26.11
CA ASP D 216 0.89 51.27 27.43
C ASP D 216 0.79 49.96 28.20
N GLY D 217 0.27 48.95 27.51
CA GLY D 217 0.16 47.60 28.06
C GLY D 217 1.42 46.77 27.84
N ILE D 218 2.03 46.92 26.67
CA ILE D 218 3.27 46.23 26.37
C ILE D 218 4.27 46.42 27.49
N GLU D 219 4.16 47.52 28.22
CA GLU D 219 5.10 47.78 29.30
C GLU D 219 4.69 47.04 30.57
N ARG D 220 3.40 46.80 30.71
CA ARG D 220 2.87 46.10 31.87
C ARG D 220 3.05 44.58 31.71
N LYS D 221 2.95 44.10 30.47
CA LYS D 221 3.28 42.69 30.15
C LYS D 221 4.74 42.40 30.48
N LEU D 222 5.62 43.25 29.94
CA LEU D 222 7.04 43.15 30.21
C LEU D 222 7.37 43.00 31.70
N GLU D 223 6.82 43.89 32.53
CA GLU D 223 7.16 43.87 33.96
C GLU D 223 6.38 42.77 34.68
N ILE D 224 5.49 42.13 33.95
CA ILE D 224 4.77 40.96 34.45
C ILE D 224 5.58 39.69 34.21
N GLU D 225 6.11 39.54 32.99
CA GLU D 225 6.91 38.39 32.58
C GLU D 225 8.29 38.33 33.23
N LYS D 226 8.89 39.49 33.45
CA LYS D 226 10.19 39.54 34.11
C LYS D 226 10.08 39.01 35.55
N ALA D 227 8.92 39.20 36.17
CA ALA D 227 8.71 38.80 37.57
C ALA D 227 8.16 37.37 37.73
N VAL D 228 8.02 36.63 36.63
CA VAL D 228 7.57 35.25 36.70
C VAL D 228 8.77 34.40 37.15
N THR D 229 8.59 33.61 38.20
CA THR D 229 9.69 32.89 38.81
C THR D 229 9.58 31.38 38.62
N ASP D 230 8.36 30.93 38.37
CA ASP D 230 8.12 29.54 38.04
C ASP D 230 7.39 29.49 36.71
N VAL D 231 7.95 28.78 35.74
CA VAL D 231 7.39 28.79 34.39
C VAL D 231 6.13 27.94 34.29
N ALA D 232 5.76 27.31 35.40
CA ALA D 232 4.58 26.47 35.43
C ALA D 232 3.33 27.22 35.89
N GLU D 233 3.52 28.29 36.64
CA GLU D 233 2.40 29.14 37.11
C GLU D 233 1.38 29.43 36.01
N LEU D 234 1.84 29.77 34.83
CA LEU D 234 0.91 30.00 33.73
C LEU D 234 0.68 28.76 32.90
N ASN D 235 1.65 27.85 32.89
CA ASN D 235 1.56 26.67 32.05
C ASN D 235 0.88 25.45 32.69
N GLY D 236 -0.29 25.10 32.18
CA GLY D 236 -1.03 23.98 32.72
C GLY D 236 -0.34 22.65 32.47
N GLU D 237 0.22 22.48 31.28
CA GLU D 237 0.86 21.22 30.92
C GLU D 237 1.97 20.86 31.89
N LEU D 238 2.79 21.84 32.29
CA LEU D 238 3.92 21.58 33.18
C LEU D 238 3.53 21.47 34.67
N ARG D 239 2.24 21.67 34.98
CA ARG D 239 1.73 21.37 36.32
C ARG D 239 1.21 19.93 36.31
N ASN D 240 0.70 19.52 35.16
CA ASN D 240 0.25 18.16 34.99
C ASN D 240 1.44 17.21 34.86
N ARG D 241 2.44 17.56 34.03
CA ARG D 241 3.67 16.76 33.98
C ARG D 241 4.19 16.58 35.42
N GLN D 242 4.21 17.65 36.20
CA GLN D 242 4.63 17.54 37.60
C GLN D 242 3.77 16.56 38.37
N TYR D 243 2.47 16.59 38.11
CA TYR D 243 1.54 15.70 38.79
C TYR D 243 1.82 14.23 38.45
N LEU D 244 1.91 13.92 37.15
CA LEU D 244 2.32 12.59 36.71
C LEU D 244 3.48 12.10 37.56
N VAL D 245 4.58 12.84 37.56
CA VAL D 245 5.79 12.43 38.29
C VAL D 245 5.58 12.23 39.78
N GLU D 246 4.59 12.85 40.37
CA GLU D 246 4.43 12.70 41.81
C GLU D 246 3.66 11.42 42.12
N GLN D 247 2.80 11.03 41.18
CA GLN D 247 2.11 9.75 41.26
C GLN D 247 3.10 8.61 41.01
N LEU D 248 3.77 8.67 39.86
CA LEU D 248 4.74 7.67 39.47
C LEU D 248 5.66 7.35 40.62
N THR D 249 6.30 8.35 41.18
CA THR D 249 7.17 8.12 42.31
C THR D 249 6.43 7.35 43.39
N LYS D 250 5.24 7.84 43.74
CA LYS D 250 4.50 7.32 44.88
C LYS D 250 3.85 5.94 44.65
N ALA D 251 3.74 5.50 43.39
CA ALA D 251 3.24 4.16 43.08
C ALA D 251 4.20 3.06 43.52
N ASN D 252 3.62 1.90 43.83
CA ASN D 252 4.37 0.72 44.31
C ASN D 252 3.79 -0.56 43.74
N ILE D 253 4.64 -1.41 43.17
CA ILE D 253 4.20 -2.72 42.70
C ILE D 253 4.38 -3.71 43.86
N ASN D 254 3.27 -4.21 44.39
CA ASN D 254 3.30 -5.04 45.60
C ASN D 254 3.26 -6.55 45.35
N ASP D 255 4.11 -7.31 46.04
CA ASP D 255 4.26 -8.77 45.88
C ASP D 255 3.01 -9.57 45.43
N VAL D 256 2.76 -9.59 44.12
CA VAL D 256 1.60 -10.31 43.56
C VAL D 256 1.96 -11.77 43.32
N ASN D 257 1.33 -12.68 44.02
CA ASN D 257 1.61 -14.09 43.80
C ASN D 257 0.77 -14.68 42.65
N PHE D 258 1.42 -15.48 41.80
CA PHE D 258 0.70 -16.20 40.74
C PHE D 258 1.39 -17.53 40.40
N THR D 259 0.98 -18.14 39.30
CA THR D 259 1.61 -19.36 38.83
C THR D 259 1.78 -19.33 37.32
N PRO D 260 3.02 -19.45 36.84
CA PRO D 260 3.33 -19.32 35.42
C PRO D 260 2.93 -20.53 34.57
N PHE D 261 2.02 -21.37 35.08
CA PHE D 261 1.46 -22.50 34.32
C PHE D 261 0.11 -22.96 34.89
N LYS D 262 -0.63 -23.72 34.08
CA LYS D 262 -1.80 -24.48 34.52
C LYS D 262 -1.41 -25.95 34.51
N TYR D 263 -1.88 -26.75 35.47
CA TYR D 263 -1.68 -28.22 35.44
C TYR D 263 -2.76 -28.90 34.63
N GLN D 264 -2.36 -29.55 33.55
CA GLN D 264 -3.19 -30.59 32.98
C GLN D 264 -3.18 -31.82 33.89
N LEU D 265 -2.02 -32.10 34.50
CA LEU D 265 -1.86 -33.19 35.47
C LEU D 265 -0.86 -32.78 36.53
N SER D 266 -1.32 -32.55 37.75
CA SER D 266 -0.43 -32.17 38.85
C SER D 266 0.42 -33.37 39.20
N PRO D 267 1.57 -33.15 39.86
CA PRO D 267 2.52 -34.24 40.17
C PRO D 267 1.84 -35.47 40.75
N SER D 268 2.16 -36.62 40.14
CA SER D 268 1.39 -37.83 40.36
C SER D 268 1.92 -38.62 41.53
N LEU D 269 1.06 -39.45 42.11
CA LEU D 269 1.53 -40.60 42.88
C LEU D 269 1.62 -41.79 41.91
N PRO D 270 2.82 -42.33 41.72
CA PRO D 270 3.16 -43.34 40.71
C PRO D 270 2.48 -44.70 40.88
N TRP E 9 -18.19 -52.68 25.05
CA TRP E 9 -18.87 -51.56 25.70
C TRP E 9 -18.06 -50.24 25.70
N THR E 10 -18.01 -49.61 24.53
CA THR E 10 -17.51 -48.25 24.38
C THR E 10 -18.66 -47.29 24.06
N SER E 11 -18.91 -46.32 24.94
CA SER E 11 -19.86 -45.25 24.60
C SER E 11 -19.13 -44.09 23.88
N ALA E 12 -19.74 -43.63 22.80
CA ALA E 12 -19.13 -42.57 22.00
C ALA E 12 -19.97 -41.29 21.97
N ALA E 13 -19.31 -40.14 22.05
CA ALA E 13 -19.96 -38.86 21.75
C ALA E 13 -19.20 -38.22 20.61
N VAL E 14 -19.91 -37.52 19.74
CA VAL E 14 -19.25 -36.66 18.75
C VAL E 14 -19.60 -35.20 19.01
N VAL E 15 -18.57 -34.38 19.13
CA VAL E 15 -18.69 -33.05 19.68
C VAL E 15 -18.12 -32.01 18.73
N THR E 16 -18.82 -30.88 18.58
CA THR E 16 -18.52 -29.84 17.60
C THR E 16 -18.53 -28.45 18.27
N PRO E 17 -17.89 -27.43 17.66
CA PRO E 17 -17.97 -26.09 18.25
C PRO E 17 -19.37 -25.52 18.05
N PRO E 18 -19.92 -24.81 19.08
CA PRO E 18 -21.35 -24.45 19.18
C PRO E 18 -21.89 -23.58 18.05
N GLU E 19 -23.15 -23.82 17.69
CA GLU E 19 -23.87 -23.04 16.68
C GLU E 19 -24.18 -21.64 17.21
N PRO E 20 -24.36 -20.66 16.31
CA PRO E 20 -24.61 -19.34 16.86
C PRO E 20 -25.86 -19.37 17.75
N VAL E 21 -26.91 -20.09 17.35
CA VAL E 21 -28.15 -20.07 18.13
C VAL E 21 -27.99 -20.53 19.57
N GLN E 22 -26.79 -20.98 19.93
CA GLN E 22 -26.54 -21.36 21.31
C GLN E 22 -25.93 -20.19 22.11
N TRP E 23 -25.58 -19.12 21.41
CA TRP E 23 -24.91 -17.98 22.04
C TRP E 23 -25.85 -16.80 22.33
N GLN E 24 -27.13 -16.94 22.01
CA GLN E 24 -28.08 -15.81 22.12
C GLN E 24 -28.25 -15.23 23.53
N GLU E 25 -28.59 -16.08 24.51
CA GLU E 25 -28.64 -15.64 25.89
C GLU E 25 -27.38 -14.90 26.27
N LEU E 26 -26.24 -15.37 25.79
CA LEU E 26 -24.98 -14.67 26.04
C LEU E 26 -24.98 -13.31 25.34
N GLU E 27 -25.29 -13.32 24.05
CA GLU E 27 -25.19 -12.13 23.22
C GLU E 27 -26.16 -11.00 23.66
N LYS E 28 -26.94 -11.24 24.71
CA LYS E 28 -27.77 -10.21 25.34
C LYS E 28 -26.91 -9.50 26.34
N THR E 29 -26.68 -10.16 27.47
CA THR E 29 -25.69 -9.75 28.48
C THR E 29 -24.51 -9.00 27.85
N PHE E 30 -23.89 -9.57 26.82
CA PHE E 30 -22.71 -8.97 26.23
C PHE E 30 -23.08 -7.64 25.55
N THR E 31 -24.29 -7.59 24.99
CA THR E 31 -24.82 -6.40 24.33
C THR E 31 -25.01 -5.23 25.31
N LYS E 32 -25.58 -5.49 26.47
CA LYS E 32 -25.72 -4.46 27.51
C LYS E 32 -24.36 -3.83 27.82
N LEU E 33 -23.30 -4.64 27.74
CA LEU E 33 -21.95 -4.18 28.04
C LEU E 33 -21.36 -3.40 26.89
N ARG E 34 -21.83 -3.67 25.68
CA ARG E 34 -21.34 -2.96 24.49
C ARG E 34 -21.70 -1.47 24.58
N VAL E 35 -22.98 -1.21 24.80
CA VAL E 35 -23.52 0.11 25.16
C VAL E 35 -22.62 0.96 26.08
N LEU E 36 -21.87 0.31 26.96
CA LEU E 36 -20.97 1.00 27.87
C LEU E 36 -19.53 1.01 27.36
N ASP E 37 -19.35 1.00 26.04
CA ASP E 37 -18.03 1.07 25.40
C ASP E 37 -17.06 -0.03 25.86
N LEU E 38 -17.53 -1.28 25.90
CA LEU E 38 -16.72 -2.40 26.34
C LEU E 38 -16.90 -3.59 25.39
N ASP E 39 -16.00 -3.75 24.43
CA ASP E 39 -16.18 -4.78 23.40
C ASP E 39 -15.66 -6.15 23.82
N ILE E 40 -16.46 -6.88 24.60
CA ILE E 40 -16.12 -8.23 25.03
C ILE E 40 -16.94 -9.32 24.31
N LYS E 41 -16.24 -10.33 23.82
CA LYS E 41 -16.88 -11.52 23.29
C LYS E 41 -16.50 -12.69 24.21
N ILE E 42 -17.21 -13.82 24.08
CA ILE E 42 -16.69 -15.12 24.45
C ILE E 42 -16.73 -15.91 23.16
N ASP E 43 -15.57 -16.23 22.60
CA ASP E 43 -15.55 -16.83 21.28
C ASP E 43 -16.11 -18.24 21.32
N ARG E 44 -17.03 -18.56 20.41
CA ARG E 44 -17.58 -19.91 20.34
C ARG E 44 -16.42 -20.89 20.18
N THR E 45 -15.60 -20.67 19.17
CA THR E 45 -14.48 -21.58 18.94
C THR E 45 -13.42 -21.57 20.08
N GLU E 46 -13.30 -20.48 20.85
CA GLU E 46 -12.41 -20.48 22.01
C GLU E 46 -12.94 -21.44 23.06
N ALA E 47 -14.26 -21.44 23.23
CA ALA E 47 -14.87 -22.16 24.33
C ALA E 47 -14.95 -23.65 24.03
N PHE E 48 -14.93 -23.98 22.75
CA PHE E 48 -14.95 -25.37 22.37
C PHE E 48 -13.55 -25.92 22.52
N ASN E 49 -12.56 -25.10 22.16
CA ASN E 49 -11.16 -25.43 22.33
C ASN E 49 -10.76 -25.49 23.81
N LEU E 50 -11.46 -24.77 24.66
CA LEU E 50 -11.15 -24.85 26.09
C LEU E 50 -11.76 -26.14 26.64
N PHE E 51 -12.95 -26.47 26.16
CA PHE E 51 -13.64 -27.69 26.57
C PHE E 51 -12.74 -28.92 26.36
N ILE E 52 -12.22 -29.08 25.15
CA ILE E 52 -11.28 -30.14 24.83
C ILE E 52 -10.11 -30.16 25.81
N LYS E 53 -9.41 -29.03 25.94
CA LYS E 53 -8.28 -28.95 26.86
C LYS E 53 -8.57 -29.37 28.32
N LYS E 54 -9.77 -29.09 28.82
CA LYS E 54 -10.12 -29.47 30.19
C LYS E 54 -10.45 -30.96 30.23
N PHE E 55 -11.22 -31.41 29.22
CA PHE E 55 -11.62 -32.80 29.07
C PHE E 55 -10.41 -33.72 29.00
N GLN E 56 -9.36 -33.23 28.37
CA GLN E 56 -8.12 -33.97 28.27
C GLN E 56 -7.27 -33.89 29.54
N SER E 57 -7.77 -33.25 30.59
CA SER E 57 -6.94 -33.09 31.78
C SER E 57 -7.09 -34.22 32.77
N VAL E 58 -6.03 -35.01 32.91
CA VAL E 58 -6.07 -36.21 33.72
C VAL E 58 -6.43 -35.92 35.16
N SER E 59 -5.91 -34.82 35.69
CA SER E 59 -6.25 -34.42 37.05
C SER E 59 -7.74 -34.15 37.17
N LEU E 60 -8.33 -33.58 36.13
CA LEU E 60 -9.77 -33.33 36.15
C LEU E 60 -10.61 -34.61 36.07
N LEU E 61 -10.16 -35.59 35.29
CA LEU E 61 -10.81 -36.90 35.25
C LEU E 61 -10.78 -37.59 36.62
N GLU E 62 -9.65 -37.51 37.31
CA GLU E 62 -9.54 -38.07 38.67
C GLU E 62 -10.43 -37.31 39.66
N GLU E 63 -10.39 -35.97 39.63
CA GLU E 63 -11.24 -35.18 40.52
C GLU E 63 -12.71 -35.51 40.31
N TYR E 64 -13.07 -35.82 39.08
CA TYR E 64 -14.45 -36.20 38.75
C TYR E 64 -14.80 -37.59 39.24
N LEU E 65 -13.93 -38.55 38.99
CA LEU E 65 -14.23 -39.94 39.33
C LEU E 65 -14.34 -40.12 40.83
N ARG E 66 -13.35 -39.67 41.59
CA ARG E 66 -13.36 -39.90 43.03
C ARG E 66 -14.53 -39.20 43.72
N SER E 67 -15.24 -38.36 42.97
CA SER E 67 -16.35 -37.59 43.52
C SER E 67 -17.72 -37.97 42.96
N SER E 68 -17.74 -38.63 41.82
CA SER E 68 -18.98 -39.23 41.32
C SER E 68 -19.45 -40.33 42.26
N PRO E 69 -20.63 -40.17 42.86
CA PRO E 69 -21.14 -41.16 43.81
C PRO E 69 -21.38 -42.47 43.08
N TYR E 70 -21.85 -42.35 41.84
CA TYR E 70 -22.19 -43.49 41.00
C TYR E 70 -20.99 -44.38 40.75
N VAL E 71 -19.88 -43.78 40.37
CA VAL E 71 -18.63 -44.47 40.12
C VAL E 71 -17.99 -45.03 41.40
N MET E 72 -17.87 -44.21 42.44
CA MET E 72 -17.26 -44.62 43.70
C MET E 72 -17.92 -45.83 44.37
N ASP E 73 -19.14 -46.16 43.95
CA ASP E 73 -19.88 -47.26 44.57
C ASP E 73 -19.17 -48.62 44.43
N GLN E 74 -18.64 -48.90 43.24
CA GLN E 74 -17.95 -50.18 42.99
C GLN E 74 -16.44 -50.14 43.26
N LEU E 83 -7.09 -49.03 51.34
CA LEU E 83 -7.05 -48.00 50.31
C LEU E 83 -6.26 -48.47 49.08
N ASP E 84 -6.99 -49.07 48.15
CA ASP E 84 -6.45 -49.42 46.85
C ASP E 84 -7.16 -48.59 45.82
N LEU E 85 -8.06 -47.71 46.26
CA LEU E 85 -8.83 -46.85 45.36
C LEU E 85 -7.89 -46.31 44.28
N HIS E 86 -6.70 -45.97 44.71
CA HIS E 86 -5.75 -45.34 43.85
C HIS E 86 -5.51 -46.02 42.49
N ARG E 87 -5.04 -47.27 42.50
CA ARG E 87 -4.80 -47.97 41.23
C ARG E 87 -6.09 -48.08 40.40
N ALA E 88 -7.23 -48.11 41.10
CA ALA E 88 -8.54 -48.25 40.48
C ALA E 88 -8.85 -47.05 39.61
N ILE E 89 -8.66 -45.87 40.18
CA ILE E 89 -8.92 -44.59 39.51
C ILE E 89 -7.98 -44.40 38.31
N VAL E 90 -6.67 -44.55 38.54
CA VAL E 90 -5.68 -44.44 37.48
C VAL E 90 -5.99 -45.37 36.32
N ALA E 91 -6.64 -46.49 36.64
CA ALA E 91 -7.03 -47.47 35.62
C ALA E 91 -8.08 -46.86 34.72
N LEU E 92 -9.24 -46.57 35.31
CA LEU E 92 -10.42 -46.03 34.61
C LEU E 92 -10.08 -44.84 33.72
N SER E 93 -9.32 -43.90 34.28
CA SER E 93 -8.85 -42.77 33.52
C SER E 93 -8.24 -43.22 32.19
N GLU E 94 -7.43 -44.27 32.20
CA GLU E 94 -6.78 -44.69 30.96
C GLU E 94 -7.80 -45.06 29.86
N LYS E 95 -9.06 -45.21 30.25
CA LYS E 95 -10.08 -45.59 29.27
C LYS E 95 -10.94 -44.43 28.74
N MET E 96 -10.72 -43.21 29.27
CA MET E 96 -11.33 -41.94 28.78
C MET E 96 -10.53 -41.32 27.64
N LYS E 97 -11.14 -41.19 26.48
CA LYS E 97 -10.38 -40.81 25.30
C LYS E 97 -11.06 -39.72 24.49
N ALA E 98 -10.26 -38.86 23.85
CA ALA E 98 -10.78 -37.81 22.96
C ALA E 98 -9.86 -37.57 21.76
N VAL E 99 -10.38 -37.76 20.54
CA VAL E 99 -9.57 -37.53 19.35
C VAL E 99 -10.17 -36.55 18.34
N ASP E 100 -9.31 -35.83 17.64
CA ASP E 100 -9.72 -35.04 16.49
C ASP E 100 -10.19 -36.04 15.41
N ASP E 101 -11.22 -35.66 14.65
CA ASP E 101 -11.80 -36.54 13.63
C ASP E 101 -11.08 -36.39 12.29
N SER E 111 -11.57 -30.21 5.93
CA SER E 111 -12.76 -30.64 6.67
C SER E 111 -13.87 -29.57 6.67
N LEU E 112 -15.12 -30.01 6.52
CA LEU E 112 -16.25 -29.10 6.41
C LEU E 112 -16.62 -28.47 7.75
N TYR E 113 -16.10 -29.02 8.84
CA TYR E 113 -16.30 -28.43 10.16
C TYR E 113 -15.42 -29.18 11.15
N THR E 114 -15.14 -28.58 12.30
CA THR E 114 -14.39 -29.28 13.34
C THR E 114 -15.28 -30.29 14.03
N SER E 115 -14.75 -31.50 14.29
CA SER E 115 -15.46 -32.51 15.08
C SER E 115 -14.50 -33.44 15.81
N TRP E 116 -14.78 -33.66 17.09
CA TRP E 116 -13.99 -34.58 17.88
C TRP E 116 -14.90 -35.71 18.30
N THR E 117 -14.33 -36.92 18.42
CA THR E 117 -15.01 -38.05 19.02
C THR E 117 -14.53 -38.25 20.45
N LEU E 118 -15.48 -38.21 21.39
CA LEU E 118 -15.22 -38.55 22.78
C LEU E 118 -15.76 -39.94 23.09
N SER E 119 -14.96 -40.76 23.77
CA SER E 119 -15.43 -42.10 24.08
C SER E 119 -15.03 -42.52 25.47
N PHE E 120 -15.81 -43.46 26.02
CA PHE E 120 -15.48 -44.15 27.25
C PHE E 120 -15.83 -45.64 27.15
N THR E 121 -15.07 -46.46 27.86
CA THR E 121 -15.24 -47.91 27.83
C THR E 121 -15.42 -48.46 29.25
N ALA E 122 -16.43 -49.30 29.43
CA ALA E 122 -16.65 -49.88 30.76
C ALA E 122 -17.20 -51.29 30.67
N PRO E 123 -17.21 -51.98 31.83
CA PRO E 123 -17.72 -53.35 31.95
C PRO E 123 -19.13 -53.48 31.42
N THR E 124 -20.04 -52.64 31.90
CA THR E 124 -21.42 -52.70 31.42
C THR E 124 -21.62 -51.64 30.34
N SER E 125 -22.77 -51.62 29.69
CA SER E 125 -23.00 -50.63 28.63
C SER E 125 -23.75 -49.40 29.12
N GLU E 126 -24.53 -49.55 30.17
CA GLU E 126 -25.09 -48.42 30.89
C GLU E 126 -23.97 -47.75 31.67
N GLU E 127 -23.07 -48.55 32.25
CA GLU E 127 -21.98 -47.95 33.00
C GLU E 127 -21.14 -47.09 32.08
N ALA E 128 -20.93 -47.56 30.84
CA ALA E 128 -20.13 -46.80 29.88
C ALA E 128 -20.77 -45.47 29.56
N GLN E 129 -21.98 -45.47 29.02
CA GLN E 129 -22.67 -44.22 28.69
C GLN E 129 -22.88 -43.25 29.85
N THR E 130 -23.24 -43.75 31.03
CA THR E 130 -23.47 -42.79 32.10
C THR E 130 -22.18 -42.05 32.51
N VAL E 131 -21.07 -42.76 32.64
CA VAL E 131 -19.81 -42.13 33.05
C VAL E 131 -19.33 -41.07 32.05
N LEU E 132 -19.55 -41.33 30.76
CA LEU E 132 -19.21 -40.38 29.70
C LEU E 132 -20.03 -39.10 29.86
N SER E 133 -21.36 -39.24 29.82
CA SER E 133 -22.30 -38.14 30.12
C SER E 133 -21.91 -37.34 31.35
N GLY E 134 -21.75 -38.01 32.47
CA GLY E 134 -21.32 -37.39 33.71
C GLY E 134 -20.05 -36.54 33.60
N TYR E 135 -19.10 -36.99 32.80
CA TYR E 135 -17.85 -36.24 32.68
C TYR E 135 -18.01 -35.10 31.69
N ILE E 136 -18.68 -35.36 30.57
CA ILE E 136 -18.93 -34.28 29.62
C ILE E 136 -19.53 -33.12 30.38
N ASP E 137 -20.60 -33.40 31.14
CA ASP E 137 -21.30 -32.38 31.91
C ASP E 137 -20.40 -31.71 32.95
N TYR E 138 -19.63 -32.48 33.69
CA TYR E 138 -18.73 -31.92 34.70
C TYR E 138 -17.67 -30.99 34.10
N ILE E 139 -17.12 -31.34 32.94
CA ILE E 139 -16.19 -30.46 32.25
C ILE E 139 -16.97 -29.27 31.68
N SER E 140 -18.07 -29.57 31.00
CA SER E 140 -18.93 -28.55 30.45
C SER E 140 -19.19 -27.40 31.45
N ALA E 141 -19.52 -27.76 32.67
CA ALA E 141 -19.80 -26.76 33.71
C ALA E 141 -18.53 -26.13 34.29
N LEU E 142 -17.38 -26.70 34.01
CA LEU E 142 -16.14 -26.05 34.39
C LEU E 142 -15.90 -24.91 33.42
N VAL E 143 -15.92 -25.23 32.13
CA VAL E 143 -15.77 -24.20 31.11
C VAL E 143 -16.75 -23.03 31.28
N VAL E 144 -18.07 -23.25 31.20
CA VAL E 144 -18.98 -22.08 31.29
C VAL E 144 -18.66 -21.23 32.52
N LYS E 145 -18.26 -21.84 33.63
CA LYS E 145 -18.01 -21.07 34.85
C LYS E 145 -16.73 -20.24 34.81
N GLU E 146 -15.69 -20.79 34.21
CA GLU E 146 -14.49 -20.00 33.94
C GLU E 146 -14.81 -18.93 32.89
N SER E 147 -15.35 -19.37 31.77
CA SER E 147 -15.80 -18.50 30.69
C SER E 147 -16.48 -17.22 31.17
N ILE E 148 -17.46 -17.29 32.08
CA ILE E 148 -18.11 -16.06 32.53
C ILE E 148 -17.33 -15.35 33.63
N GLU E 149 -16.48 -16.08 34.34
CA GLU E 149 -15.55 -15.45 35.29
C GLU E 149 -14.51 -14.55 34.57
N ASN E 150 -14.24 -14.86 33.32
CA ASN E 150 -13.45 -14.02 32.44
C ASN E 150 -14.10 -12.67 32.27
N VAL E 151 -15.32 -12.70 31.74
CA VAL E 151 -16.07 -11.49 31.49
C VAL E 151 -16.13 -10.65 32.76
N ARG E 152 -16.61 -11.23 33.88
CA ARG E 152 -16.61 -10.49 35.15
C ARG E 152 -15.25 -9.88 35.47
N ASN E 153 -14.17 -10.57 35.14
CA ASN E 153 -12.85 -10.00 35.38
C ASN E 153 -12.58 -8.80 34.45
N LYS E 154 -12.85 -8.97 33.16
CA LYS E 154 -12.64 -7.88 32.23
C LYS E 154 -13.41 -6.63 32.65
N LEU E 155 -14.66 -6.80 33.02
CA LEU E 155 -15.49 -5.71 33.52
C LEU E 155 -14.94 -5.09 34.80
N GLU E 156 -14.38 -5.88 35.70
CA GLU E 156 -13.79 -5.31 36.91
C GLU E 156 -12.49 -4.55 36.58
N ILE E 157 -11.91 -4.85 35.43
CA ILE E 157 -10.70 -4.17 34.97
C ILE E 157 -11.07 -2.83 34.31
N LYS E 158 -12.00 -2.86 33.36
CA LYS E 158 -12.47 -1.65 32.68
C LYS E 158 -13.08 -0.69 33.70
N THR E 159 -13.74 -1.23 34.72
CA THR E 159 -14.37 -0.39 35.73
C THR E 159 -13.36 0.49 36.44
N GLN E 160 -12.49 -0.10 37.23
CA GLN E 160 -11.58 0.76 38.01
C GLN E 160 -10.37 1.33 37.20
N PHE E 161 -10.41 1.18 35.88
CA PHE E 161 -9.55 1.97 35.01
C PHE E 161 -10.24 3.30 34.68
N GLU E 162 -11.39 3.24 34.02
CA GLU E 162 -12.21 4.40 33.74
C GLU E 162 -12.31 5.30 34.97
N LYS E 163 -12.31 4.66 36.12
CA LYS E 163 -12.59 5.31 37.39
C LYS E 163 -11.37 5.98 38.01
N GLU E 164 -10.17 5.48 37.69
CA GLU E 164 -8.96 6.20 38.12
C GLU E 164 -8.57 7.24 37.10
N LYS E 165 -8.83 6.95 35.82
CA LYS E 165 -8.62 7.92 34.75
C LYS E 165 -9.45 9.14 35.05
N LEU E 166 -10.73 8.93 35.34
CA LEU E 166 -11.62 10.04 35.65
C LEU E 166 -11.04 10.87 36.78
N ALA E 167 -10.83 10.26 37.93
CA ALA E 167 -10.23 10.97 39.06
C ALA E 167 -8.96 11.73 38.64
N GLN E 168 -8.14 11.10 37.80
CA GLN E 168 -6.90 11.69 37.33
C GLN E 168 -7.24 12.87 36.43
N ASP E 169 -8.09 12.63 35.44
CA ASP E 169 -8.43 13.68 34.48
C ASP E 169 -9.10 14.91 35.16
N ARG E 170 -9.81 14.67 36.26
CA ARG E 170 -10.39 15.75 37.05
C ARG E 170 -9.31 16.63 37.66
N ILE E 171 -8.36 16.03 38.36
CA ILE E 171 -7.28 16.80 38.95
C ILE E 171 -6.51 17.50 37.85
N LYS E 172 -6.40 16.84 36.70
CA LYS E 172 -5.69 17.41 35.58
C LYS E 172 -6.41 18.67 35.07
N MET E 173 -7.65 18.86 35.50
CA MET E 173 -8.48 19.97 35.06
C MET E 173 -8.46 21.12 36.06
N LYS E 174 -8.40 20.77 37.34
CA LYS E 174 -8.31 21.79 38.39
C LYS E 174 -6.93 22.46 38.36
N ASN E 175 -6.06 21.99 37.47
CA ASN E 175 -4.73 22.57 37.32
C ASN E 175 -4.61 23.43 36.07
N GLN E 176 -5.34 23.04 35.03
CA GLN E 176 -5.46 23.90 33.88
C GLN E 176 -6.31 25.10 34.29
N LEU E 177 -7.35 24.84 35.10
CA LEU E 177 -8.20 25.91 35.63
C LEU E 177 -7.34 26.90 36.42
N ASP E 178 -6.48 26.40 37.30
CA ASP E 178 -5.64 27.30 38.11
C ASP E 178 -4.61 28.10 37.31
N ALA E 179 -4.19 27.56 36.17
CA ALA E 179 -3.25 28.26 35.32
C ALA E 179 -3.99 29.26 34.46
N ASN E 180 -5.26 28.96 34.17
CA ASN E 180 -6.12 29.87 33.44
C ASN E 180 -6.54 31.04 34.33
N ILE E 181 -6.63 30.78 35.63
CA ILE E 181 -6.91 31.83 36.60
C ILE E 181 -5.74 32.79 36.65
N GLN E 182 -4.52 32.26 36.68
CA GLN E 182 -3.36 33.13 36.73
C GLN E 182 -3.27 34.02 35.50
N ARG E 183 -3.50 33.45 34.32
CA ARG E 183 -3.40 34.22 33.09
C ARG E 183 -4.57 35.23 32.97
N LEU E 184 -5.71 34.92 33.60
CA LEU E 184 -6.81 35.89 33.66
C LEU E 184 -6.44 37.03 34.59
N ASN E 185 -5.87 36.68 35.73
CA ASN E 185 -5.46 37.65 36.73
C ASN E 185 -4.43 38.67 36.24
N TYR E 186 -3.55 38.25 35.33
CA TYR E 186 -2.58 39.17 34.75
C TYR E 186 -3.19 39.86 33.54
N SER E 187 -4.16 39.21 32.89
CA SER E 187 -4.89 39.86 31.81
C SER E 187 -5.72 41.03 32.32
N LEU E 188 -6.00 41.02 33.62
CA LEU E 188 -6.64 42.16 34.27
C LEU E 188 -5.71 43.37 34.25
N ASP E 189 -4.53 43.20 34.85
CA ASP E 189 -3.56 44.30 34.97
C ASP E 189 -3.10 44.87 33.63
N ILE E 190 -3.12 44.04 32.59
CA ILE E 190 -2.82 44.53 31.24
C ILE E 190 -4.04 45.19 30.57
N ALA E 191 -5.24 44.88 31.04
CA ALA E 191 -6.44 45.60 30.58
C ALA E 191 -6.51 47.01 31.18
N ASN E 192 -6.25 47.11 32.48
CA ASN E 192 -6.18 48.37 33.19
C ASN E 192 -5.09 49.32 32.68
N ALA E 193 -3.87 48.80 32.53
CA ALA E 193 -2.78 49.64 32.08
C ALA E 193 -3.06 50.21 30.69
N ALA E 194 -3.57 49.38 29.78
CA ALA E 194 -3.82 49.84 28.41
C ALA E 194 -4.98 50.81 28.33
N GLY E 195 -5.78 50.86 29.39
CA GLY E 195 -6.91 51.77 29.46
C GLY E 195 -8.17 51.24 28.79
N ILE E 196 -8.23 49.92 28.62
CA ILE E 196 -9.41 49.28 28.03
C ILE E 196 -10.35 48.84 29.14
N LYS E 197 -11.50 49.52 29.26
CA LYS E 197 -12.43 49.18 30.32
C LYS E 197 -13.63 48.39 29.78
N LYS E 198 -14.23 48.87 28.70
CA LYS E 198 -15.29 48.12 28.03
C LYS E 198 -14.62 47.34 26.91
N PRO E 199 -15.34 46.39 26.28
CA PRO E 199 -14.88 45.51 25.19
C PRO E 199 -14.16 46.19 24.02
N VAL E 200 -13.84 45.42 22.97
CA VAL E 200 -13.15 45.97 21.79
C VAL E 200 -13.62 45.36 20.47
N TYR E 201 -13.65 46.20 19.43
CA TYR E 201 -14.19 45.82 18.13
C TYR E 201 -13.12 45.28 17.17
N ASP E 206 -4.71 39.48 21.81
CA ASP E 206 -3.39 39.00 22.20
C ASP E 206 -3.37 37.50 22.51
N PRO E 207 -2.36 36.78 21.98
CA PRO E 207 -2.21 35.32 22.13
C PRO E 207 -1.95 34.87 23.57
N ASP E 208 -1.03 35.54 24.26
CA ASP E 208 -0.72 35.21 25.65
C ASP E 208 -1.85 35.57 26.59
N PHE E 209 -2.03 36.88 26.83
CA PHE E 209 -3.09 37.36 27.71
C PHE E 209 -4.19 38.04 26.90
N SER E 210 -5.34 37.40 26.78
CA SER E 210 -6.45 38.02 26.07
C SER E 210 -6.90 39.26 26.83
N ILE E 211 -7.32 40.28 26.08
CA ILE E 211 -7.65 41.57 26.67
C ILE E 211 -8.98 42.05 26.08
N SER E 212 -9.31 41.49 24.93
CA SER E 212 -10.54 41.76 24.18
C SER E 212 -11.76 42.14 25.05
N LEU E 213 -12.06 41.29 26.03
CA LEU E 213 -13.23 41.50 26.89
C LEU E 213 -13.19 42.83 27.66
N GLY E 214 -11.99 43.31 27.96
CA GLY E 214 -11.87 44.52 28.74
C GLY E 214 -12.05 44.29 30.22
N ALA E 215 -11.31 45.07 31.02
CA ALA E 215 -11.25 44.90 32.47
C ALA E 215 -12.60 44.77 33.20
N ASP E 216 -13.60 45.53 32.78
CA ASP E 216 -14.94 45.36 33.36
C ASP E 216 -15.32 43.89 33.25
N GLY E 217 -15.42 43.42 32.01
CA GLY E 217 -15.67 42.01 31.73
C GLY E 217 -14.71 41.06 32.43
N ILE E 218 -13.43 41.20 32.13
CA ILE E 218 -12.39 40.36 32.75
C ILE E 218 -12.55 40.19 34.27
N GLU E 219 -12.71 41.28 35.00
CA GLU E 219 -12.66 41.23 36.46
C GLU E 219 -13.79 40.42 37.10
N ARG E 220 -14.82 40.09 36.33
CA ARG E 220 -15.96 39.33 36.84
C ARG E 220 -15.79 37.86 36.42
N LYS E 221 -15.22 37.67 35.24
CA LYS E 221 -14.83 36.36 34.76
C LYS E 221 -13.78 35.80 35.70
N LEU E 222 -12.98 36.70 36.27
CA LEU E 222 -11.92 36.33 37.21
C LEU E 222 -12.48 35.82 38.52
N GLU E 223 -13.51 36.48 39.03
CA GLU E 223 -14.05 36.09 40.32
C GLU E 223 -15.02 34.93 40.18
N ILE E 224 -15.46 34.66 38.96
CA ILE E 224 -16.35 33.52 38.70
C ILE E 224 -15.54 32.22 38.66
N GLU E 225 -14.47 32.22 37.87
CA GLU E 225 -13.58 31.07 37.84
C GLU E 225 -12.99 30.82 39.23
N LYS E 226 -12.37 31.83 39.83
CA LYS E 226 -11.87 31.75 41.21
C LYS E 226 -12.86 31.12 42.19
N ALA E 227 -14.14 31.27 41.90
CA ALA E 227 -15.22 30.84 42.79
C ALA E 227 -15.62 29.41 42.50
N VAL E 228 -15.21 28.92 41.33
CA VAL E 228 -15.58 27.57 40.89
C VAL E 228 -14.90 26.50 41.76
N THR E 229 -15.65 25.43 41.98
CA THR E 229 -15.32 24.48 43.03
C THR E 229 -15.38 23.05 42.51
N ASP E 230 -16.20 22.83 41.48
CA ASP E 230 -16.32 21.51 40.85
C ASP E 230 -16.06 21.67 39.35
N VAL E 231 -14.97 21.06 38.88
CA VAL E 231 -14.54 21.20 37.49
C VAL E 231 -15.51 20.60 36.49
N ALA E 232 -16.51 19.89 36.99
CA ALA E 232 -17.51 19.27 36.13
C ALA E 232 -18.76 20.13 35.96
N GLU E 233 -18.81 21.26 36.65
CA GLU E 233 -19.96 22.14 36.57
C GLU E 233 -20.12 22.71 35.15
N LEU E 234 -19.02 23.14 34.55
CA LEU E 234 -19.08 23.75 33.23
C LEU E 234 -18.69 22.82 32.08
N ASN E 235 -18.09 21.68 32.41
CA ASN E 235 -17.61 20.74 31.40
C ASN E 235 -18.52 19.53 31.18
N GLY E 236 -19.14 19.45 30.00
CA GLY E 236 -20.08 18.39 29.67
C GLY E 236 -19.44 17.03 29.55
N GLU E 237 -18.24 16.98 28.98
CA GLU E 237 -17.51 15.71 28.92
C GLU E 237 -17.41 15.13 30.32
N LEU E 238 -16.72 15.82 31.21
CA LEU E 238 -16.50 15.32 32.57
C LEU E 238 -17.78 14.86 33.23
N ARG E 239 -18.89 15.52 32.91
CA ARG E 239 -20.18 15.02 33.35
C ARG E 239 -20.46 13.62 32.76
N ASN E 240 -20.36 13.50 31.44
CA ASN E 240 -20.69 12.24 30.79
C ASN E 240 -19.76 11.09 31.14
N ARG E 241 -18.51 11.40 31.44
CA ARG E 241 -17.61 10.36 31.92
C ARG E 241 -18.10 9.90 33.29
N GLN E 242 -18.45 10.83 34.16
CA GLN E 242 -19.01 10.45 35.46
C GLN E 242 -20.26 9.54 35.35
N TYR E 243 -21.05 9.72 34.30
CA TYR E 243 -22.20 8.86 34.04
C TYR E 243 -21.76 7.46 33.57
N LEU E 244 -20.77 7.41 32.68
CA LEU E 244 -20.21 6.14 32.22
C LEU E 244 -19.60 5.37 33.39
N VAL E 245 -18.70 6.00 34.15
CA VAL E 245 -18.11 5.32 35.31
C VAL E 245 -19.16 4.81 36.30
N GLU E 246 -20.27 5.53 36.44
CA GLU E 246 -21.32 5.12 37.34
C GLU E 246 -22.03 3.87 36.81
N GLN E 247 -22.39 3.89 35.54
CA GLN E 247 -23.07 2.75 34.95
C GLN E 247 -22.23 1.50 35.07
N LEU E 248 -20.93 1.65 34.76
CA LEU E 248 -19.96 0.57 34.76
C LEU E 248 -19.84 -0.03 36.15
N THR E 249 -19.78 0.84 37.16
CA THR E 249 -19.83 0.40 38.55
C THR E 249 -21.03 -0.49 38.89
N LYS E 250 -22.13 -0.27 38.18
CA LYS E 250 -23.36 -1.01 38.42
C LYS E 250 -23.44 -2.26 37.60
N ALA E 251 -22.82 -2.22 36.43
CA ALA E 251 -22.95 -3.29 35.47
C ALA E 251 -22.71 -4.60 36.21
N ASN E 252 -23.53 -5.58 35.88
CA ASN E 252 -23.45 -6.91 36.48
C ASN E 252 -23.47 -7.96 35.37
N ILE E 253 -22.81 -9.10 35.56
CA ILE E 253 -22.98 -10.18 34.60
C ILE E 253 -23.55 -11.37 35.33
N ASN E 254 -24.72 -11.82 34.93
CA ASN E 254 -25.37 -12.89 35.68
C ASN E 254 -25.12 -14.31 35.17
N ASP E 255 -24.87 -15.23 36.11
CA ASP E 255 -24.64 -16.63 35.80
C ASP E 255 -25.49 -17.10 34.64
N VAL E 256 -24.95 -17.01 33.43
CA VAL E 256 -25.68 -17.49 32.27
C VAL E 256 -25.26 -18.93 32.01
N ASN E 257 -26.22 -19.75 31.59
CA ASN E 257 -25.88 -21.10 31.19
C ASN E 257 -25.83 -21.22 29.67
N PHE E 258 -24.80 -21.89 29.19
CA PHE E 258 -24.68 -22.23 27.78
C PHE E 258 -23.90 -23.53 27.77
N THR E 259 -23.61 -24.07 26.60
CA THR E 259 -22.80 -25.27 26.47
C THR E 259 -21.74 -25.09 25.40
N PRO E 260 -20.45 -25.24 25.76
CA PRO E 260 -19.36 -24.85 24.84
C PRO E 260 -19.16 -25.78 23.66
N PHE E 261 -20.21 -26.47 23.25
CA PHE E 261 -20.16 -27.33 22.08
C PHE E 261 -21.56 -27.65 21.61
N LYS E 262 -21.63 -28.27 20.43
CA LYS E 262 -22.87 -28.90 19.99
C LYS E 262 -22.65 -30.39 19.67
N TYR E 263 -23.52 -31.25 20.20
CA TYR E 263 -23.49 -32.68 19.85
C TYR E 263 -23.85 -32.94 18.38
N GLN E 264 -22.96 -33.62 17.69
CA GLN E 264 -23.36 -34.28 16.46
C GLN E 264 -23.98 -35.64 16.81
N LEU E 265 -23.50 -36.20 17.91
CA LEU E 265 -24.05 -37.41 18.50
C LEU E 265 -23.86 -37.30 20.01
N SER E 266 -24.95 -37.33 20.77
CA SER E 266 -24.88 -37.41 22.23
C SER E 266 -24.46 -38.82 22.64
N PRO E 267 -23.90 -38.98 23.86
CA PRO E 267 -23.31 -40.25 24.32
C PRO E 267 -24.19 -41.49 24.08
N SER E 268 -23.61 -42.46 23.35
CA SER E 268 -24.29 -43.65 22.87
C SER E 268 -24.69 -44.57 23.98
N LEU E 269 -25.67 -45.41 23.67
CA LEU E 269 -25.93 -46.64 24.40
C LEU E 269 -25.65 -47.79 23.42
N PRO E 270 -24.45 -48.37 23.49
CA PRO E 270 -24.00 -49.34 22.47
C PRO E 270 -24.76 -50.67 22.47
N TRP F 9 -31.91 -50.98 -4.10
CA TRP F 9 -32.58 -50.94 -2.80
C TRP F 9 -31.66 -50.13 -1.93
N THR F 10 -30.72 -49.47 -2.61
CA THR F 10 -30.14 -48.26 -2.11
C THR F 10 -30.73 -47.09 -2.93
N SER F 11 -31.30 -46.08 -2.25
CA SER F 11 -31.85 -44.91 -2.93
C SER F 11 -30.93 -43.71 -2.76
N ALA F 12 -30.77 -42.95 -3.84
CA ALA F 12 -29.76 -41.92 -3.89
C ALA F 12 -30.32 -40.56 -4.24
N ALA F 13 -29.82 -39.54 -3.57
CA ALA F 13 -30.05 -38.18 -3.95
C ALA F 13 -28.69 -37.53 -4.24
N VAL F 14 -28.59 -36.74 -5.31
CA VAL F 14 -27.45 -35.86 -5.38
C VAL F 14 -27.85 -34.39 -5.24
N VAL F 15 -27.12 -33.70 -4.37
CA VAL F 15 -27.54 -32.48 -3.73
C VAL F 15 -26.46 -31.40 -3.83
N THR F 16 -26.82 -30.27 -4.42
CA THR F 16 -25.92 -29.13 -4.66
C THR F 16 -26.37 -27.92 -3.84
N PRO F 17 -25.47 -26.94 -3.59
CA PRO F 17 -25.86 -25.76 -2.83
C PRO F 17 -26.89 -24.92 -3.60
N PRO F 18 -27.76 -24.20 -2.88
CA PRO F 18 -28.98 -23.64 -3.50
C PRO F 18 -28.70 -22.44 -4.40
N GLU F 19 -29.37 -22.43 -5.54
CA GLU F 19 -29.25 -21.32 -6.49
C GLU F 19 -29.99 -20.06 -5.99
N PRO F 20 -29.64 -18.88 -6.55
CA PRO F 20 -30.29 -17.59 -6.26
C PRO F 20 -31.83 -17.61 -6.29
N VAL F 21 -32.43 -17.98 -7.42
CA VAL F 21 -33.90 -17.96 -7.57
C VAL F 21 -34.62 -18.45 -6.33
N GLN F 22 -33.99 -19.38 -5.61
CA GLN F 22 -34.57 -19.95 -4.41
C GLN F 22 -34.47 -19.02 -3.20
N TRP F 23 -33.75 -17.92 -3.36
CA TRP F 23 -33.38 -17.12 -2.22
C TRP F 23 -34.14 -15.78 -2.20
N GLN F 24 -35.02 -15.60 -3.17
CA GLN F 24 -35.73 -14.34 -3.36
C GLN F 24 -36.55 -13.95 -2.12
N GLU F 25 -37.42 -14.85 -1.66
CA GLU F 25 -38.19 -14.57 -0.44
C GLU F 25 -37.26 -14.19 0.70
N LEU F 26 -36.22 -14.97 0.91
CA LEU F 26 -35.22 -14.60 1.90
C LEU F 26 -34.64 -13.19 1.68
N GLU F 27 -34.44 -12.83 0.42
CA GLU F 27 -33.77 -11.58 0.11
C GLU F 27 -34.64 -10.32 0.33
N LYS F 28 -35.93 -10.44 0.06
CA LYS F 28 -36.89 -9.41 0.48
C LYS F 28 -36.79 -9.15 1.99
N THR F 29 -36.88 -10.22 2.77
CA THR F 29 -36.80 -10.16 4.22
C THR F 29 -35.48 -9.57 4.76
N PHE F 30 -34.46 -9.50 3.93
CA PHE F 30 -33.16 -8.98 4.33
C PHE F 30 -33.01 -7.50 3.95
N THR F 31 -33.60 -7.15 2.81
CA THR F 31 -33.63 -5.78 2.33
C THR F 31 -34.43 -4.89 3.29
N LYS F 32 -35.52 -5.43 3.85
CA LYS F 32 -36.30 -4.68 4.82
C LYS F 32 -35.48 -4.35 6.05
N LEU F 33 -34.51 -5.18 6.42
CA LEU F 33 -33.70 -4.89 7.61
C LEU F 33 -32.50 -4.02 7.26
N ARG F 34 -32.08 -4.09 6.00
CA ARG F 34 -30.95 -3.28 5.57
C ARG F 34 -31.32 -1.82 5.79
N VAL F 35 -32.55 -1.49 5.40
CA VAL F 35 -33.15 -0.17 5.59
C VAL F 35 -33.14 0.29 7.05
N LEU F 36 -33.33 -0.64 7.99
CA LEU F 36 -33.24 -0.33 9.42
C LEU F 36 -31.82 -0.45 9.99
N ASP F 37 -30.81 -0.14 9.17
CA ASP F 37 -29.40 -0.29 9.55
C ASP F 37 -29.11 -1.67 10.17
N LEU F 38 -29.39 -2.72 9.40
CA LEU F 38 -29.17 -4.07 9.90
C LEU F 38 -28.75 -4.97 8.72
N ASP F 39 -27.45 -5.14 8.52
CA ASP F 39 -27.04 -5.93 7.37
C ASP F 39 -26.79 -7.40 7.70
N ILE F 40 -27.68 -8.26 7.21
CA ILE F 40 -27.69 -9.68 7.57
C ILE F 40 -27.79 -10.57 6.33
N LYS F 41 -26.91 -11.56 6.24
CA LYS F 41 -27.05 -12.58 5.21
C LYS F 41 -27.01 -13.98 5.84
N ILE F 42 -27.79 -14.90 5.28
CA ILE F 42 -27.45 -16.31 5.39
C ILE F 42 -26.93 -16.66 4.00
N ASP F 43 -25.68 -17.11 3.94
CA ASP F 43 -25.05 -17.37 2.65
C ASP F 43 -25.66 -18.65 2.06
N ARG F 44 -25.85 -18.69 0.75
CA ARG F 44 -26.36 -19.91 0.12
C ARG F 44 -25.40 -21.06 0.40
N THR F 45 -24.09 -20.82 0.33
CA THR F 45 -23.17 -21.93 0.62
C THR F 45 -23.05 -22.25 2.12
N GLU F 46 -23.10 -21.25 3.00
CA GLU F 46 -23.09 -21.57 4.43
C GLU F 46 -24.33 -22.37 4.87
N ALA F 47 -25.45 -22.19 4.17
CA ALA F 47 -26.65 -22.97 4.49
C ALA F 47 -26.47 -24.41 4.03
N PHE F 48 -26.03 -24.60 2.79
CA PHE F 48 -25.79 -25.92 2.24
C PHE F 48 -24.85 -26.72 3.15
N ASN F 49 -23.77 -26.09 3.58
CA ASN F 49 -22.88 -26.73 4.53
C ASN F 49 -23.58 -27.07 5.85
N LEU F 50 -24.53 -26.25 6.27
CA LEU F 50 -25.26 -26.54 7.49
C LEU F 50 -26.23 -27.69 7.30
N PHE F 51 -26.72 -27.85 6.07
CA PHE F 51 -27.57 -29.00 5.72
C PHE F 51 -26.79 -30.30 5.86
N ILE F 52 -25.65 -30.36 5.19
CA ILE F 52 -24.74 -31.48 5.32
C ILE F 52 -24.39 -31.80 6.79
N LYS F 53 -23.80 -30.85 7.51
CA LYS F 53 -23.41 -31.11 8.90
C LYS F 53 -24.53 -31.66 9.78
N LYS F 54 -25.78 -31.29 9.49
CA LYS F 54 -26.90 -31.80 10.27
C LYS F 54 -27.32 -33.16 9.74
N PHE F 55 -27.29 -33.32 8.42
CA PHE F 55 -27.64 -34.58 7.79
C PHE F 55 -26.75 -35.71 8.28
N GLN F 56 -25.51 -35.33 8.59
CA GLN F 56 -24.50 -36.24 9.10
C GLN F 56 -24.63 -36.49 10.60
N SER F 57 -25.58 -35.83 11.25
CA SER F 57 -25.74 -36.05 12.67
C SER F 57 -26.45 -37.38 12.92
N VAL F 58 -25.84 -38.21 13.76
CA VAL F 58 -26.40 -39.52 14.04
C VAL F 58 -27.54 -39.36 15.02
N SER F 59 -27.36 -38.47 16.01
CA SER F 59 -28.39 -38.25 17.01
C SER F 59 -29.64 -37.73 16.35
N LEU F 60 -29.49 -36.89 15.34
CA LEU F 60 -30.66 -36.42 14.61
C LEU F 60 -31.31 -37.58 13.84
N LEU F 61 -30.48 -38.35 13.13
CA LEU F 61 -30.99 -39.49 12.37
C LEU F 61 -31.80 -40.39 13.28
N GLU F 62 -31.28 -40.59 14.50
CA GLU F 62 -32.00 -41.38 15.50
C GLU F 62 -33.35 -40.74 15.81
N GLU F 63 -33.34 -39.52 16.33
CA GLU F 63 -34.57 -38.77 16.60
C GLU F 63 -35.57 -38.84 15.44
N TYR F 64 -35.10 -38.69 14.20
CA TYR F 64 -35.98 -38.75 13.02
C TYR F 64 -36.59 -40.13 12.84
N LEU F 65 -35.77 -41.17 12.90
CA LEU F 65 -36.26 -42.52 12.63
C LEU F 65 -37.38 -42.89 13.60
N ARG F 66 -37.19 -42.55 14.89
CA ARG F 66 -38.18 -42.82 15.92
C ARG F 66 -39.48 -42.05 15.66
N SER F 67 -39.40 -40.73 15.71
CA SER F 67 -40.55 -39.89 15.43
C SER F 67 -41.42 -40.38 14.26
N SER F 68 -40.81 -40.93 13.22
CA SER F 68 -41.54 -41.28 11.99
C SER F 68 -42.45 -42.49 12.13
N PRO F 69 -43.73 -42.32 11.76
CA PRO F 69 -44.70 -43.42 11.80
C PRO F 69 -44.28 -44.53 10.84
N TYR F 70 -44.11 -44.18 9.58
CA TYR F 70 -43.78 -45.14 8.53
C TYR F 70 -42.61 -46.06 8.87
N VAL F 71 -41.72 -45.62 9.74
CA VAL F 71 -40.62 -46.47 10.15
C VAL F 71 -41.07 -47.33 11.33
N MET F 72 -41.91 -46.77 12.19
CA MET F 72 -42.32 -47.46 13.41
C MET F 72 -43.13 -48.77 13.28
N ASP F 73 -43.87 -48.95 12.18
CA ASP F 73 -44.63 -50.19 11.99
C ASP F 73 -43.74 -51.41 11.71
N GLN F 74 -42.89 -51.27 10.70
CA GLN F 74 -42.02 -52.35 10.21
C GLN F 74 -40.86 -52.64 11.16
N ASP F 81 -39.49 -57.80 18.14
CA ASP F 81 -39.39 -56.34 18.06
C ASP F 81 -40.09 -55.66 19.25
N GLU F 82 -39.62 -55.99 20.46
CA GLU F 82 -40.04 -55.30 21.70
C GLU F 82 -39.05 -54.18 22.06
N LEU F 83 -38.57 -54.13 23.31
CA LEU F 83 -37.59 -53.10 23.71
C LEU F 83 -36.14 -53.34 23.19
N ASP F 84 -36.02 -54.25 22.21
CA ASP F 84 -34.80 -54.35 21.41
C ASP F 84 -34.82 -53.26 20.33
N LEU F 85 -35.91 -52.50 20.29
CA LEU F 85 -36.07 -51.35 19.39
C LEU F 85 -34.72 -50.66 19.17
N HIS F 86 -34.16 -50.18 20.26
CA HIS F 86 -32.89 -49.46 20.26
C HIS F 86 -31.84 -49.99 19.30
N ARG F 87 -31.72 -51.32 19.20
CA ARG F 87 -30.70 -51.91 18.33
C ARG F 87 -31.14 -51.89 16.87
N ALA F 88 -32.45 -51.87 16.64
CA ALA F 88 -32.95 -51.81 15.28
C ALA F 88 -32.80 -50.40 14.71
N ILE F 89 -32.98 -49.39 15.57
CA ILE F 89 -32.79 -48.02 15.15
C ILE F 89 -31.34 -47.83 14.82
N VAL F 90 -30.47 -48.27 15.73
CA VAL F 90 -29.02 -48.16 15.51
C VAL F 90 -28.63 -48.86 14.22
N ALA F 91 -29.40 -49.89 13.88
CA ALA F 91 -29.18 -50.67 12.66
C ALA F 91 -29.58 -49.93 11.39
N LEU F 92 -30.76 -49.34 11.41
CA LEU F 92 -31.25 -48.51 10.31
C LEU F 92 -30.34 -47.31 10.08
N SER F 93 -29.87 -46.72 11.18
CA SER F 93 -29.04 -45.53 11.12
C SER F 93 -27.68 -45.78 10.46
N GLU F 94 -27.23 -47.04 10.50
CA GLU F 94 -25.98 -47.38 9.84
C GLU F 94 -26.12 -47.34 8.31
N LYS F 95 -27.35 -47.37 7.82
CA LYS F 95 -27.57 -47.40 6.38
C LYS F 95 -27.76 -46.03 5.73
N MET F 96 -27.82 -44.99 6.57
CA MET F 96 -27.80 -43.58 6.12
C MET F 96 -26.37 -43.11 5.92
N LYS F 97 -26.12 -42.46 4.78
CA LYS F 97 -24.74 -42.14 4.40
C LYS F 97 -24.65 -40.99 3.40
N ALA F 98 -23.61 -40.17 3.56
CA ALA F 98 -23.49 -38.96 2.77
C ALA F 98 -22.04 -38.73 2.34
N VAL F 99 -21.83 -38.43 1.07
CA VAL F 99 -20.48 -38.36 0.51
C VAL F 99 -20.27 -37.17 -0.42
N ASP F 100 -19.11 -36.56 -0.30
CA ASP F 100 -18.66 -35.46 -1.15
C ASP F 100 -18.13 -36.05 -2.47
N ASP F 101 -18.75 -35.70 -3.61
CA ASP F 101 -18.22 -36.14 -4.89
C ASP F 101 -16.86 -35.49 -5.15
N ASN F 102 -15.93 -35.80 -4.28
CA ASN F 102 -14.55 -35.30 -4.36
C ASN F 102 -13.65 -36.23 -3.52
N ALA F 103 -12.65 -36.83 -4.18
CA ALA F 103 -11.71 -37.75 -3.52
C ALA F 103 -10.62 -36.97 -2.78
N SER F 111 -13.13 -28.38 -10.06
CA SER F 111 -14.52 -28.86 -9.97
C SER F 111 -15.55 -27.75 -10.18
N LEU F 112 -16.47 -28.00 -11.12
CA LEU F 112 -17.45 -27.01 -11.56
C LEU F 112 -18.46 -26.54 -10.49
N TYR F 113 -18.82 -27.40 -9.55
CA TYR F 113 -19.70 -27.00 -8.47
C TYR F 113 -19.66 -28.02 -7.35
N THR F 114 -19.90 -27.58 -6.12
CA THR F 114 -20.03 -28.48 -4.98
C THR F 114 -21.17 -29.48 -5.21
N SER F 115 -20.99 -30.73 -4.78
CA SER F 115 -21.98 -31.77 -5.02
C SER F 115 -21.84 -32.96 -4.05
N TRP F 116 -22.89 -33.25 -3.29
CA TRP F 116 -22.88 -34.43 -2.43
C TRP F 116 -23.86 -35.49 -2.88
N THR F 117 -23.54 -36.76 -2.58
CA THR F 117 -24.45 -37.87 -2.82
C THR F 117 -24.97 -38.36 -1.50
N LEU F 118 -26.29 -38.42 -1.41
CA LEU F 118 -26.98 -38.86 -0.21
C LEU F 118 -27.68 -40.16 -0.53
N SER F 119 -27.67 -41.08 0.43
CA SER F 119 -28.15 -42.40 0.13
C SER F 119 -28.64 -43.14 1.36
N PHE F 120 -29.63 -43.97 1.12
CA PHE F 120 -30.14 -44.86 2.13
C PHE F 120 -30.43 -46.16 1.42
N THR F 121 -30.28 -47.26 2.16
CA THR F 121 -30.48 -48.61 1.61
C THR F 121 -31.45 -49.40 2.50
N ALA F 122 -32.36 -50.11 1.85
CA ALA F 122 -33.39 -50.83 2.59
C ALA F 122 -33.95 -52.01 1.79
N PRO F 123 -34.46 -53.02 2.50
CA PRO F 123 -35.03 -54.27 1.98
C PRO F 123 -35.98 -54.10 0.79
N THR F 124 -37.02 -53.30 0.88
CA THR F 124 -37.75 -53.02 -0.33
C THR F 124 -37.21 -51.75 -0.97
N SER F 125 -37.57 -51.52 -2.23
CA SER F 125 -37.11 -50.34 -2.95
C SER F 125 -37.81 -49.09 -2.46
N GLU F 126 -39.13 -49.16 -2.40
CA GLU F 126 -39.93 -48.02 -1.99
C GLU F 126 -39.65 -47.69 -0.54
N GLU F 127 -39.13 -48.65 0.23
CA GLU F 127 -38.79 -48.40 1.63
C GLU F 127 -37.45 -47.68 1.78
N ALA F 128 -36.72 -47.53 0.67
CA ALA F 128 -35.50 -46.72 0.69
C ALA F 128 -35.85 -45.28 0.36
N GLN F 129 -36.41 -45.09 -0.84
CA GLN F 129 -36.82 -43.77 -1.30
C GLN F 129 -37.64 -43.05 -0.24
N THR F 130 -38.66 -43.72 0.28
CA THR F 130 -39.47 -43.13 1.34
C THR F 130 -38.64 -42.68 2.54
N VAL F 131 -37.83 -43.58 3.10
CA VAL F 131 -37.08 -43.20 4.29
C VAL F 131 -36.07 -42.07 4.02
N LEU F 132 -35.43 -42.11 2.85
CA LEU F 132 -34.45 -41.10 2.46
C LEU F 132 -35.07 -39.71 2.33
N SER F 133 -35.88 -39.57 1.29
CA SER F 133 -36.71 -38.41 1.03
C SER F 133 -37.34 -37.82 2.30
N GLY F 134 -37.78 -38.70 3.20
CA GLY F 134 -38.29 -38.27 4.50
C GLY F 134 -37.25 -37.59 5.37
N TYR F 135 -36.06 -38.17 5.49
CA TYR F 135 -35.00 -37.59 6.31
C TYR F 135 -34.51 -36.27 5.73
N ILE F 136 -34.33 -36.25 4.42
CA ILE F 136 -33.95 -35.02 3.75
C ILE F 136 -34.89 -33.90 4.23
N ASP F 137 -36.20 -34.15 4.13
CA ASP F 137 -37.21 -33.19 4.57
C ASP F 137 -37.07 -32.81 6.04
N TYR F 138 -37.16 -33.78 6.94
CA TYR F 138 -36.94 -33.52 8.35
C TYR F 138 -35.69 -32.64 8.63
N ILE F 139 -34.60 -32.88 7.90
CA ILE F 139 -33.41 -32.08 8.18
C ILE F 139 -33.55 -30.67 7.58
N SER F 140 -33.92 -30.61 6.32
CA SER F 140 -34.16 -29.34 5.65
C SER F 140 -34.99 -28.40 6.53
N ALA F 141 -36.03 -28.95 7.15
CA ALA F 141 -36.91 -28.16 7.99
C ALA F 141 -36.16 -27.66 9.22
N LEU F 142 -35.11 -28.37 9.60
CA LEU F 142 -34.35 -27.89 10.73
C LEU F 142 -33.45 -26.69 10.43
N VAL F 143 -32.76 -26.71 9.30
CA VAL F 143 -31.86 -25.60 9.01
C VAL F 143 -32.68 -24.34 8.87
N VAL F 144 -33.79 -24.43 8.14
CA VAL F 144 -34.76 -23.35 8.04
C VAL F 144 -35.17 -22.80 9.41
N LYS F 145 -35.64 -23.67 10.30
CA LYS F 145 -36.01 -23.26 11.66
C LYS F 145 -34.87 -22.55 12.42
N GLU F 146 -33.66 -23.08 12.35
CA GLU F 146 -32.52 -22.41 12.97
C GLU F 146 -32.14 -21.14 12.21
N SER F 147 -32.28 -21.19 10.90
CA SER F 147 -31.94 -20.07 10.03
C SER F 147 -32.75 -18.80 10.31
N ILE F 148 -34.09 -18.90 10.29
CA ILE F 148 -34.91 -17.73 10.57
C ILE F 148 -34.87 -17.34 12.04
N GLU F 149 -34.77 -18.30 12.96
CA GLU F 149 -34.68 -17.92 14.37
C GLU F 149 -33.29 -17.34 14.69
N ASN F 150 -32.38 -17.47 13.74
CA ASN F 150 -31.08 -16.84 13.87
C ASN F 150 -31.18 -15.38 13.47
N VAL F 151 -31.94 -15.14 12.40
CA VAL F 151 -32.25 -13.79 11.98
C VAL F 151 -33.01 -13.02 13.07
N ARG F 152 -33.99 -13.68 13.67
CA ARG F 152 -34.79 -13.08 14.72
C ARG F 152 -33.94 -12.72 15.94
N ASN F 153 -32.79 -13.36 16.11
CA ASN F 153 -31.92 -13.00 17.22
C ASN F 153 -31.12 -11.75 16.93
N LYS F 154 -30.69 -11.64 15.68
CA LYS F 154 -29.99 -10.46 15.22
C LYS F 154 -30.88 -9.21 15.34
N LEU F 155 -32.17 -9.37 15.04
CA LEU F 155 -33.13 -8.29 15.12
C LEU F 155 -33.32 -7.85 16.57
N GLU F 156 -33.30 -8.80 17.50
CA GLU F 156 -33.54 -8.48 18.90
C GLU F 156 -32.28 -7.96 19.62
N ILE F 157 -31.09 -8.23 19.10
CA ILE F 157 -29.92 -7.53 19.63
C ILE F 157 -29.82 -6.11 19.04
N LYS F 158 -29.98 -5.97 17.74
CA LYS F 158 -30.06 -4.64 17.12
C LYS F 158 -31.01 -3.70 17.89
N THR F 159 -32.21 -4.19 18.19
CA THR F 159 -33.20 -3.41 18.92
C THR F 159 -32.77 -3.07 20.33
N GLN F 160 -32.41 -4.06 21.13
CA GLN F 160 -32.04 -3.76 22.51
C GLN F 160 -30.83 -2.85 22.56
N PHE F 161 -30.07 -2.82 21.49
CA PHE F 161 -28.92 -1.95 21.42
C PHE F 161 -29.36 -0.51 21.12
N GLU F 162 -29.93 -0.29 19.93
CA GLU F 162 -30.30 1.05 19.51
C GLU F 162 -31.18 1.69 20.54
N LYS F 163 -31.96 0.86 21.22
CA LYS F 163 -32.82 1.34 22.28
C LYS F 163 -32.02 1.71 23.54
N GLU F 164 -31.14 0.81 24.00
CA GLU F 164 -30.28 1.11 25.15
C GLU F 164 -29.31 2.26 24.86
N LYS F 165 -28.95 2.43 23.60
CA LYS F 165 -28.04 3.50 23.19
C LYS F 165 -28.73 4.87 23.22
N LEU F 166 -30.02 4.89 22.87
CA LEU F 166 -30.80 6.13 22.84
C LEU F 166 -30.97 6.69 24.24
N ALA F 167 -31.54 5.89 25.14
CA ALA F 167 -31.63 6.25 26.55
C ALA F 167 -30.35 6.86 27.11
N GLN F 168 -29.21 6.31 26.72
CA GLN F 168 -27.94 6.80 27.24
C GLN F 168 -27.57 8.13 26.59
N ASP F 169 -27.90 8.29 25.32
CA ASP F 169 -27.56 9.53 24.63
C ASP F 169 -28.52 10.65 25.01
N ARG F 170 -29.70 10.29 25.50
CA ARG F 170 -30.63 11.28 26.00
C ARG F 170 -30.15 11.79 27.33
N ILE F 171 -29.45 10.96 28.07
CA ILE F 171 -28.86 11.44 29.32
C ILE F 171 -27.59 12.23 29.01
N LYS F 172 -26.82 11.76 28.04
CA LYS F 172 -25.60 12.47 27.68
C LYS F 172 -25.96 13.88 27.23
N MET F 173 -27.00 13.98 26.41
CA MET F 173 -27.50 15.26 25.90
C MET F 173 -27.89 16.22 27.00
N LYS F 174 -28.68 15.72 27.94
CA LYS F 174 -29.17 16.50 29.06
C LYS F 174 -28.06 16.90 30.02
N ASN F 175 -27.00 16.10 30.10
CA ASN F 175 -25.86 16.46 30.92
C ASN F 175 -25.19 17.70 30.37
N GLN F 176 -25.26 17.84 29.06
CA GLN F 176 -24.62 18.93 28.31
C GLN F 176 -25.44 20.20 28.44
N LEU F 177 -26.76 20.06 28.36
CA LEU F 177 -27.66 21.17 28.64
C LEU F 177 -27.30 21.80 29.98
N ASP F 178 -27.15 20.98 31.01
CA ASP F 178 -26.92 21.54 32.34
C ASP F 178 -25.58 22.27 32.46
N ALA F 179 -24.57 21.81 31.72
CA ALA F 179 -23.29 22.53 31.68
C ALA F 179 -23.44 23.87 30.95
N ASN F 180 -24.26 23.86 29.91
CA ASN F 180 -24.49 25.02 29.07
C ASN F 180 -25.28 26.08 29.80
N ILE F 181 -26.29 25.63 30.54
CA ILE F 181 -27.07 26.52 31.37
C ILE F 181 -26.17 27.18 32.39
N GLN F 182 -25.31 26.42 33.04
CA GLN F 182 -24.41 27.02 34.02
C GLN F 182 -23.53 28.06 33.36
N ARG F 183 -23.09 27.75 32.14
CA ARG F 183 -22.19 28.60 31.38
C ARG F 183 -22.92 29.88 31.00
N LEU F 184 -24.13 29.72 30.47
CA LEU F 184 -24.97 30.85 30.10
C LEU F 184 -25.10 31.76 31.30
N ASN F 185 -25.47 31.17 32.43
CA ASN F 185 -25.63 31.92 33.67
C ASN F 185 -24.43 32.85 33.92
N TYR F 186 -23.22 32.32 33.75
CA TYR F 186 -22.06 33.16 33.97
C TYR F 186 -21.86 34.19 32.87
N SER F 187 -22.21 33.84 31.64
CA SER F 187 -22.22 34.82 30.55
C SER F 187 -23.12 36.01 30.90
N LEU F 188 -24.19 35.72 31.65
CA LEU F 188 -25.17 36.71 32.03
C LEU F 188 -24.65 37.63 33.12
N ASP F 189 -23.62 37.22 33.84
CA ASP F 189 -23.02 38.13 34.83
C ASP F 189 -21.81 38.85 34.28
N ILE F 190 -21.19 38.30 33.25
CA ILE F 190 -20.09 38.98 32.58
C ILE F 190 -20.62 40.12 31.68
N ALA F 191 -21.66 39.85 30.88
CA ALA F 191 -22.23 40.87 29.99
C ALA F 191 -22.71 42.08 30.79
N ASN F 192 -23.34 41.82 31.94
CA ASN F 192 -23.74 42.90 32.85
C ASN F 192 -22.55 43.70 33.41
N ALA F 193 -21.54 42.98 33.89
CA ALA F 193 -20.34 43.63 34.40
C ALA F 193 -19.63 44.46 33.32
N ALA F 194 -19.74 44.06 32.07
CA ALA F 194 -19.10 44.79 30.97
C ALA F 194 -20.03 45.87 30.44
N GLY F 195 -21.31 45.73 30.77
CA GLY F 195 -22.33 46.69 30.42
C GLY F 195 -23.04 46.39 29.12
N ILE F 196 -22.64 45.31 28.45
CA ILE F 196 -23.24 44.92 27.18
C ILE F 196 -24.69 44.47 27.36
N LYS F 197 -25.62 45.29 26.88
CA LYS F 197 -27.05 45.00 27.07
C LYS F 197 -27.73 44.70 25.74
N LYS F 198 -27.05 45.08 24.66
CA LYS F 198 -27.56 44.82 23.33
C LYS F 198 -26.47 44.08 22.59
N PRO F 199 -26.83 43.44 21.47
CA PRO F 199 -25.91 42.69 20.61
C PRO F 199 -24.70 43.50 20.12
N VAL F 200 -23.76 42.84 19.41
CA VAL F 200 -22.56 43.52 18.95
C VAL F 200 -22.13 43.13 17.52
N ASP F 206 -16.08 35.98 23.06
CA ASP F 206 -15.27 35.32 24.09
C ASP F 206 -15.35 33.79 24.02
N PRO F 207 -14.17 33.13 23.99
CA PRO F 207 -14.10 31.67 23.89
C PRO F 207 -14.86 30.97 25.03
N ASP F 208 -14.61 31.37 26.28
CA ASP F 208 -15.14 30.69 27.45
C ASP F 208 -16.61 31.06 27.77
N PHE F 209 -16.93 32.36 27.73
CA PHE F 209 -18.29 32.79 28.03
C PHE F 209 -18.77 33.80 27.00
N SER F 210 -19.30 33.31 25.87
CA SER F 210 -19.80 34.19 24.81
C SER F 210 -20.83 35.22 25.31
N ILE F 211 -20.53 36.50 25.12
CA ILE F 211 -21.43 37.58 25.55
C ILE F 211 -21.84 38.47 24.38
N SER F 212 -21.50 38.03 23.17
CA SER F 212 -21.71 38.80 21.94
C SER F 212 -23.17 38.96 21.59
N LEU F 213 -24.06 38.44 22.44
CA LEU F 213 -25.48 38.56 22.21
C LEU F 213 -26.05 39.66 23.12
N GLY F 214 -25.33 40.01 24.17
CA GLY F 214 -25.79 41.01 25.11
C GLY F 214 -26.80 40.47 26.11
N ALA F 215 -26.61 40.83 27.38
CA ALA F 215 -27.38 40.25 28.48
C ALA F 215 -28.89 40.25 28.31
N ASP F 216 -29.40 41.07 27.39
CA ASP F 216 -30.84 41.14 27.16
C ASP F 216 -31.34 39.86 26.50
N GLY F 217 -30.73 39.53 25.37
CA GLY F 217 -30.97 38.27 24.71
C GLY F 217 -30.49 37.10 25.53
N ILE F 218 -29.34 37.23 26.18
CA ILE F 218 -28.85 36.18 27.05
C ILE F 218 -29.89 35.82 28.09
N GLU F 219 -30.50 36.82 28.73
CA GLU F 219 -31.49 36.60 29.76
C GLU F 219 -32.73 35.78 29.30
N ARG F 220 -33.13 35.94 28.04
CA ARG F 220 -34.20 35.14 27.43
C ARG F 220 -33.69 33.74 27.04
N LYS F 221 -32.44 33.68 26.60
CA LYS F 221 -31.83 32.39 26.29
C LYS F 221 -31.84 31.60 27.58
N LEU F 222 -31.31 32.18 28.65
CA LEU F 222 -31.19 31.47 29.91
C LEU F 222 -32.51 30.88 30.44
N GLU F 223 -33.61 31.60 30.21
CA GLU F 223 -34.93 31.17 30.71
C GLU F 223 -35.64 30.21 29.74
N ILE F 224 -35.12 30.13 28.52
CA ILE F 224 -35.62 29.23 27.50
C ILE F 224 -35.04 27.82 27.66
N GLU F 225 -33.76 27.74 28.02
CA GLU F 225 -33.09 26.47 28.20
C GLU F 225 -33.61 25.82 29.46
N LYS F 226 -33.63 26.58 30.55
CA LYS F 226 -34.15 26.07 31.81
C LYS F 226 -35.54 25.45 31.64
N ALA F 227 -36.28 25.91 30.64
CA ALA F 227 -37.66 25.47 30.42
C ALA F 227 -37.73 24.22 29.56
N VAL F 228 -36.60 23.86 28.95
CA VAL F 228 -36.52 22.68 28.12
C VAL F 228 -36.74 21.42 28.97
N THR F 229 -37.62 20.54 28.50
CA THR F 229 -38.06 19.37 29.27
C THR F 229 -37.57 18.07 28.68
N ASP F 230 -37.73 17.97 27.36
CA ASP F 230 -37.39 16.80 26.61
C ASP F 230 -36.33 17.21 25.61
N VAL F 231 -35.13 16.63 25.72
CA VAL F 231 -34.03 17.04 24.84
C VAL F 231 -34.29 16.71 23.38
N ALA F 232 -35.37 15.99 23.10
CA ALA F 232 -35.66 15.64 21.72
C ALA F 232 -36.51 16.68 20.96
N GLU F 233 -36.83 17.82 21.59
CA GLU F 233 -37.58 18.85 20.87
C GLU F 233 -36.68 19.66 19.96
N LEU F 234 -35.44 19.87 20.39
CA LEU F 234 -34.47 20.65 19.66
C LEU F 234 -33.56 19.95 18.62
N ASN F 235 -33.23 18.66 18.80
CA ASN F 235 -32.45 17.93 17.76
C ASN F 235 -33.14 16.76 17.06
N GLY F 236 -33.08 16.76 15.73
CA GLY F 236 -33.75 15.77 14.93
C GLY F 236 -33.10 14.39 14.99
N GLU F 237 -31.78 14.37 15.18
CA GLU F 237 -31.10 13.09 15.22
C GLU F 237 -31.76 12.28 16.32
N LEU F 238 -31.90 12.89 17.49
CA LEU F 238 -32.47 12.21 18.64
C LEU F 238 -33.94 11.81 18.43
N ARG F 239 -34.68 12.56 17.61
CA ARG F 239 -36.05 12.19 17.27
C ARG F 239 -36.06 11.10 16.21
N ASN F 240 -35.09 11.14 15.33
CA ASN F 240 -34.96 10.11 14.31
C ASN F 240 -34.53 8.78 14.90
N ARG F 241 -33.59 8.82 15.84
CA ARG F 241 -33.15 7.61 16.52
C ARG F 241 -34.35 6.99 17.22
N GLN F 242 -35.06 7.80 17.98
CA GLN F 242 -36.36 7.39 18.52
C GLN F 242 -37.22 6.70 17.45
N TYR F 243 -37.26 7.28 16.26
CA TYR F 243 -38.03 6.75 15.15
C TYR F 243 -37.56 5.34 14.88
N LEU F 244 -36.24 5.19 14.81
CA LEU F 244 -35.62 3.92 14.44
C LEU F 244 -36.04 2.84 15.42
N VAL F 245 -35.78 3.07 16.71
CA VAL F 245 -36.16 2.09 17.71
C VAL F 245 -37.61 1.67 17.57
N GLU F 246 -38.45 2.56 17.07
CA GLU F 246 -39.85 2.22 16.83
C GLU F 246 -40.00 1.27 15.63
N GLN F 247 -39.48 1.65 14.45
CA GLN F 247 -39.44 0.78 13.27
C GLN F 247 -38.92 -0.63 13.59
N LEU F 248 -37.90 -0.72 14.44
CA LEU F 248 -37.29 -2.00 14.77
C LEU F 248 -38.18 -2.81 15.71
N THR F 249 -38.76 -2.13 16.69
CA THR F 249 -39.60 -2.75 17.70
C THR F 249 -40.94 -3.16 17.09
N LYS F 250 -41.11 -2.93 15.79
CA LYS F 250 -42.34 -3.33 15.13
C LYS F 250 -42.01 -4.34 14.05
N ALA F 251 -40.82 -4.20 13.46
CA ALA F 251 -40.38 -5.13 12.43
C ALA F 251 -40.50 -6.54 12.97
N ASN F 252 -40.92 -7.44 12.07
CA ASN F 252 -41.09 -8.85 12.38
C ASN F 252 -40.53 -9.71 11.26
N ILE F 253 -39.79 -10.76 11.59
CA ILE F 253 -39.35 -11.73 10.58
C ILE F 253 -40.39 -12.82 10.51
N ASN F 254 -40.98 -13.04 9.34
CA ASN F 254 -42.02 -14.05 9.22
C ASN F 254 -41.47 -15.41 8.81
N ASP F 255 -42.27 -16.47 8.97
CA ASP F 255 -41.82 -17.84 8.72
C ASP F 255 -41.63 -18.15 7.23
N VAL F 256 -40.46 -17.84 6.70
CA VAL F 256 -40.18 -18.05 5.28
C VAL F 256 -39.78 -19.49 5.02
N ASN F 257 -40.27 -20.05 3.91
CA ASN F 257 -39.88 -21.40 3.49
C ASN F 257 -38.86 -21.38 2.34
N PHE F 258 -37.69 -21.94 2.61
CA PHE F 258 -36.64 -22.10 1.60
C PHE F 258 -35.97 -23.46 1.81
N THR F 259 -35.23 -23.92 0.80
CA THR F 259 -34.50 -25.16 0.92
C THR F 259 -33.03 -24.86 0.77
N PRO F 260 -32.20 -25.33 1.73
CA PRO F 260 -30.77 -25.03 1.74
C PRO F 260 -29.97 -25.83 0.70
N PHE F 261 -30.64 -26.30 -0.35
CA PHE F 261 -29.97 -27.05 -1.40
C PHE F 261 -30.82 -27.11 -2.67
N LYS F 262 -30.22 -27.61 -3.74
CA LYS F 262 -30.87 -27.79 -5.04
C LYS F 262 -30.60 -29.23 -5.52
N TYR F 263 -31.63 -29.99 -5.89
CA TYR F 263 -31.43 -31.36 -6.38
C TYR F 263 -30.90 -31.39 -7.82
N GLN F 264 -29.90 -32.25 -8.04
CA GLN F 264 -29.50 -32.66 -9.38
C GLN F 264 -30.25 -33.96 -9.63
N LEU F 265 -30.48 -34.68 -8.55
CA LEU F 265 -31.25 -35.90 -8.58
C LEU F 265 -31.97 -36.04 -7.26
N SER F 266 -33.30 -35.92 -7.29
CA SER F 266 -34.10 -36.12 -6.07
C SER F 266 -34.15 -37.61 -5.78
N PRO F 267 -34.44 -37.98 -4.51
CA PRO F 267 -34.43 -39.37 -4.07
C PRO F 267 -34.96 -40.34 -5.13
N SER F 268 -34.09 -41.25 -5.57
CA SER F 268 -34.38 -42.17 -6.68
C SER F 268 -35.24 -43.36 -6.31
N LEU F 269 -35.92 -43.91 -7.30
CA LEU F 269 -36.61 -45.19 -7.14
C LEU F 269 -35.72 -46.30 -7.76
N PRO F 270 -34.99 -47.03 -6.89
CA PRO F 270 -33.86 -47.82 -7.36
C PRO F 270 -34.22 -49.03 -8.24
N TRP G 9 -24.76 -44.57 -34.81
CA TRP G 9 -25.84 -44.68 -33.83
C TRP G 9 -25.49 -44.05 -32.45
N THR G 10 -24.48 -43.18 -32.45
CA THR G 10 -24.23 -42.22 -31.35
C THR G 10 -24.09 -40.81 -31.91
N SER G 11 -24.96 -39.88 -31.49
CA SER G 11 -24.87 -38.46 -31.90
C SER G 11 -24.05 -37.60 -30.93
N ALA G 12 -23.30 -36.66 -31.47
CA ALA G 12 -22.50 -35.77 -30.64
C ALA G 12 -22.71 -34.27 -30.94
N ALA G 13 -22.59 -33.45 -29.91
CA ALA G 13 -22.49 -32.02 -30.11
C ALA G 13 -21.30 -31.47 -29.33
N VAL G 14 -20.61 -30.48 -29.91
CA VAL G 14 -19.57 -29.78 -29.17
C VAL G 14 -20.01 -28.36 -28.90
N VAL G 15 -19.72 -27.87 -27.70
CA VAL G 15 -20.46 -26.75 -27.13
C VAL G 15 -19.60 -25.86 -26.23
N THR G 16 -19.43 -24.57 -26.58
CA THR G 16 -18.60 -23.64 -25.78
C THR G 16 -19.43 -22.50 -25.19
N PRO G 17 -18.87 -21.68 -24.29
CA PRO G 17 -19.63 -20.49 -23.86
C PRO G 17 -20.01 -19.59 -25.03
N PRO G 18 -21.09 -18.81 -24.88
CA PRO G 18 -21.70 -18.07 -26.00
C PRO G 18 -20.90 -16.81 -26.27
N GLU G 19 -20.95 -16.35 -27.52
CA GLU G 19 -20.13 -15.21 -27.88
C GLU G 19 -20.84 -13.86 -27.68
N PRO G 20 -20.07 -12.78 -27.48
CA PRO G 20 -20.60 -11.42 -27.34
C PRO G 20 -21.78 -11.16 -28.27
N VAL G 21 -21.60 -11.41 -29.56
CA VAL G 21 -22.61 -11.05 -30.53
C VAL G 21 -23.95 -11.76 -30.31
N GLN G 22 -23.96 -12.79 -29.46
CA GLN G 22 -25.22 -13.46 -29.12
C GLN G 22 -25.95 -12.81 -27.92
N TRP G 23 -25.37 -11.74 -27.39
CA TRP G 23 -25.82 -11.20 -26.12
C TRP G 23 -26.53 -9.87 -26.30
N GLN G 24 -26.82 -9.47 -27.53
CA GLN G 24 -27.19 -8.10 -27.77
C GLN G 24 -28.55 -7.70 -27.14
N GLU G 25 -29.53 -8.61 -27.20
CA GLU G 25 -30.86 -8.30 -26.67
C GLU G 25 -30.79 -8.08 -25.18
N LEU G 26 -30.05 -8.90 -24.48
CA LEU G 26 -29.89 -8.72 -23.05
C LEU G 26 -29.26 -7.36 -22.72
N GLU G 27 -28.18 -7.03 -23.45
CA GLU G 27 -27.40 -5.82 -23.18
C GLU G 27 -28.19 -4.50 -23.34
N LYS G 28 -29.26 -4.55 -24.12
CA LYS G 28 -30.16 -3.43 -24.21
C LYS G 28 -30.91 -3.27 -22.90
N THR G 29 -31.60 -4.33 -22.51
CA THR G 29 -32.29 -4.41 -21.22
C THR G 29 -31.36 -4.02 -20.07
N PHE G 30 -30.12 -4.45 -20.11
CA PHE G 30 -29.18 -4.17 -19.04
C PHE G 30 -28.72 -2.74 -19.10
N THR G 31 -29.07 -2.08 -20.21
CA THR G 31 -28.75 -0.66 -20.39
C THR G 31 -29.84 0.24 -19.78
N LYS G 32 -31.12 -0.09 -20.02
CA LYS G 32 -32.23 0.60 -19.40
C LYS G 32 -32.09 0.56 -17.88
N LEU G 33 -31.81 -0.61 -17.34
CA LEU G 33 -31.63 -0.76 -15.90
C LEU G 33 -30.35 -0.05 -15.49
N ARG G 34 -29.42 0.05 -16.42
CA ARG G 34 -28.21 0.79 -16.12
C ARG G 34 -28.58 2.26 -15.86
N VAL G 35 -29.33 2.82 -16.81
CA VAL G 35 -29.83 4.19 -16.70
C VAL G 35 -30.54 4.44 -15.36
N LEU G 36 -31.17 3.41 -14.81
CA LEU G 36 -31.87 3.46 -13.52
C LEU G 36 -30.92 3.24 -12.35
N ASP G 37 -29.62 3.33 -12.62
CA ASP G 37 -28.56 3.03 -11.65
C ASP G 37 -28.59 1.60 -11.03
N LEU G 38 -29.02 0.62 -11.83
CA LEU G 38 -29.00 -0.80 -11.44
C LEU G 38 -27.98 -1.58 -12.31
N ASP G 39 -26.76 -1.77 -11.82
CA ASP G 39 -25.73 -2.42 -12.62
C ASP G 39 -25.89 -3.95 -12.63
N ILE G 40 -26.64 -4.44 -13.62
CA ILE G 40 -27.07 -5.83 -13.64
C ILE G 40 -26.58 -6.51 -14.90
N LYS G 41 -26.06 -7.73 -14.73
CA LYS G 41 -25.58 -8.53 -15.85
C LYS G 41 -25.75 -10.03 -15.62
N ILE G 42 -25.87 -10.78 -16.71
CA ILE G 42 -25.64 -12.21 -16.67
C ILE G 42 -24.25 -12.45 -17.28
N ASP G 43 -23.33 -13.08 -16.54
CA ASP G 43 -22.03 -13.39 -17.14
C ASP G 43 -22.14 -14.51 -18.18
N ARG G 44 -21.60 -14.28 -19.37
CA ARG G 44 -21.71 -15.23 -20.48
C ARG G 44 -21.18 -16.61 -20.11
N THR G 45 -20.19 -16.66 -19.23
CA THR G 45 -19.63 -17.94 -18.78
C THR G 45 -20.48 -18.52 -17.65
N GLU G 46 -20.97 -17.67 -16.75
CA GLU G 46 -21.88 -18.12 -15.70
C GLU G 46 -23.13 -18.76 -16.33
N ALA G 47 -23.60 -18.19 -17.44
CA ALA G 47 -24.75 -18.79 -18.14
C ALA G 47 -24.41 -20.17 -18.68
N PHE G 48 -23.33 -20.25 -19.45
CA PHE G 48 -22.84 -21.52 -20.00
C PHE G 48 -22.62 -22.56 -18.91
N ASN G 49 -21.81 -22.19 -17.92
CA ASN G 49 -21.61 -23.04 -16.76
C ASN G 49 -22.92 -23.64 -16.24
N LEU G 50 -23.91 -22.77 -16.03
CA LEU G 50 -25.23 -23.21 -15.57
C LEU G 50 -25.87 -24.21 -16.53
N PHE G 51 -25.74 -23.98 -17.84
CA PHE G 51 -26.23 -24.90 -18.85
C PHE G 51 -25.67 -26.30 -18.67
N ILE G 52 -24.36 -26.39 -18.44
CA ILE G 52 -23.74 -27.69 -18.20
C ILE G 52 -24.28 -28.38 -16.93
N LYS G 53 -24.35 -27.66 -15.82
CA LYS G 53 -24.92 -28.20 -14.59
C LYS G 53 -26.34 -28.77 -14.79
N LYS G 54 -27.21 -28.03 -15.45
CA LYS G 54 -28.57 -28.48 -15.64
C LYS G 54 -28.62 -29.70 -16.54
N PHE G 55 -27.76 -29.70 -17.54
CA PHE G 55 -27.68 -30.81 -18.48
C PHE G 55 -27.20 -32.07 -17.77
N GLN G 56 -26.45 -31.90 -16.69
CA GLN G 56 -25.96 -33.01 -15.88
C GLN G 56 -26.97 -33.49 -14.82
N SER G 57 -28.07 -32.77 -14.64
CA SER G 57 -29.07 -33.22 -13.68
C SER G 57 -29.86 -34.40 -14.22
N VAL G 58 -29.65 -35.58 -13.62
CA VAL G 58 -30.38 -36.78 -14.03
C VAL G 58 -31.89 -36.56 -13.89
N SER G 59 -32.31 -35.93 -12.80
CA SER G 59 -33.73 -35.62 -12.64
C SER G 59 -34.29 -34.79 -13.80
N LEU G 60 -33.46 -33.93 -14.38
CA LEU G 60 -33.95 -33.16 -15.51
C LEU G 60 -34.05 -34.05 -16.71
N LEU G 61 -33.03 -34.87 -16.92
CA LEU G 61 -33.05 -35.79 -18.04
C LEU G 61 -34.33 -36.62 -17.99
N GLU G 62 -34.63 -37.15 -16.81
CA GLU G 62 -35.78 -38.03 -16.69
C GLU G 62 -37.06 -37.29 -16.97
N GLU G 63 -37.18 -36.10 -16.38
CA GLU G 63 -38.33 -35.23 -16.63
C GLU G 63 -38.50 -34.91 -18.12
N TYR G 64 -37.40 -34.63 -18.80
CA TYR G 64 -37.42 -34.35 -20.24
C TYR G 64 -37.89 -35.59 -21.02
N LEU G 65 -37.32 -36.74 -20.66
CA LEU G 65 -37.61 -37.97 -21.39
C LEU G 65 -39.08 -38.37 -21.21
N ARG G 66 -39.54 -38.37 -19.97
CA ARG G 66 -40.92 -38.76 -19.67
C ARG G 66 -41.91 -37.80 -20.33
N SER G 67 -41.48 -36.58 -20.63
CA SER G 67 -42.40 -35.58 -21.16
C SER G 67 -42.29 -35.40 -22.67
N SER G 68 -41.37 -36.13 -23.29
CA SER G 68 -41.18 -35.99 -24.72
C SER G 68 -42.12 -36.92 -25.45
N PRO G 69 -42.95 -36.38 -26.35
CA PRO G 69 -43.80 -37.23 -27.18
C PRO G 69 -42.99 -38.17 -28.07
N TYR G 70 -41.80 -37.75 -28.49
CA TYR G 70 -40.97 -38.57 -29.38
C TYR G 70 -40.44 -39.84 -28.69
N VAL G 71 -39.77 -39.66 -27.57
CA VAL G 71 -39.25 -40.79 -26.80
C VAL G 71 -40.36 -41.79 -26.43
N MET G 72 -41.53 -41.26 -26.08
CA MET G 72 -42.59 -42.08 -25.49
C MET G 72 -43.06 -43.23 -26.36
N ASP G 73 -43.21 -42.99 -27.67
CA ASP G 73 -43.61 -44.07 -28.57
C ASP G 73 -42.84 -45.37 -28.25
N GLN G 74 -41.54 -45.21 -28.05
CA GLN G 74 -40.63 -46.32 -27.85
C GLN G 74 -40.04 -46.29 -26.45
N LEU G 83 -45.99 -51.43 -16.27
CA LEU G 83 -45.29 -50.17 -16.01
C LEU G 83 -43.78 -50.37 -15.72
N ASP G 84 -43.11 -51.09 -16.63
CA ASP G 84 -41.65 -51.14 -16.63
C ASP G 84 -41.08 -49.83 -17.20
N LEU G 85 -41.96 -48.90 -17.56
CA LEU G 85 -41.55 -47.63 -18.14
C LEU G 85 -40.42 -46.97 -17.37
N HIS G 86 -40.52 -47.03 -16.05
CA HIS G 86 -39.50 -46.47 -15.18
C HIS G 86 -38.10 -47.04 -15.47
N ARG G 87 -38.03 -48.34 -15.74
CA ARG G 87 -36.76 -49.02 -16.05
C ARG G 87 -36.25 -48.71 -17.46
N ALA G 88 -37.15 -48.59 -18.43
CA ALA G 88 -36.77 -48.14 -19.78
C ALA G 88 -36.25 -46.68 -19.75
N ILE G 89 -36.86 -45.85 -18.90
CA ILE G 89 -36.37 -44.49 -18.74
C ILE G 89 -34.98 -44.52 -18.11
N VAL G 90 -34.89 -45.09 -16.91
CA VAL G 90 -33.63 -45.03 -16.19
C VAL G 90 -32.49 -45.56 -17.05
N ALA G 91 -32.81 -46.36 -18.06
CA ALA G 91 -31.78 -46.94 -18.94
C ALA G 91 -31.40 -45.98 -20.07
N LEU G 92 -32.37 -45.18 -20.51
CA LEU G 92 -32.07 -44.14 -21.47
C LEU G 92 -31.27 -43.03 -20.81
N SER G 93 -31.62 -42.71 -19.57
CA SER G 93 -30.89 -41.71 -18.80
C SER G 93 -29.39 -42.03 -18.67
N GLU G 94 -29.00 -43.27 -18.94
CA GLU G 94 -27.59 -43.67 -18.82
C GLU G 94 -26.81 -43.47 -20.11
N LYS G 95 -27.52 -43.14 -21.19
CA LYS G 95 -26.87 -42.95 -22.50
C LYS G 95 -26.59 -41.49 -22.86
N MET G 96 -26.93 -40.56 -21.97
CA MET G 96 -26.62 -39.13 -22.11
C MET G 96 -25.37 -38.84 -21.29
N LYS G 97 -24.46 -38.08 -21.89
CA LYS G 97 -23.18 -37.86 -21.24
C LYS G 97 -22.63 -36.49 -21.61
N ALA G 98 -21.90 -35.88 -20.68
CA ALA G 98 -21.23 -34.61 -20.95
C ALA G 98 -19.81 -34.68 -20.39
N VAL G 99 -18.84 -34.33 -21.22
CA VAL G 99 -17.43 -34.31 -20.80
C VAL G 99 -16.77 -32.98 -21.14
N ASP G 100 -15.91 -32.52 -20.24
CA ASP G 100 -15.04 -31.36 -20.48
C ASP G 100 -13.80 -31.82 -21.24
N ASP G 101 -13.36 -31.09 -22.26
CA ASP G 101 -12.24 -31.56 -23.07
C ASP G 101 -10.84 -31.24 -22.53
N SER G 111 -5.72 -23.55 -21.57
CA SER G 111 -6.22 -23.88 -22.92
C SER G 111 -6.93 -22.73 -23.64
N LEU G 112 -7.05 -22.85 -24.96
CA LEU G 112 -7.54 -21.75 -25.80
C LEU G 112 -8.95 -21.29 -25.43
N TYR G 113 -9.92 -22.20 -25.46
CA TYR G 113 -11.30 -21.86 -25.15
C TYR G 113 -12.03 -23.07 -24.54
N THR G 114 -12.86 -22.79 -23.52
CA THR G 114 -13.65 -23.83 -22.83
C THR G 114 -14.54 -24.56 -23.79
N SER G 115 -14.61 -25.88 -23.65
CA SER G 115 -15.31 -26.69 -24.63
C SER G 115 -15.85 -27.93 -23.94
N TRP G 116 -17.11 -28.27 -24.22
CA TRP G 116 -17.69 -29.52 -23.70
C TRP G 116 -18.29 -30.32 -24.85
N THR G 117 -18.06 -31.62 -24.84
CA THR G 117 -18.73 -32.50 -25.78
C THR G 117 -19.93 -33.11 -25.07
N LEU G 118 -21.07 -33.10 -25.77
CA LEU G 118 -22.32 -33.65 -25.27
C LEU G 118 -22.73 -34.76 -26.21
N SER G 119 -23.17 -35.88 -25.64
CA SER G 119 -23.44 -37.07 -26.45
C SER G 119 -24.58 -37.89 -25.92
N PHE G 120 -25.34 -38.45 -26.85
CA PHE G 120 -26.36 -39.40 -26.51
C PHE G 120 -26.35 -40.46 -27.60
N THR G 121 -26.40 -41.73 -27.19
CA THR G 121 -26.35 -42.83 -28.15
C THR G 121 -27.66 -43.61 -28.14
N ALA G 122 -28.01 -44.20 -29.28
CA ALA G 122 -29.23 -44.98 -29.43
C ALA G 122 -29.14 -45.94 -30.62
N PRO G 123 -30.09 -46.89 -30.73
CA PRO G 123 -30.30 -47.80 -31.87
C PRO G 123 -30.10 -47.14 -33.24
N THR G 124 -31.15 -46.66 -33.88
CA THR G 124 -30.98 -45.85 -35.08
C THR G 124 -30.36 -44.49 -34.74
N SER G 125 -29.63 -43.88 -35.68
CA SER G 125 -28.90 -42.65 -35.40
C SER G 125 -29.82 -41.42 -35.33
N GLU G 126 -30.79 -41.38 -36.24
CA GLU G 126 -31.82 -40.36 -36.22
C GLU G 126 -32.47 -40.24 -34.84
N GLU G 127 -32.49 -41.34 -34.08
CA GLU G 127 -33.00 -41.29 -32.70
C GLU G 127 -31.94 -40.68 -31.82
N ALA G 128 -30.71 -41.14 -32.00
CA ALA G 128 -29.59 -40.53 -31.30
C ALA G 128 -29.73 -39.02 -31.39
N GLN G 129 -29.81 -38.51 -32.62
CA GLN G 129 -29.80 -37.09 -32.88
C GLN G 129 -31.11 -36.40 -32.41
N THR G 130 -32.27 -37.01 -32.71
CA THR G 130 -33.52 -36.42 -32.27
C THR G 130 -33.57 -36.29 -30.76
N VAL G 131 -33.20 -37.34 -30.04
CA VAL G 131 -33.24 -37.29 -28.59
C VAL G 131 -32.19 -36.31 -28.05
N LEU G 132 -31.07 -36.14 -28.77
CA LEU G 132 -30.01 -35.30 -28.22
C LEU G 132 -30.36 -33.83 -28.32
N SER G 133 -30.56 -33.34 -29.54
CA SER G 133 -30.86 -31.92 -29.73
C SER G 133 -32.07 -31.51 -28.91
N GLY G 134 -33.05 -32.40 -28.84
CA GLY G 134 -34.24 -32.16 -28.07
C GLY G 134 -33.95 -31.88 -26.60
N TYR G 135 -32.93 -32.52 -26.06
CA TYR G 135 -32.64 -32.35 -24.65
C TYR G 135 -31.87 -31.06 -24.46
N ILE G 136 -31.06 -30.72 -25.46
CA ILE G 136 -30.28 -29.51 -25.38
C ILE G 136 -31.22 -28.30 -25.35
N ASP G 137 -32.23 -28.33 -26.23
CA ASP G 137 -33.25 -27.30 -26.27
C ASP G 137 -33.98 -27.18 -24.95
N TYR G 138 -34.28 -28.34 -24.36
CA TYR G 138 -34.95 -28.40 -23.08
C TYR G 138 -34.15 -27.70 -22.00
N ILE G 139 -32.86 -28.00 -21.91
CA ILE G 139 -32.04 -27.38 -20.89
C ILE G 139 -31.81 -25.90 -21.18
N SER G 140 -31.57 -25.56 -22.45
CA SER G 140 -31.43 -24.16 -22.85
C SER G 140 -32.65 -23.33 -22.44
N ALA G 141 -33.83 -23.87 -22.71
CA ALA G 141 -35.07 -23.28 -22.25
C ALA G 141 -35.06 -22.99 -20.75
N LEU G 142 -34.71 -24.01 -19.95
CA LEU G 142 -34.70 -23.85 -18.50
C LEU G 142 -33.75 -22.77 -18.00
N VAL G 143 -32.71 -22.49 -18.78
CA VAL G 143 -31.69 -21.58 -18.30
C VAL G 143 -31.94 -20.12 -18.76
N VAL G 144 -32.59 -19.94 -19.91
CA VAL G 144 -33.06 -18.61 -20.26
C VAL G 144 -34.21 -18.19 -19.33
N LYS G 145 -35.01 -19.15 -18.84
CA LYS G 145 -36.07 -18.79 -17.91
C LYS G 145 -35.45 -18.37 -16.60
N GLU G 146 -34.65 -19.24 -15.98
CA GLU G 146 -34.04 -18.95 -14.68
C GLU G 146 -33.18 -17.69 -14.70
N SER G 147 -32.38 -17.52 -15.74
CA SER G 147 -31.56 -16.31 -15.83
C SER G 147 -32.39 -15.01 -15.89
N ILE G 148 -33.46 -14.99 -16.67
CA ILE G 148 -34.32 -13.82 -16.77
C ILE G 148 -35.10 -13.53 -15.47
N GLU G 149 -35.68 -14.56 -14.87
CA GLU G 149 -36.31 -14.45 -13.55
C GLU G 149 -35.30 -13.98 -12.51
N ASN G 150 -34.03 -14.02 -12.87
CA ASN G 150 -32.99 -13.53 -11.99
C ASN G 150 -32.95 -11.99 -11.99
N VAL G 151 -32.65 -11.42 -13.15
CA VAL G 151 -32.74 -9.99 -13.34
C VAL G 151 -34.02 -9.44 -12.69
N ARG G 152 -35.16 -10.00 -13.07
CA ARG G 152 -36.45 -9.57 -12.56
C ARG G 152 -36.45 -9.52 -11.05
N ASN G 153 -35.83 -10.52 -10.44
CA ASN G 153 -35.66 -10.51 -9.01
C ASN G 153 -34.73 -9.40 -8.56
N LYS G 154 -33.59 -9.26 -9.23
CA LYS G 154 -32.69 -8.15 -8.92
C LYS G 154 -33.45 -6.83 -8.93
N LEU G 155 -34.34 -6.67 -9.91
CA LEU G 155 -35.23 -5.51 -10.01
C LEU G 155 -36.17 -5.34 -8.82
N GLU G 156 -37.05 -6.32 -8.60
CA GLU G 156 -37.98 -6.28 -7.46
C GLU G 156 -37.30 -5.94 -6.13
N ILE G 157 -36.03 -6.33 -5.94
CA ILE G 157 -35.35 -5.97 -4.69
C ILE G 157 -34.88 -4.51 -4.68
N LYS G 158 -34.40 -4.02 -5.83
CA LYS G 158 -34.00 -2.63 -5.99
C LYS G 158 -35.19 -1.65 -5.76
N THR G 159 -36.28 -1.90 -6.49
CA THR G 159 -37.51 -1.13 -6.32
C THR G 159 -37.92 -1.14 -4.86
N GLN G 160 -37.94 -2.31 -4.25
CA GLN G 160 -38.33 -2.34 -2.85
C GLN G 160 -37.36 -1.54 -1.97
N PHE G 161 -36.07 -1.63 -2.23
CA PHE G 161 -35.14 -0.92 -1.37
C PHE G 161 -35.30 0.60 -1.42
N GLU G 162 -35.38 1.16 -2.63
CA GLU G 162 -35.58 2.59 -2.75
C GLU G 162 -36.90 3.03 -2.12
N LYS G 163 -38.00 2.58 -2.70
CA LYS G 163 -39.32 2.80 -2.13
C LYS G 163 -39.31 2.77 -0.59
N GLU G 164 -38.67 1.77 0.02
CA GLU G 164 -38.64 1.74 1.48
C GLU G 164 -37.68 2.79 2.10
N LYS G 165 -36.54 3.01 1.48
CA LYS G 165 -35.62 4.07 1.90
C LYS G 165 -36.27 5.47 1.87
N LEU G 166 -36.98 5.76 0.78
CA LEU G 166 -37.61 7.06 0.57
C LEU G 166 -38.61 7.31 1.67
N ALA G 167 -39.68 6.53 1.66
CA ALA G 167 -40.66 6.51 2.72
C ALA G 167 -40.02 6.79 4.06
N GLN G 168 -38.82 6.27 4.28
CA GLN G 168 -38.18 6.42 5.58
C GLN G 168 -37.45 7.74 5.71
N ASP G 169 -36.82 8.19 4.64
CA ASP G 169 -36.11 9.47 4.66
C ASP G 169 -37.06 10.67 4.77
N ARG G 170 -38.25 10.55 4.19
CA ARG G 170 -39.26 11.57 4.36
C ARG G 170 -39.51 11.73 5.85
N ILE G 171 -39.87 10.65 6.52
CA ILE G 171 -40.19 10.71 7.94
C ILE G 171 -38.99 11.25 8.70
N LYS G 172 -37.80 10.93 8.21
CA LYS G 172 -36.58 11.35 8.90
C LYS G 172 -36.45 12.86 8.78
N MET G 173 -36.86 13.40 7.64
CA MET G 173 -36.70 14.84 7.36
C MET G 173 -37.79 15.72 7.98
N LYS G 174 -39.05 15.32 7.81
CA LYS G 174 -40.14 15.93 8.56
C LYS G 174 -39.71 16.05 10.03
N ASN G 175 -39.13 14.99 10.56
CA ASN G 175 -38.59 15.04 11.93
C ASN G 175 -37.66 16.24 12.23
N GLN G 176 -36.69 16.51 11.35
CA GLN G 176 -35.70 17.56 11.60
C GLN G 176 -36.26 18.98 11.31
N LEU G 177 -37.18 19.05 10.36
CA LEU G 177 -37.94 20.25 10.11
C LEU G 177 -38.75 20.63 11.34
N ASP G 178 -39.16 19.62 12.12
CA ASP G 178 -39.90 19.86 13.34
C ASP G 178 -39.01 20.36 14.48
N ALA G 179 -37.82 19.79 14.60
CA ALA G 179 -36.86 20.36 15.53
C ALA G 179 -36.56 21.83 15.13
N ASN G 180 -36.42 22.06 13.83
CA ASN G 180 -36.15 23.40 13.34
C ASN G 180 -37.25 24.38 13.65
N ILE G 181 -38.49 23.96 13.44
CA ILE G 181 -39.62 24.80 13.73
C ILE G 181 -39.60 25.11 15.22
N GLN G 182 -39.05 24.21 16.04
CA GLN G 182 -38.86 24.55 17.45
C GLN G 182 -37.67 25.47 17.70
N ARG G 183 -36.67 25.46 16.82
CA ARG G 183 -35.54 26.33 17.05
C ARG G 183 -35.94 27.75 16.63
N LEU G 184 -36.40 27.86 15.39
CA LEU G 184 -36.92 29.11 14.85
C LEU G 184 -37.83 29.79 15.88
N ASN G 185 -38.71 29.00 16.49
CA ASN G 185 -39.62 29.53 17.49
C ASN G 185 -38.88 30.24 18.61
N TYR G 186 -37.74 29.70 19.03
CA TYR G 186 -37.02 30.32 20.13
C TYR G 186 -36.11 31.46 19.69
N SER G 187 -35.67 31.41 18.43
CA SER G 187 -34.90 32.49 17.85
C SER G 187 -35.73 33.75 17.84
N LEU G 188 -37.03 33.58 17.57
CA LEU G 188 -38.00 34.67 17.60
C LEU G 188 -38.08 35.34 18.98
N ASP G 189 -38.42 34.59 20.02
CA ASP G 189 -38.37 35.10 21.39
C ASP G 189 -37.10 35.90 21.62
N ILE G 190 -35.95 35.26 21.43
CA ILE G 190 -34.68 35.91 21.67
C ILE G 190 -34.45 37.11 20.75
N ALA G 191 -34.88 37.01 19.49
CA ALA G 191 -34.86 38.17 18.59
C ALA G 191 -35.54 39.36 19.26
N ASN G 192 -36.78 39.17 19.69
CA ASN G 192 -37.50 40.20 20.44
C ASN G 192 -36.73 40.66 21.68
N ALA G 193 -36.47 39.76 22.62
CA ALA G 193 -35.74 40.12 23.83
C ALA G 193 -34.50 40.99 23.60
N ALA G 194 -33.83 40.83 22.47
CA ALA G 194 -32.67 41.67 22.20
C ALA G 194 -33.13 43.06 21.80
N GLY G 195 -34.13 43.10 20.92
CA GLY G 195 -34.56 44.34 20.32
C GLY G 195 -34.12 44.36 18.87
N ILE G 196 -33.97 43.17 18.30
CA ILE G 196 -33.55 43.03 16.92
C ILE G 196 -34.76 42.68 16.06
N LYS G 197 -35.33 43.71 15.44
CA LYS G 197 -36.49 43.53 14.58
C LYS G 197 -36.03 43.45 13.13
N LYS G 198 -34.94 44.12 12.81
CA LYS G 198 -34.48 44.16 11.43
C LYS G 198 -33.19 43.38 11.22
N PRO G 199 -32.91 42.99 9.97
CA PRO G 199 -31.73 42.15 9.68
C PRO G 199 -30.44 42.85 10.03
N VAL G 200 -29.57 42.13 10.72
CA VAL G 200 -28.20 42.58 11.02
C VAL G 200 -27.62 43.60 10.03
N ASP G 206 -25.03 34.03 16.53
CA ASP G 206 -25.16 33.04 17.61
C ASP G 206 -25.55 31.63 17.10
N PRO G 207 -24.69 30.63 17.38
CA PRO G 207 -24.71 29.28 16.80
C PRO G 207 -26.01 28.50 17.01
N ASP G 208 -26.43 28.39 18.27
CA ASP G 208 -27.67 27.73 18.66
C ASP G 208 -28.93 28.32 18.01
N PHE G 209 -29.32 29.51 18.47
CA PHE G 209 -30.49 30.17 17.93
C PHE G 209 -30.05 31.38 17.09
N SER G 210 -30.20 31.28 15.77
CA SER G 210 -29.77 32.36 14.88
C SER G 210 -30.70 33.57 14.97
N ILE G 211 -30.11 34.73 15.20
CA ILE G 211 -30.83 35.98 15.44
C ILE G 211 -30.68 36.89 14.21
N SER G 212 -29.61 36.67 13.45
CA SER G 212 -29.27 37.46 12.27
C SER G 212 -30.43 37.98 11.43
N LEU G 213 -31.40 37.13 11.12
CA LEU G 213 -32.48 37.54 10.21
C LEU G 213 -33.41 38.59 10.80
N GLY G 214 -33.41 38.72 12.13
CA GLY G 214 -34.27 39.68 12.80
C GLY G 214 -35.73 39.26 12.95
N ALA G 215 -36.32 39.61 14.10
CA ALA G 215 -37.70 39.26 14.40
C ALA G 215 -38.70 39.39 13.24
N ASP G 216 -38.52 40.41 12.40
CA ASP G 216 -39.50 40.66 11.34
C ASP G 216 -39.49 39.57 10.28
N GLY G 217 -38.30 39.21 9.83
CA GLY G 217 -38.17 38.14 8.87
C GLY G 217 -38.32 36.77 9.51
N ILE G 218 -37.77 36.65 10.71
CA ILE G 218 -37.82 35.39 11.43
C ILE G 218 -39.25 34.90 11.64
N GLU G 219 -40.15 35.79 12.04
CA GLU G 219 -41.55 35.41 12.16
C GLU G 219 -42.12 34.97 10.82
N ARG G 220 -41.60 35.50 9.72
CA ARG G 220 -42.06 35.09 8.41
C ARG G 220 -41.48 33.75 7.93
N LYS G 221 -40.20 33.52 8.25
CA LYS G 221 -39.58 32.21 8.06
C LYS G 221 -40.33 31.15 8.88
N LEU G 222 -40.59 31.46 10.15
CA LEU G 222 -41.32 30.61 11.08
C LEU G 222 -42.75 30.28 10.66
N GLU G 223 -43.37 31.12 9.85
CA GLU G 223 -44.72 30.77 9.44
C GLU G 223 -44.75 30.05 8.11
N ILE G 224 -43.70 30.24 7.31
CA ILE G 224 -43.53 29.49 6.05
C ILE G 224 -43.24 28.00 6.31
N GLU G 225 -42.50 27.72 7.39
CA GLU G 225 -42.09 26.36 7.72
C GLU G 225 -43.20 25.56 8.41
N LYS G 226 -43.90 26.21 9.33
CA LYS G 226 -45.06 25.58 9.96
C LYS G 226 -46.08 25.19 8.90
N ALA G 227 -45.99 25.80 7.73
CA ALA G 227 -46.97 25.54 6.68
C ALA G 227 -46.56 24.40 5.73
N VAL G 228 -45.30 23.99 5.80
CA VAL G 228 -44.82 22.90 4.96
C VAL G 228 -45.63 21.63 5.18
N THR G 229 -46.16 21.07 4.08
CA THR G 229 -46.99 19.87 4.14
C THR G 229 -46.14 18.68 3.77
N ASP G 230 -45.68 18.70 2.53
CA ASP G 230 -44.88 17.65 1.91
C ASP G 230 -43.42 18.11 1.97
N VAL G 231 -42.52 17.29 2.49
CA VAL G 231 -41.14 17.76 2.68
C VAL G 231 -40.31 17.72 1.41
N ALA G 232 -40.95 17.41 0.29
CA ALA G 232 -40.26 17.40 -0.99
C ALA G 232 -40.47 18.71 -1.77
N GLU G 233 -41.41 19.52 -1.29
CA GLU G 233 -41.69 20.82 -1.92
C GLU G 233 -40.45 21.70 -1.99
N LEU G 234 -39.56 21.57 -1.01
CA LEU G 234 -38.35 22.38 -0.99
C LEU G 234 -37.09 21.55 -1.16
N ASN G 235 -37.24 20.41 -1.81
CA ASN G 235 -36.13 19.46 -1.94
C ASN G 235 -36.18 18.70 -3.26
N GLY G 236 -35.22 18.97 -4.13
CA GLY G 236 -35.18 18.34 -5.44
C GLY G 236 -34.71 16.91 -5.33
N GLU G 237 -33.82 16.64 -4.38
CA GLU G 237 -33.36 15.29 -4.13
C GLU G 237 -34.55 14.36 -3.85
N LEU G 238 -35.42 14.72 -2.91
CA LEU G 238 -36.58 13.89 -2.61
C LEU G 238 -37.58 13.81 -3.76
N ARG G 239 -37.52 14.78 -4.68
CA ARG G 239 -38.41 14.75 -5.83
C ARG G 239 -37.82 13.81 -6.88
N ASN G 240 -36.49 13.85 -6.98
CA ASN G 240 -35.75 13.00 -7.89
C ASN G 240 -35.75 11.53 -7.48
N ARG G 241 -35.72 11.23 -6.18
CA ARG G 241 -35.75 9.82 -5.77
C ARG G 241 -37.14 9.27 -6.01
N GLN G 242 -38.14 10.09 -5.76
CA GLN G 242 -39.50 9.73 -6.08
C GLN G 242 -39.65 9.48 -7.57
N TYR G 243 -38.86 10.18 -8.38
CA TYR G 243 -38.80 9.91 -9.80
C TYR G 243 -38.21 8.51 -10.00
N LEU G 244 -37.05 8.29 -9.37
CA LEU G 244 -36.39 7.01 -9.43
C LEU G 244 -37.39 5.86 -9.17
N VAL G 245 -37.94 5.83 -7.95
CA VAL G 245 -38.93 4.85 -7.59
C VAL G 245 -40.01 4.67 -8.66
N GLU G 246 -40.50 5.75 -9.24
CA GLU G 246 -41.59 5.60 -10.19
C GLU G 246 -41.10 4.93 -11.47
N GLN G 247 -39.89 5.26 -11.90
CA GLN G 247 -39.31 4.62 -13.08
C GLN G 247 -38.98 3.13 -12.92
N LEU G 248 -38.46 2.73 -11.74
CA LEU G 248 -38.21 1.31 -11.40
C LEU G 248 -39.49 0.51 -11.44
N THR G 249 -40.49 1.02 -10.72
CA THR G 249 -41.84 0.48 -10.66
C THR G 249 -42.47 0.29 -12.04
N LYS G 250 -42.10 1.13 -12.99
CA LYS G 250 -42.72 1.07 -14.30
C LYS G 250 -41.83 0.33 -15.29
N ALA G 251 -40.62 0.00 -14.83
CA ALA G 251 -39.65 -0.73 -15.62
C ALA G 251 -40.04 -2.21 -15.71
N ASN G 252 -39.68 -2.83 -16.84
CA ASN G 252 -40.04 -4.24 -17.11
C ASN G 252 -38.98 -5.05 -17.86
N ILE G 253 -38.53 -6.14 -17.24
CA ILE G 253 -37.63 -7.06 -17.92
C ILE G 253 -38.43 -7.93 -18.86
N ASN G 254 -38.27 -7.67 -20.15
CA ASN G 254 -39.02 -8.39 -21.16
C ASN G 254 -38.44 -9.76 -21.50
N ASP G 255 -39.30 -10.67 -21.96
CA ASP G 255 -38.86 -12.01 -22.30
C ASP G 255 -37.83 -12.01 -23.44
N VAL G 256 -36.55 -11.97 -23.07
CA VAL G 256 -35.47 -11.96 -24.05
C VAL G 256 -34.99 -13.38 -24.32
N ASN G 257 -34.98 -13.79 -25.59
CA ASN G 257 -34.53 -15.13 -25.93
C ASN G 257 -33.08 -15.20 -26.43
N PHE G 258 -32.23 -15.85 -25.63
CA PHE G 258 -30.82 -15.99 -25.97
C PHE G 258 -30.43 -17.46 -25.82
N THR G 259 -29.19 -17.80 -26.21
CA THR G 259 -28.66 -19.16 -26.04
C THR G 259 -27.41 -19.16 -25.16
N PRO G 260 -27.41 -19.95 -24.07
CA PRO G 260 -26.32 -19.97 -23.08
C PRO G 260 -25.10 -20.78 -23.55
N PHE G 261 -24.91 -20.85 -24.87
CA PHE G 261 -23.82 -21.61 -25.45
C PHE G 261 -23.64 -21.31 -26.92
N LYS G 262 -22.42 -21.55 -27.41
CA LYS G 262 -22.09 -21.48 -28.84
C LYS G 262 -21.67 -22.87 -29.36
N TYR G 263 -22.34 -23.33 -30.41
CA TYR G 263 -22.00 -24.61 -31.06
C TYR G 263 -20.69 -24.55 -31.87
N GLN G 264 -19.74 -25.43 -31.56
CA GLN G 264 -18.64 -25.73 -32.49
C GLN G 264 -19.13 -26.84 -33.42
N LEU G 265 -19.92 -27.74 -32.84
CA LEU G 265 -20.59 -28.77 -33.58
C LEU G 265 -22.03 -28.94 -33.07
N SER G 266 -23.00 -28.71 -33.96
CA SER G 266 -24.41 -29.00 -33.66
C SER G 266 -24.68 -30.49 -33.81
N PRO G 267 -25.63 -31.03 -33.04
CA PRO G 267 -25.88 -32.50 -32.98
C PRO G 267 -25.73 -33.23 -34.33
N SER G 268 -24.70 -34.08 -34.40
CA SER G 268 -24.35 -34.78 -35.62
C SER G 268 -25.33 -35.89 -36.03
N LEU G 269 -25.32 -36.21 -37.33
CA LEU G 269 -26.02 -37.37 -37.84
C LEU G 269 -25.01 -38.44 -38.25
N PRO G 270 -24.82 -39.46 -37.38
CA PRO G 270 -23.91 -40.59 -37.63
C PRO G 270 -24.26 -41.39 -38.88
N TRP H 9 0.41 -34.18 -51.64
CA TRP H 9 -0.96 -34.55 -51.32
C TRP H 9 -1.50 -33.89 -50.03
N THR H 10 -0.63 -33.35 -49.18
CA THR H 10 -1.08 -32.55 -48.03
C THR H 10 -0.70 -31.06 -48.12
N SER H 11 -1.71 -30.19 -48.03
CA SER H 11 -1.48 -28.74 -48.11
C SER H 11 -1.36 -28.08 -46.72
N ALA H 12 -0.45 -27.13 -46.59
CA ALA H 12 -0.25 -26.54 -45.27
C ALA H 12 0.11 -25.05 -45.25
N ALA H 13 -0.29 -24.41 -44.16
CA ALA H 13 -0.11 -22.98 -43.94
C ALA H 13 0.21 -22.74 -42.48
N VAL H 14 1.25 -21.97 -42.21
CA VAL H 14 1.52 -21.54 -40.84
C VAL H 14 0.97 -20.13 -40.65
N VAL H 15 0.58 -19.79 -39.43
CA VAL H 15 -0.28 -18.63 -39.22
C VAL H 15 -0.06 -18.04 -37.82
N THR H 16 -0.06 -16.72 -37.68
CA THR H 16 0.13 -16.09 -36.36
C THR H 16 -0.76 -14.86 -36.15
N PRO H 17 -0.80 -14.34 -34.90
CA PRO H 17 -1.64 -13.15 -34.70
C PRO H 17 -1.17 -12.00 -35.61
N PRO H 18 -2.13 -11.19 -36.10
CA PRO H 18 -1.87 -10.14 -37.10
C PRO H 18 -0.95 -9.07 -36.55
N GLU H 19 -0.23 -8.42 -37.46
CA GLU H 19 0.73 -7.37 -37.11
C GLU H 19 0.01 -6.03 -37.12
N PRO H 20 0.48 -5.07 -36.28
CA PRO H 20 -0.15 -3.75 -36.17
C PRO H 20 -0.42 -3.11 -37.53
N VAL H 21 0.51 -3.26 -38.45
CA VAL H 21 0.34 -2.71 -39.80
C VAL H 21 -1.02 -3.04 -40.44
N GLN H 22 -1.57 -4.21 -40.13
CA GLN H 22 -2.82 -4.63 -40.77
C GLN H 22 -4.05 -3.92 -40.19
N TRP H 23 -3.91 -3.43 -38.96
CA TRP H 23 -5.00 -2.88 -38.17
C TRP H 23 -5.34 -1.41 -38.49
N GLN H 24 -4.43 -0.72 -39.19
CA GLN H 24 -4.59 0.69 -39.46
C GLN H 24 -5.98 1.13 -39.91
N GLU H 25 -6.55 0.50 -40.95
CA GLU H 25 -7.88 0.91 -41.42
C GLU H 25 -8.88 0.78 -40.29
N LEU H 26 -8.70 -0.24 -39.45
CA LEU H 26 -9.53 -0.40 -38.27
C LEU H 26 -9.31 0.72 -37.24
N GLU H 27 -8.06 1.01 -36.94
CA GLU H 27 -7.73 2.00 -35.92
C GLU H 27 -8.30 3.39 -36.24
N LYS H 28 -8.52 3.67 -37.52
CA LYS H 28 -9.09 4.94 -37.93
C LYS H 28 -10.58 5.08 -37.55
N THR H 29 -11.29 3.96 -37.62
CA THR H 29 -12.67 3.87 -37.17
C THR H 29 -12.77 3.98 -35.64
N PHE H 30 -11.87 3.31 -34.94
CA PHE H 30 -11.85 3.38 -33.48
C PHE H 30 -11.42 4.75 -32.97
N THR H 31 -10.85 5.58 -33.86
CA THR H 31 -10.46 6.93 -33.49
C THR H 31 -11.68 7.84 -33.45
N LYS H 32 -12.46 7.82 -34.52
CA LYS H 32 -13.72 8.57 -34.59
C LYS H 32 -14.50 8.39 -33.31
N LEU H 33 -14.78 7.13 -32.97
CA LEU H 33 -15.54 6.80 -31.79
C LEU H 33 -14.81 7.25 -30.52
N ARG H 34 -13.49 7.34 -30.57
CA ARG H 34 -12.73 7.73 -29.38
C ARG H 34 -13.01 9.19 -28.97
N VAL H 35 -13.31 10.05 -29.96
CA VAL H 35 -13.66 11.46 -29.71
C VAL H 35 -15.14 11.58 -29.35
N LEU H 36 -15.87 10.48 -29.51
CA LEU H 36 -17.27 10.37 -29.17
C LEU H 36 -17.45 9.76 -27.79
N ASP H 37 -16.35 9.51 -27.10
CA ASP H 37 -16.38 8.99 -25.73
C ASP H 37 -16.52 7.45 -25.64
N LEU H 38 -16.41 6.79 -26.80
CA LEU H 38 -16.57 5.33 -26.95
C LEU H 38 -15.22 4.61 -27.05
N ASP H 39 -14.62 4.23 -25.92
CA ASP H 39 -13.30 3.61 -25.97
C ASP H 39 -13.36 2.12 -26.37
N ILE H 40 -13.13 1.82 -27.64
CA ILE H 40 -13.30 0.45 -28.10
C ILE H 40 -12.22 -0.03 -29.07
N LYS H 41 -11.66 -1.21 -28.72
CA LYS H 41 -10.61 -1.89 -29.47
C LYS H 41 -11.07 -3.26 -30.00
N ILE H 42 -10.45 -3.71 -31.09
CA ILE H 42 -10.51 -5.13 -31.42
C ILE H 42 -9.08 -5.60 -31.20
N ASP H 43 -8.85 -6.38 -30.15
CA ASP H 43 -7.51 -6.84 -29.84
C ASP H 43 -7.04 -7.82 -30.92
N ARG H 44 -5.83 -7.62 -31.43
CA ARG H 44 -5.33 -8.44 -32.52
C ARG H 44 -5.26 -9.90 -32.09
N THR H 45 -4.63 -10.11 -30.95
CA THR H 45 -4.44 -11.46 -30.47
C THR H 45 -5.78 -12.15 -30.17
N GLU H 46 -6.82 -11.39 -29.88
CA GLU H 46 -8.15 -11.97 -29.67
C GLU H 46 -8.86 -12.29 -30.98
N ALA H 47 -8.68 -11.43 -31.99
CA ALA H 47 -9.24 -11.71 -33.30
C ALA H 47 -8.63 -12.98 -33.88
N PHE H 48 -7.40 -13.26 -33.47
CA PHE H 48 -6.70 -14.47 -33.87
C PHE H 48 -7.30 -15.70 -33.18
N ASN H 49 -7.45 -15.64 -31.86
CA ASN H 49 -7.99 -16.79 -31.14
C ASN H 49 -9.38 -17.12 -31.64
N LEU H 50 -10.08 -16.11 -32.14
CA LEU H 50 -11.43 -16.29 -32.62
C LEU H 50 -11.43 -16.91 -34.00
N PHE H 51 -10.41 -16.58 -34.80
CA PHE H 51 -10.20 -17.22 -36.09
C PHE H 51 -9.93 -18.70 -35.91
N ILE H 52 -8.93 -19.01 -35.10
CA ILE H 52 -8.61 -20.40 -34.85
C ILE H 52 -9.84 -21.14 -34.38
N LYS H 53 -10.55 -20.57 -33.41
CA LYS H 53 -11.73 -21.23 -32.83
C LYS H 53 -12.80 -21.53 -33.87
N LYS H 54 -13.05 -20.60 -34.78
CA LYS H 54 -13.98 -20.89 -35.86
C LYS H 54 -13.40 -21.95 -36.80
N PHE H 55 -12.08 -21.92 -36.96
CA PHE H 55 -11.46 -22.89 -37.82
C PHE H 55 -11.76 -24.27 -37.24
N GLN H 56 -11.51 -24.43 -35.95
CA GLN H 56 -11.69 -25.71 -35.26
C GLN H 56 -13.15 -26.19 -35.20
N SER H 57 -14.07 -25.47 -35.82
CA SER H 57 -15.49 -25.83 -35.75
C SER H 57 -15.92 -26.75 -36.89
N VAL H 58 -16.25 -27.99 -36.54
CA VAL H 58 -16.57 -28.99 -37.54
C VAL H 58 -17.80 -28.56 -38.34
N SER H 59 -18.77 -27.99 -37.65
CA SER H 59 -20.00 -27.54 -38.30
C SER H 59 -19.73 -26.51 -39.41
N LEU H 60 -18.93 -25.49 -39.09
CA LEU H 60 -18.54 -24.51 -40.10
C LEU H 60 -17.88 -25.20 -41.29
N LEU H 61 -16.90 -26.05 -41.03
CA LEU H 61 -16.29 -26.90 -42.06
C LEU H 61 -17.33 -27.53 -42.99
N GLU H 62 -18.23 -28.32 -42.42
CA GLU H 62 -19.24 -29.00 -43.22
C GLU H 62 -20.01 -27.99 -44.01
N GLU H 63 -20.29 -26.85 -43.39
CA GLU H 63 -21.06 -25.77 -44.00
C GLU H 63 -20.33 -25.21 -45.22
N TYR H 64 -19.07 -24.84 -45.03
CA TYR H 64 -18.24 -24.40 -46.15
C TYR H 64 -18.17 -25.46 -47.25
N LEU H 65 -18.02 -26.73 -46.86
CA LEU H 65 -17.83 -27.80 -47.85
C LEU H 65 -19.07 -28.00 -48.70
N ARG H 66 -20.24 -28.02 -48.06
CA ARG H 66 -21.49 -28.21 -48.76
C ARG H 66 -21.74 -27.05 -49.71
N SER H 67 -21.01 -25.96 -49.49
CA SER H 67 -21.27 -24.69 -50.16
C SER H 67 -20.28 -24.39 -51.28
N SER H 68 -19.06 -24.90 -51.15
CA SER H 68 -18.04 -24.70 -52.18
C SER H 68 -18.42 -25.41 -53.48
N PRO H 69 -18.69 -24.65 -54.54
CA PRO H 69 -19.02 -25.23 -55.84
C PRO H 69 -17.84 -25.98 -56.44
N TYR H 70 -16.70 -25.98 -55.73
CA TYR H 70 -15.51 -26.70 -56.19
C TYR H 70 -15.44 -28.10 -55.58
N VAL H 71 -15.66 -28.18 -54.28
CA VAL H 71 -15.76 -29.45 -53.58
C VAL H 71 -16.90 -30.30 -54.14
N MET H 72 -17.96 -29.66 -54.61
CA MET H 72 -19.23 -30.36 -54.88
C MET H 72 -19.36 -31.21 -56.13
N ASP H 73 -18.71 -30.82 -57.23
CA ASP H 73 -18.64 -31.69 -58.41
C ASP H 73 -17.91 -33.00 -58.07
N GLN H 74 -16.63 -32.87 -57.78
CA GLN H 74 -15.84 -33.95 -57.22
C GLN H 74 -16.50 -34.53 -55.97
N LEU H 83 -27.63 -39.83 -51.62
CA LEU H 83 -27.17 -39.14 -50.42
C LEU H 83 -26.08 -39.92 -49.66
N ASP H 84 -24.98 -40.20 -50.35
CA ASP H 84 -23.76 -40.63 -49.69
C ASP H 84 -22.97 -39.35 -49.49
N LEU H 85 -23.52 -38.24 -49.99
CA LEU H 85 -22.93 -36.93 -49.81
C LEU H 85 -22.64 -36.67 -48.34
N HIS H 86 -23.61 -36.93 -47.47
CA HIS H 86 -23.35 -36.73 -46.04
C HIS H 86 -22.16 -37.56 -45.55
N ARG H 87 -22.04 -38.80 -46.04
CA ARG H 87 -20.92 -39.67 -45.71
C ARG H 87 -19.63 -39.16 -46.34
N ALA H 88 -19.78 -38.40 -47.42
CA ALA H 88 -18.65 -37.81 -48.14
C ALA H 88 -18.13 -36.53 -47.45
N ILE H 89 -19.05 -35.63 -47.09
CA ILE H 89 -18.70 -34.44 -46.31
C ILE H 89 -17.97 -34.85 -45.04
N VAL H 90 -18.57 -35.74 -44.26
CA VAL H 90 -17.91 -36.23 -43.05
C VAL H 90 -16.53 -36.80 -43.40
N ALA H 91 -16.44 -37.47 -44.54
CA ALA H 91 -15.18 -38.05 -44.98
C ALA H 91 -14.11 -36.97 -45.12
N LEU H 92 -14.54 -35.77 -45.50
CA LEU H 92 -13.64 -34.65 -45.70
C LEU H 92 -13.24 -33.89 -44.43
N SER H 93 -14.20 -33.71 -43.53
CA SER H 93 -14.01 -32.93 -42.30
C SER H 93 -12.92 -33.48 -41.39
N GLU H 94 -12.54 -34.73 -41.63
CA GLU H 94 -11.58 -35.38 -40.76
C GLU H 94 -10.17 -35.10 -41.29
N LYS H 95 -10.08 -34.69 -42.55
CA LYS H 95 -8.82 -34.40 -43.21
C LYS H 95 -8.27 -32.99 -42.97
N MET H 96 -9.11 -32.08 -42.48
CA MET H 96 -8.66 -30.76 -42.06
C MET H 96 -8.23 -30.81 -40.61
N LYS H 97 -7.12 -30.15 -40.28
CA LYS H 97 -6.74 -30.03 -38.88
C LYS H 97 -6.00 -28.73 -38.61
N ALA H 98 -5.92 -28.39 -37.34
CA ALA H 98 -5.20 -27.22 -36.88
C ALA H 98 -4.50 -27.62 -35.59
N VAL H 99 -3.23 -27.26 -35.44
CA VAL H 99 -2.52 -27.60 -34.19
C VAL H 99 -1.64 -26.44 -33.74
N ASP H 100 -1.66 -26.15 -32.45
CA ASP H 100 -0.74 -25.17 -31.89
C ASP H 100 0.70 -25.70 -32.07
N ASP H 101 1.65 -24.82 -32.40
CA ASP H 101 3.03 -25.26 -32.50
C ASP H 101 3.78 -25.30 -31.15
N ASN H 102 3.16 -24.82 -30.08
CA ASN H 102 3.65 -25.06 -28.71
C ASN H 102 3.28 -26.45 -28.18
N ALA H 103 4.32 -27.22 -27.84
CA ALA H 103 4.25 -28.67 -27.52
C ALA H 103 3.23 -29.14 -26.46
N SER H 111 7.59 -19.19 -25.29
CA SER H 111 8.18 -19.08 -26.64
C SER H 111 8.09 -17.67 -27.26
N LEU H 112 8.69 -17.47 -28.43
CA LEU H 112 8.85 -16.11 -28.99
C LEU H 112 7.50 -15.54 -29.41
N TYR H 113 7.03 -15.97 -30.58
CA TYR H 113 5.72 -15.59 -31.06
C TYR H 113 4.79 -16.79 -31.10
N THR H 114 3.49 -16.53 -31.22
CA THR H 114 2.48 -17.58 -31.31
C THR H 114 2.28 -17.94 -32.77
N SER H 115 2.19 -19.22 -33.07
CA SER H 115 1.85 -19.64 -34.43
C SER H 115 1.11 -20.96 -34.39
N TRP H 116 0.22 -21.16 -35.34
CA TRP H 116 -0.50 -22.42 -35.49
C TRP H 116 -0.22 -22.95 -36.88
N THR H 117 -0.33 -24.27 -37.06
CA THR H 117 -0.14 -24.86 -38.37
C THR H 117 -1.43 -25.50 -38.77
N LEU H 118 -1.99 -25.07 -39.89
CA LEU H 118 -3.27 -25.62 -40.29
C LEU H 118 -3.14 -26.28 -41.64
N SER H 119 -3.79 -27.42 -41.79
CA SER H 119 -3.51 -28.34 -42.89
C SER H 119 -4.73 -29.08 -43.35
N PHE H 120 -4.79 -29.34 -44.64
CA PHE H 120 -5.83 -30.17 -45.22
C PHE H 120 -5.15 -31.09 -46.20
N THR H 121 -5.56 -32.36 -46.21
CA THR H 121 -4.96 -33.32 -47.13
C THR H 121 -5.98 -33.87 -48.12
N ALA H 122 -5.52 -34.15 -49.34
CA ALA H 122 -6.36 -34.59 -50.44
C ALA H 122 -5.57 -35.44 -51.45
N PRO H 123 -6.27 -36.08 -52.39
CA PRO H 123 -5.60 -36.93 -53.40
C PRO H 123 -4.69 -36.18 -54.37
N THR H 124 -5.12 -35.03 -54.85
CA THR H 124 -4.28 -34.24 -55.76
C THR H 124 -3.49 -33.19 -54.97
N SER H 125 -2.36 -32.74 -55.51
CA SER H 125 -1.57 -31.72 -54.86
C SER H 125 -2.35 -30.42 -54.85
N GLU H 126 -2.82 -30.02 -56.03
CA GLU H 126 -3.65 -28.83 -56.19
C GLU H 126 -4.97 -28.90 -55.40
N GLU H 127 -5.57 -30.07 -55.28
CA GLU H 127 -6.82 -30.15 -54.55
C GLU H 127 -6.57 -29.74 -53.10
N ALA H 128 -5.40 -30.07 -52.59
CA ALA H 128 -5.08 -29.80 -51.20
C ALA H 128 -5.05 -28.29 -50.95
N GLN H 129 -4.44 -27.57 -51.87
CA GLN H 129 -4.32 -26.13 -51.69
C GLN H 129 -5.67 -25.43 -51.85
N THR H 130 -6.32 -25.61 -52.99
CA THR H 130 -7.60 -24.96 -53.21
C THR H 130 -8.47 -25.07 -51.96
N VAL H 131 -8.86 -26.30 -51.63
CA VAL H 131 -9.72 -26.53 -50.48
C VAL H 131 -9.25 -25.81 -49.21
N LEU H 132 -7.96 -25.94 -48.88
CA LEU H 132 -7.41 -25.30 -47.68
C LEU H 132 -7.51 -23.76 -47.67
N SER H 133 -7.06 -23.14 -48.76
CA SER H 133 -7.12 -21.68 -48.86
C SER H 133 -8.58 -21.19 -48.84
N GLY H 134 -9.46 -21.93 -49.49
CA GLY H 134 -10.87 -21.59 -49.51
C GLY H 134 -11.52 -21.59 -48.14
N TYR H 135 -11.19 -22.57 -47.30
CA TYR H 135 -11.75 -22.64 -45.96
C TYR H 135 -11.14 -21.56 -45.08
N ILE H 136 -9.86 -21.26 -45.28
CA ILE H 136 -9.22 -20.24 -44.46
C ILE H 136 -9.89 -18.89 -44.71
N ASP H 137 -10.06 -18.55 -45.98
CA ASP H 137 -10.72 -17.31 -46.37
C ASP H 137 -12.17 -17.27 -45.93
N TYR H 138 -12.85 -18.41 -46.04
CA TYR H 138 -14.24 -18.53 -45.62
C TYR H 138 -14.40 -18.22 -44.13
N ILE H 139 -13.52 -18.79 -43.31
CA ILE H 139 -13.46 -18.49 -41.88
C ILE H 139 -13.11 -17.02 -41.62
N SER H 140 -12.03 -16.55 -42.23
CA SER H 140 -11.61 -15.17 -42.02
C SER H 140 -12.77 -14.22 -42.25
N ALA H 141 -13.54 -14.45 -43.30
CA ALA H 141 -14.67 -13.59 -43.60
C ALA H 141 -15.65 -13.55 -42.43
N LEU H 142 -15.99 -14.72 -41.89
CA LEU H 142 -16.88 -14.81 -40.75
C LEU H 142 -16.37 -13.97 -39.58
N VAL H 143 -15.07 -13.97 -39.37
CA VAL H 143 -14.53 -13.34 -38.17
C VAL H 143 -14.53 -11.81 -38.26
N VAL H 144 -14.41 -11.24 -39.47
CA VAL H 144 -14.57 -9.79 -39.62
C VAL H 144 -16.03 -9.38 -39.49
N LYS H 145 -16.94 -10.17 -40.06
CA LYS H 145 -18.37 -9.87 -39.95
C LYS H 145 -18.75 -9.78 -38.49
N GLU H 146 -18.50 -10.86 -37.76
CA GLU H 146 -18.83 -10.87 -36.34
C GLU H 146 -18.09 -9.73 -35.62
N SER H 147 -16.89 -9.44 -36.10
CA SER H 147 -16.03 -8.43 -35.48
C SER H 147 -16.60 -7.02 -35.56
N ILE H 148 -16.93 -6.56 -36.76
CA ILE H 148 -17.48 -5.24 -36.90
C ILE H 148 -18.92 -5.22 -36.43
N GLU H 149 -19.67 -6.30 -36.66
CA GLU H 149 -21.02 -6.41 -36.08
C GLU H 149 -20.97 -6.31 -34.56
N ASN H 150 -19.76 -6.37 -34.00
CA ASN H 150 -19.59 -6.30 -32.58
C ASN H 150 -19.32 -4.85 -32.18
N VAL H 151 -18.67 -4.14 -33.08
CA VAL H 151 -18.41 -2.70 -32.91
C VAL H 151 -19.72 -1.91 -33.04
N ARG H 152 -20.45 -2.16 -34.14
CA ARG H 152 -21.77 -1.62 -34.34
C ARG H 152 -22.65 -1.87 -33.14
N ASN H 153 -22.60 -3.06 -32.58
CA ASN H 153 -23.36 -3.29 -31.37
C ASN H 153 -22.87 -2.38 -30.24
N LYS H 154 -21.56 -2.33 -30.01
CA LYS H 154 -21.06 -1.45 -28.96
C LYS H 154 -21.49 0.03 -29.16
N LEU H 155 -21.77 0.41 -30.42
CA LEU H 155 -22.17 1.77 -30.78
C LEU H 155 -23.68 2.05 -30.55
N GLU H 156 -24.51 1.07 -30.89
CA GLU H 156 -25.93 1.18 -30.57
C GLU H 156 -26.15 1.23 -29.06
N ILE H 157 -25.42 0.42 -28.31
CA ILE H 157 -25.54 0.48 -26.87
C ILE H 157 -25.13 1.84 -26.32
N LYS H 158 -24.14 2.51 -26.92
CA LYS H 158 -23.67 3.82 -26.44
C LYS H 158 -24.71 4.88 -26.77
N THR H 159 -25.16 4.89 -28.02
CA THR H 159 -26.18 5.83 -28.47
C THR H 159 -27.40 5.73 -27.54
N GLN H 160 -27.88 4.50 -27.37
CA GLN H 160 -29.09 4.25 -26.57
C GLN H 160 -28.90 4.62 -25.10
N PHE H 161 -27.78 4.28 -24.50
CA PHE H 161 -27.57 4.68 -23.13
C PHE H 161 -27.46 6.20 -23.00
N GLU H 162 -26.68 6.82 -23.87
CA GLU H 162 -26.34 8.22 -23.73
C GLU H 162 -27.58 9.10 -23.88
N LYS H 163 -28.54 8.61 -24.66
CA LYS H 163 -29.73 9.40 -24.96
C LYS H 163 -30.80 9.23 -23.90
N GLU H 164 -30.90 8.05 -23.31
CA GLU H 164 -31.81 7.88 -22.20
C GLU H 164 -31.28 8.63 -20.98
N LYS H 165 -29.99 8.56 -20.71
CA LYS H 165 -29.47 9.30 -19.56
C LYS H 165 -29.82 10.77 -19.72
N LEU H 166 -29.88 11.22 -20.97
CA LEU H 166 -30.25 12.61 -21.24
C LEU H 166 -31.72 12.87 -20.94
N ALA H 167 -32.62 12.14 -21.60
CA ALA H 167 -34.04 12.27 -21.31
C ALA H 167 -34.25 12.33 -19.81
N GLN H 168 -33.56 11.46 -19.07
CA GLN H 168 -33.75 11.35 -17.64
C GLN H 168 -33.03 12.44 -16.84
N ASP H 169 -31.96 13.00 -17.40
CA ASP H 169 -31.26 14.06 -16.68
C ASP H 169 -31.97 15.40 -16.81
N ARG H 170 -32.77 15.58 -17.85
CA ARG H 170 -33.55 16.80 -18.01
C ARG H 170 -34.66 16.83 -16.99
N ILE H 171 -35.39 15.73 -16.89
CA ILE H 171 -36.44 15.65 -15.91
C ILE H 171 -35.88 15.85 -14.51
N LYS H 172 -34.69 15.35 -14.23
CA LYS H 172 -34.12 15.54 -12.90
C LYS H 172 -33.74 17.02 -12.71
N MET H 173 -33.41 17.68 -13.80
CA MET H 173 -33.07 19.10 -13.81
C MET H 173 -34.30 19.97 -13.53
N LYS H 174 -35.39 19.65 -14.22
CA LYS H 174 -36.64 20.35 -14.06
C LYS H 174 -37.23 20.18 -12.66
N ASN H 175 -37.11 19.01 -12.07
CA ASN H 175 -37.57 18.85 -10.70
C ASN H 175 -36.75 19.69 -9.75
N GLN H 176 -35.52 20.03 -10.14
CA GLN H 176 -34.67 20.84 -9.27
C GLN H 176 -35.03 22.34 -9.38
N LEU H 177 -35.19 22.80 -10.62
CA LEU H 177 -35.71 24.12 -10.91
C LEU H 177 -36.96 24.33 -10.06
N ASP H 178 -37.89 23.39 -10.17
CA ASP H 178 -39.19 23.53 -9.50
C ASP H 178 -39.12 23.54 -7.99
N ALA H 179 -38.08 22.97 -7.40
CA ALA H 179 -37.96 23.06 -5.96
C ALA H 179 -37.25 24.36 -5.60
N ASN H 180 -36.64 24.98 -6.59
CA ASN H 180 -35.93 26.23 -6.38
C ASN H 180 -36.84 27.42 -6.60
N ILE H 181 -37.82 27.24 -7.48
CA ILE H 181 -38.82 28.25 -7.71
C ILE H 181 -39.67 28.34 -6.45
N GLN H 182 -39.81 27.25 -5.72
CA GLN H 182 -40.55 27.29 -4.47
C GLN H 182 -39.70 27.83 -3.33
N ARG H 183 -38.39 27.83 -3.49
CA ARG H 183 -37.57 28.42 -2.45
C ARG H 183 -37.47 29.91 -2.71
N LEU H 184 -37.28 30.27 -3.97
CA LEU H 184 -37.22 31.66 -4.39
C LEU H 184 -38.49 32.38 -3.92
N ASN H 185 -39.64 31.86 -4.33
CA ASN H 185 -40.96 32.31 -3.88
C ASN H 185 -41.08 32.57 -2.38
N TYR H 186 -40.44 31.76 -1.55
CA TYR H 186 -40.47 31.96 -0.11
C TYR H 186 -39.35 32.92 0.30
N SER H 187 -38.34 33.05 -0.56
CA SER H 187 -37.31 34.07 -0.35
C SER H 187 -37.91 35.48 -0.50
N LEU H 188 -38.69 35.67 -1.56
CA LEU H 188 -39.45 36.89 -1.73
C LEU H 188 -40.26 37.24 -0.48
N ASP H 189 -41.08 36.32 0.00
CA ASP H 189 -41.91 36.61 1.16
C ASP H 189 -41.09 37.08 2.35
N ILE H 190 -40.04 36.33 2.68
CA ILE H 190 -39.22 36.67 3.84
C ILE H 190 -38.55 38.00 3.60
N ALA H 191 -38.12 38.21 2.36
CA ALA H 191 -37.51 39.48 1.99
C ALA H 191 -38.49 40.64 2.26
N ASN H 192 -39.65 40.60 1.62
CA ASN H 192 -40.69 41.59 1.87
C ASN H 192 -40.88 41.84 3.37
N ALA H 193 -41.11 40.78 4.14
CA ALA H 193 -41.34 40.92 5.57
C ALA H 193 -40.16 41.55 6.35
N ALA H 194 -38.94 41.37 5.86
CA ALA H 194 -37.78 41.91 6.56
C ALA H 194 -37.58 43.37 6.20
N GLY H 195 -38.26 43.78 5.13
CA GLY H 195 -38.19 45.15 4.66
C GLY H 195 -37.17 45.32 3.55
N ILE H 196 -36.37 44.28 3.32
CA ILE H 196 -35.29 44.32 2.32
C ILE H 196 -35.80 44.31 0.87
N LYS H 197 -36.00 45.52 0.33
CA LYS H 197 -36.56 45.73 -1.01
C LYS H 197 -35.49 46.03 -2.08
N LYS H 198 -34.33 46.52 -1.64
CA LYS H 198 -33.19 46.75 -2.53
C LYS H 198 -31.98 45.99 -2.02
N PRO H 199 -31.09 45.53 -2.91
CA PRO H 199 -30.00 44.60 -2.57
C PRO H 199 -29.22 44.88 -1.28
N VAL H 200 -28.07 44.21 -1.14
CA VAL H 200 -27.21 44.38 0.04
C VAL H 200 -25.77 43.90 -0.13
N ASP H 206 -28.85 34.33 5.23
CA ASP H 206 -29.69 33.18 5.60
C ASP H 206 -29.45 31.99 4.67
N PRO H 207 -29.07 30.84 5.27
CA PRO H 207 -28.69 29.62 4.54
C PRO H 207 -29.85 29.02 3.74
N ASP H 208 -31.01 28.92 4.37
CA ASP H 208 -32.18 28.33 3.73
C ASP H 208 -32.74 29.24 2.62
N PHE H 209 -33.17 30.43 3.01
CA PHE H 209 -33.85 31.34 2.09
C PHE H 209 -32.96 32.54 1.84
N SER H 210 -32.27 32.53 0.70
CA SER H 210 -31.35 33.63 0.36
C SER H 210 -32.14 34.91 0.11
N ILE H 211 -31.75 35.97 0.79
CA ILE H 211 -32.57 37.16 0.87
C ILE H 211 -31.88 38.38 0.27
N SER H 212 -30.58 38.27 0.09
CA SER H 212 -29.72 39.40 -0.19
C SER H 212 -29.87 40.01 -1.58
N LEU H 213 -30.50 39.32 -2.51
CA LEU H 213 -30.78 39.94 -3.80
C LEU H 213 -31.86 41.04 -3.64
N GLY H 214 -32.58 41.00 -2.53
CA GLY H 214 -33.60 42.01 -2.25
C GLY H 214 -34.89 41.73 -3.00
N ALA H 215 -36.01 42.18 -2.44
CA ALA H 215 -37.31 41.84 -2.97
C ALA H 215 -37.50 42.27 -4.43
N ASP H 216 -36.84 43.35 -4.82
CA ASP H 216 -36.95 43.85 -6.18
C ASP H 216 -36.29 42.91 -7.17
N GLY H 217 -35.00 42.64 -6.96
CA GLY H 217 -34.26 41.72 -7.80
C GLY H 217 -34.83 40.31 -7.81
N ILE H 218 -35.19 39.82 -6.62
CA ILE H 218 -35.78 38.50 -6.46
C ILE H 218 -37.05 38.33 -7.28
N GLU H 219 -37.91 39.33 -7.26
CA GLU H 219 -39.22 39.19 -7.89
C GLU H 219 -39.09 39.07 -9.40
N ARG H 220 -37.93 39.48 -9.92
CA ARG H 220 -37.73 39.40 -11.36
C ARG H 220 -37.08 38.05 -11.70
N LYS H 221 -36.13 37.63 -10.87
CA LYS H 221 -35.55 36.30 -10.96
C LYS H 221 -36.67 35.27 -10.97
N LEU H 222 -37.63 35.48 -10.07
CA LEU H 222 -38.69 34.54 -9.85
C LEU H 222 -39.57 34.41 -11.09
N GLU H 223 -39.73 35.51 -11.81
CA GLU H 223 -40.57 35.48 -12.99
C GLU H 223 -39.84 34.77 -14.13
N ILE H 224 -38.54 35.03 -14.25
CA ILE H 224 -37.74 34.47 -15.33
C ILE H 224 -37.67 32.94 -15.27
N GLU H 225 -37.69 32.43 -14.04
CA GLU H 225 -37.59 30.99 -13.80
C GLU H 225 -38.91 30.25 -14.04
N LYS H 226 -40.02 30.87 -13.65
CA LYS H 226 -41.33 30.33 -13.98
C LYS H 226 -41.52 30.28 -15.50
N ALA H 227 -40.84 31.19 -16.20
CA ALA H 227 -40.99 31.31 -17.64
C ALA H 227 -40.10 30.33 -18.41
N VAL H 228 -39.01 29.90 -17.80
CA VAL H 228 -38.08 28.95 -18.39
C VAL H 228 -38.83 27.69 -18.83
N THR H 229 -38.62 27.30 -20.09
CA THR H 229 -39.42 26.25 -20.69
C THR H 229 -38.55 25.21 -21.40
N ASP H 230 -37.30 25.12 -20.95
CA ASP H 230 -36.31 24.22 -21.51
C ASP H 230 -35.07 24.41 -20.65
N VAL H 231 -34.75 23.38 -19.86
CA VAL H 231 -33.66 23.41 -18.91
C VAL H 231 -32.33 23.57 -19.62
N ALA H 232 -32.35 23.34 -20.93
CA ALA H 232 -31.17 23.49 -21.75
C ALA H 232 -30.76 24.96 -21.89
N GLU H 233 -31.71 25.84 -22.20
CA GLU H 233 -31.39 27.26 -22.45
C GLU H 233 -30.32 27.87 -21.52
N LEU H 234 -30.35 27.55 -20.23
CA LEU H 234 -29.34 28.06 -19.31
C LEU H 234 -28.20 27.09 -19.01
N ASN H 235 -28.27 25.88 -19.55
CA ASN H 235 -27.29 24.85 -19.19
C ASN H 235 -26.42 24.36 -20.36
N GLY H 236 -25.15 24.79 -20.36
CA GLY H 236 -24.25 24.41 -21.43
C GLY H 236 -24.04 22.90 -21.52
N GLU H 237 -23.79 22.28 -20.37
CA GLU H 237 -23.61 20.85 -20.32
C GLU H 237 -24.75 20.16 -21.04
N LEU H 238 -25.97 20.48 -20.63
CA LEU H 238 -27.17 19.87 -21.21
C LEU H 238 -27.23 20.09 -22.72
N ARG H 239 -26.83 21.28 -23.17
CA ARG H 239 -26.87 21.59 -24.58
C ARG H 239 -25.86 20.70 -25.30
N ASN H 240 -24.71 20.50 -24.67
CA ASN H 240 -23.63 19.68 -25.25
C ASN H 240 -23.97 18.20 -25.31
N ARG H 241 -24.56 17.66 -24.23
CA ARG H 241 -24.94 16.25 -24.18
C ARG H 241 -25.83 15.87 -25.34
N GLN H 242 -26.78 16.74 -25.68
CA GLN H 242 -27.60 16.54 -26.87
C GLN H 242 -26.74 16.51 -28.15
N TYR H 243 -25.64 17.23 -28.14
CA TYR H 243 -24.72 17.24 -29.28
C TYR H 243 -24.11 15.84 -29.51
N LEU H 244 -23.61 15.25 -28.42
CA LEU H 244 -23.14 13.87 -28.40
C LEU H 244 -24.18 12.96 -29.00
N VAL H 245 -25.34 12.88 -28.37
CA VAL H 245 -26.40 12.05 -28.88
C VAL H 245 -26.58 12.15 -30.39
N GLU H 246 -26.44 13.33 -30.95
CA GLU H 246 -26.66 13.47 -32.37
C GLU H 246 -25.50 12.93 -33.21
N GLN H 247 -24.30 12.93 -32.64
CA GLN H 247 -23.14 12.41 -33.35
C GLN H 247 -23.08 10.86 -33.35
N LEU H 248 -23.32 10.28 -32.17
CA LEU H 248 -23.53 8.85 -32.03
C LEU H 248 -24.59 8.37 -33.02
N THR H 249 -25.72 9.07 -33.06
CA THR H 249 -26.84 8.72 -33.94
C THR H 249 -26.49 8.93 -35.39
N LYS H 250 -25.48 9.72 -35.65
CA LYS H 250 -25.13 10.03 -37.03
C LYS H 250 -24.03 9.07 -37.43
N ALA H 251 -23.06 8.91 -36.54
CA ALA H 251 -21.86 8.10 -36.80
C ALA H 251 -22.16 6.73 -37.34
N ASN H 252 -21.35 6.32 -38.33
CA ASN H 252 -21.49 5.01 -38.98
C ASN H 252 -20.18 4.22 -38.99
N ILE H 253 -20.26 2.92 -38.67
CA ILE H 253 -19.12 2.01 -38.80
C ILE H 253 -19.20 1.21 -40.10
N ASN H 254 -18.40 1.61 -41.08
CA ASN H 254 -18.43 1.00 -42.40
C ASN H 254 -17.67 -0.33 -42.47
N ASP H 255 -17.73 -1.00 -43.62
CA ASP H 255 -17.25 -2.38 -43.73
C ASP H 255 -15.74 -2.54 -43.94
N VAL H 256 -14.96 -1.99 -43.01
CA VAL H 256 -13.52 -2.20 -42.99
C VAL H 256 -13.23 -3.67 -43.22
N ASN H 257 -12.24 -3.95 -44.05
CA ASN H 257 -11.78 -5.33 -44.24
C ASN H 257 -10.39 -5.54 -43.63
N PHE H 258 -10.17 -6.72 -43.07
CA PHE H 258 -8.84 -7.09 -42.60
C PHE H 258 -8.61 -8.62 -42.68
N THR H 259 -7.53 -9.07 -42.06
CA THR H 259 -7.26 -10.51 -41.93
C THR H 259 -6.91 -10.78 -40.47
N PRO H 260 -7.62 -11.71 -39.84
CA PRO H 260 -7.36 -11.90 -38.41
C PRO H 260 -6.10 -12.74 -38.13
N PHE H 261 -5.15 -12.71 -39.06
CA PHE H 261 -3.88 -13.40 -38.86
C PHE H 261 -2.81 -12.85 -39.78
N LYS H 262 -1.57 -13.30 -39.59
CA LYS H 262 -0.48 -13.02 -40.52
C LYS H 262 0.13 -14.35 -40.96
N TYR H 263 0.28 -14.54 -42.28
CA TYR H 263 0.92 -15.76 -42.79
C TYR H 263 2.44 -15.79 -42.55
N GLN H 264 2.91 -16.87 -41.93
CA GLN H 264 4.32 -17.25 -41.98
C GLN H 264 4.52 -18.08 -43.25
N LEU H 265 3.50 -18.86 -43.56
CA LEU H 265 3.48 -19.65 -44.78
C LEU H 265 2.04 -19.74 -45.30
N SER H 266 1.77 -19.12 -46.45
CA SER H 266 0.48 -19.29 -47.12
C SER H 266 0.28 -20.76 -47.56
N PRO H 267 -0.98 -21.17 -47.79
CA PRO H 267 -1.28 -22.55 -48.19
C PRO H 267 -0.35 -23.06 -49.28
N SER H 268 0.33 -24.16 -49.00
CA SER H 268 1.38 -24.63 -49.88
C SER H 268 0.88 -25.48 -51.03
N LEU H 269 1.69 -25.57 -52.08
CA LEU H 269 1.50 -26.59 -53.12
C LEU H 269 2.55 -27.64 -52.81
N PRO H 270 2.12 -28.88 -52.52
CA PRO H 270 3.03 -29.90 -51.96
C PRO H 270 3.94 -30.66 -52.94
N TRP I 9 31.07 -25.40 -46.88
CA TRP I 9 29.79 -25.16 -47.53
C TRP I 9 28.57 -24.96 -46.57
N THR I 10 28.87 -24.44 -45.39
CA THR I 10 27.86 -23.87 -44.48
C THR I 10 28.31 -22.54 -43.83
N SER I 11 27.69 -21.43 -44.25
CA SER I 11 27.98 -20.13 -43.63
C SER I 11 27.02 -19.81 -42.49
N ALA I 12 27.55 -19.31 -41.39
CA ALA I 12 26.71 -18.89 -40.27
C ALA I 12 26.78 -17.39 -40.07
N ALA I 13 25.78 -16.86 -39.38
CA ALA I 13 25.88 -15.53 -38.82
C ALA I 13 25.38 -15.61 -37.40
N VAL I 14 25.95 -14.84 -36.51
CA VAL I 14 25.38 -14.76 -35.17
C VAL I 14 24.87 -13.37 -34.94
N VAL I 15 23.57 -13.24 -34.66
CA VAL I 15 22.93 -11.93 -34.47
C VAL I 15 22.34 -11.68 -33.08
N THR I 16 22.29 -10.43 -32.68
CA THR I 16 21.89 -10.03 -31.33
C THR I 16 20.88 -8.86 -31.42
N PRO I 17 20.08 -8.61 -30.37
CA PRO I 17 19.29 -7.36 -30.35
C PRO I 17 20.22 -6.16 -30.53
N PRO I 18 19.84 -5.23 -31.44
CA PRO I 18 20.72 -4.11 -31.79
C PRO I 18 20.96 -3.22 -30.59
N GLU I 19 22.04 -2.45 -30.66
CA GLU I 19 22.44 -1.63 -29.53
C GLU I 19 22.14 -0.16 -29.69
N PRO I 20 21.99 0.53 -28.54
CA PRO I 20 21.79 1.97 -28.38
C PRO I 20 22.33 2.78 -29.54
N VAL I 21 23.64 2.71 -29.76
CA VAL I 21 24.24 3.61 -30.72
C VAL I 21 23.70 3.39 -32.13
N GLN I 22 23.06 2.25 -32.36
CA GLN I 22 22.47 1.98 -33.67
C GLN I 22 21.13 2.68 -33.81
N TRP I 23 20.69 3.34 -32.73
CA TRP I 23 19.32 3.79 -32.64
C TRP I 23 19.21 5.32 -32.68
N GLN I 24 20.35 6.00 -32.62
CA GLN I 24 20.36 7.46 -32.55
C GLN I 24 19.52 8.13 -33.63
N GLU I 25 19.72 7.77 -34.90
CA GLU I 25 18.87 8.30 -35.95
C GLU I 25 17.39 8.18 -35.60
N LEU I 26 16.94 6.99 -35.25
CA LEU I 26 15.57 6.84 -34.78
C LEU I 26 15.24 7.73 -33.59
N GLU I 27 16.13 7.82 -32.61
CA GLU I 27 15.80 8.54 -31.37
C GLU I 27 15.72 10.08 -31.54
N LYS I 28 16.26 10.61 -32.66
CA LYS I 28 16.14 12.03 -33.02
C LYS I 28 14.80 12.33 -33.70
N THR I 29 14.31 11.36 -34.47
CA THR I 29 13.00 11.43 -35.10
C THR I 29 11.91 11.28 -34.05
N PHE I 30 12.15 10.46 -33.04
CA PHE I 30 11.14 10.18 -32.01
C PHE I 30 11.05 11.28 -30.96
N THR I 31 12.11 12.06 -30.79
CA THR I 31 12.04 13.20 -29.88
C THR I 31 11.38 14.42 -30.54
N LYS I 32 11.35 14.47 -31.87
CA LYS I 32 10.65 15.54 -32.58
C LYS I 32 9.15 15.29 -32.53
N LEU I 33 8.77 14.05 -32.21
CA LEU I 33 7.37 13.69 -32.05
C LEU I 33 6.99 13.77 -30.59
N ARG I 34 7.98 13.67 -29.72
CA ARG I 34 7.78 13.85 -28.27
C ARG I 34 7.31 15.27 -27.94
N VAL I 35 7.81 16.25 -28.69
CA VAL I 35 7.46 17.64 -28.49
C VAL I 35 6.03 17.90 -28.96
N LEU I 36 5.55 17.09 -29.91
CA LEU I 36 4.17 17.13 -30.36
C LEU I 36 3.28 16.20 -29.53
N ASP I 37 3.64 16.01 -28.26
CA ASP I 37 2.86 15.21 -27.30
C ASP I 37 2.52 13.78 -27.76
N LEU I 38 3.27 13.23 -28.71
CA LEU I 38 3.05 11.87 -29.20
C LEU I 38 4.27 11.04 -28.86
N ASP I 39 4.35 10.48 -27.65
CA ASP I 39 5.55 9.73 -27.32
C ASP I 39 5.50 8.29 -27.84
N ILE I 40 6.44 7.99 -28.71
CA ILE I 40 6.44 6.79 -29.49
C ILE I 40 7.77 6.11 -29.21
N LYS I 41 7.81 4.79 -29.41
CA LYS I 41 9.06 4.02 -29.35
C LYS I 41 9.11 3.00 -30.47
N ILE I 42 10.31 2.50 -30.75
CA ILE I 42 10.49 1.20 -31.38
C ILE I 42 11.48 0.46 -30.49
N ASP I 43 10.96 -0.37 -29.60
CA ASP I 43 11.78 -1.11 -28.63
C ASP I 43 12.82 -2.01 -29.32
N ARG I 44 14.11 -1.81 -29.02
CA ARG I 44 15.19 -2.52 -29.71
C ARG I 44 14.96 -4.02 -29.74
N THR I 45 14.68 -4.60 -28.57
CA THR I 45 14.45 -6.05 -28.48
C THR I 45 13.23 -6.52 -29.28
N GLU I 46 12.26 -5.63 -29.46
CA GLU I 46 11.08 -5.95 -30.26
C GLU I 46 11.40 -5.92 -31.75
N ALA I 47 12.28 -5.00 -32.14
CA ALA I 47 12.76 -4.94 -33.51
C ALA I 47 13.48 -6.25 -33.80
N PHE I 48 14.31 -6.67 -32.84
CA PHE I 48 15.02 -7.91 -32.99
C PHE I 48 14.06 -9.09 -33.17
N ASN I 49 13.09 -9.21 -32.26
CA ASN I 49 12.15 -10.32 -32.29
C ASN I 49 11.29 -10.34 -33.54
N LEU I 50 11.13 -9.20 -34.17
CA LEU I 50 10.36 -9.17 -35.40
C LEU I 50 11.23 -9.58 -36.57
N PHE I 51 12.54 -9.33 -36.46
CA PHE I 51 13.51 -9.81 -37.45
C PHE I 51 13.57 -11.34 -37.53
N ILE I 52 13.77 -11.97 -36.38
CA ILE I 52 13.81 -13.42 -36.29
C ILE I 52 12.52 -13.98 -36.85
N LYS I 53 11.39 -13.41 -36.42
CA LYS I 53 10.09 -13.95 -36.80
C LYS I 53 9.88 -13.85 -38.29
N LYS I 54 10.46 -12.83 -38.90
CA LYS I 54 10.30 -12.68 -40.33
C LYS I 54 11.17 -13.73 -40.98
N PHE I 55 12.35 -13.86 -40.40
CA PHE I 55 13.38 -14.76 -40.93
C PHE I 55 12.92 -16.20 -40.98
N GLN I 56 12.25 -16.63 -39.92
CA GLN I 56 11.65 -17.96 -39.85
C GLN I 56 10.43 -18.09 -40.74
N SER I 57 10.06 -17.03 -41.45
CA SER I 57 8.92 -17.15 -42.34
C SER I 57 9.36 -17.93 -43.55
N VAL I 58 8.63 -18.98 -43.89
CA VAL I 58 9.04 -19.75 -45.05
C VAL I 58 8.58 -19.08 -46.34
N SER I 59 7.41 -18.45 -46.31
CA SER I 59 6.89 -17.81 -47.51
C SER I 59 7.71 -16.59 -47.89
N LEU I 60 8.29 -15.89 -46.92
CA LEU I 60 9.25 -14.87 -47.26
C LEU I 60 10.47 -15.46 -47.99
N LEU I 61 11.07 -16.49 -47.39
CA LEU I 61 12.24 -17.15 -47.95
C LEU I 61 12.09 -17.49 -49.44
N GLU I 62 10.91 -17.98 -49.84
CA GLU I 62 10.70 -18.30 -51.24
C GLU I 62 10.60 -17.07 -52.11
N GLU I 63 9.85 -16.07 -51.62
CA GLU I 63 9.66 -14.83 -52.35
C GLU I 63 11.01 -14.17 -52.58
N TYR I 64 11.94 -14.39 -51.66
CA TYR I 64 13.31 -13.97 -51.87
C TYR I 64 14.05 -14.84 -52.91
N LEU I 65 14.10 -16.15 -52.71
CA LEU I 65 14.77 -17.03 -53.65
C LEU I 65 14.24 -16.80 -55.08
N ARG I 66 12.93 -16.69 -55.21
CA ARG I 66 12.32 -16.61 -56.54
C ARG I 66 12.60 -15.26 -57.18
N SER I 67 13.03 -14.31 -56.34
CA SER I 67 13.23 -12.91 -56.75
C SER I 67 14.70 -12.60 -57.06
N SER I 68 15.60 -13.27 -56.33
CA SER I 68 17.04 -13.09 -56.48
C SER I 68 17.58 -13.62 -57.80
N PRO I 69 18.15 -12.71 -58.64
CA PRO I 69 18.71 -13.09 -59.94
C PRO I 69 19.78 -14.14 -59.72
N TYR I 70 20.59 -13.92 -58.70
CA TYR I 70 21.68 -14.81 -58.32
C TYR I 70 21.25 -16.27 -58.26
N VAL I 71 20.24 -16.56 -57.45
CA VAL I 71 19.73 -17.91 -57.33
C VAL I 71 19.14 -18.38 -58.65
N MET I 72 18.41 -17.51 -59.33
CA MET I 72 17.64 -17.93 -60.51
C MET I 72 18.50 -18.29 -61.72
N ASP I 73 19.71 -17.72 -61.81
CA ASP I 73 20.69 -18.20 -62.80
C ASP I 73 20.74 -19.74 -62.75
N GLN I 74 21.40 -20.22 -61.71
CA GLN I 74 21.53 -21.63 -61.40
C GLN I 74 20.19 -22.26 -61.10
N LEU I 83 7.66 -26.88 -64.91
CA LEU I 83 7.95 -25.89 -63.86
C LEU I 83 8.46 -26.56 -62.59
N ASP I 84 9.37 -27.53 -62.80
CA ASP I 84 10.10 -28.18 -61.71
C ASP I 84 10.63 -27.18 -60.69
N LEU I 85 11.08 -26.03 -61.20
CA LEU I 85 11.66 -24.97 -60.36
C LEU I 85 11.08 -24.88 -58.96
N HIS I 86 9.75 -24.98 -58.84
CA HIS I 86 9.12 -24.93 -57.52
C HIS I 86 9.81 -25.90 -56.56
N ARG I 87 9.95 -27.15 -56.98
CA ARG I 87 10.62 -28.16 -56.17
C ARG I 87 12.03 -27.70 -55.76
N ALA I 88 12.77 -27.10 -56.67
CA ALA I 88 14.13 -26.65 -56.35
C ALA I 88 14.15 -25.61 -55.24
N ILE I 89 13.19 -24.67 -55.31
CA ILE I 89 13.03 -23.62 -54.31
C ILE I 89 12.76 -24.22 -52.94
N VAL I 90 11.73 -25.05 -52.89
CA VAL I 90 11.40 -25.83 -51.69
C VAL I 90 12.62 -26.56 -51.12
N ALA I 91 13.47 -27.10 -52.01
CA ALA I 91 14.66 -27.83 -51.57
C ALA I 91 15.74 -26.85 -51.09
N LEU I 92 15.88 -25.72 -51.77
CA LEU I 92 16.73 -24.64 -51.27
C LEU I 92 16.21 -24.08 -49.94
N SER I 93 14.90 -23.90 -49.82
CA SER I 93 14.36 -23.27 -48.63
C SER I 93 14.59 -24.10 -47.37
N GLU I 94 14.61 -25.42 -47.52
CA GLU I 94 14.79 -26.32 -46.39
C GLU I 94 16.17 -26.17 -45.74
N LYS I 95 17.13 -25.66 -46.50
CA LYS I 95 18.49 -25.49 -45.98
C LYS I 95 18.74 -24.21 -45.16
N MET I 96 17.76 -23.30 -45.09
CA MET I 96 17.86 -22.07 -44.28
C MET I 96 17.52 -22.35 -42.83
N LYS I 97 18.36 -21.92 -41.90
CA LYS I 97 18.14 -22.27 -40.49
C LYS I 97 18.44 -21.13 -39.53
N ALA I 98 17.63 -21.02 -38.46
CA ALA I 98 17.84 -20.03 -37.39
C ALA I 98 17.61 -20.71 -36.04
N VAL I 99 18.39 -20.35 -35.03
CA VAL I 99 18.39 -21.12 -33.80
C VAL I 99 18.78 -20.31 -32.58
N ASP I 100 17.86 -20.16 -31.64
CA ASP I 100 18.20 -19.53 -30.38
C ASP I 100 19.41 -20.24 -29.81
N ASP I 101 20.47 -19.48 -29.59
CA ASP I 101 21.72 -19.99 -29.03
C ASP I 101 21.57 -20.35 -27.56
N ASN I 102 20.33 -20.47 -27.11
CA ASN I 102 20.05 -20.73 -25.72
C ASN I 102 18.73 -21.47 -25.51
N ALA I 103 18.61 -22.68 -26.06
CA ALA I 103 17.34 -23.41 -25.99
C ALA I 103 17.26 -24.37 -24.82
N SER I 111 21.13 -16.01 -19.36
CA SER I 111 22.25 -15.64 -20.23
C SER I 111 22.70 -14.16 -20.14
N LEU I 112 23.92 -13.90 -20.60
CA LEU I 112 24.47 -12.54 -20.57
C LEU I 112 23.81 -11.67 -21.64
N TYR I 113 23.43 -12.29 -22.74
CA TYR I 113 22.74 -11.59 -23.80
C TYR I 113 22.11 -12.57 -24.79
N THR I 114 20.88 -12.27 -25.20
CA THR I 114 20.22 -12.99 -26.28
C THR I 114 21.08 -13.03 -27.52
N SER I 115 21.05 -14.16 -28.22
CA SER I 115 21.72 -14.27 -29.52
C SER I 115 21.23 -15.49 -30.27
N TRP I 116 21.11 -15.35 -31.59
CA TRP I 116 20.69 -16.45 -32.44
C TRP I 116 21.76 -16.75 -33.47
N THR I 117 21.71 -17.94 -34.05
CA THR I 117 22.62 -18.31 -35.11
C THR I 117 21.86 -18.55 -36.40
N LEU I 118 22.19 -17.77 -37.42
CA LEU I 118 21.54 -17.91 -38.71
C LEU I 118 22.43 -18.72 -39.61
N SER I 119 21.85 -19.48 -40.53
CA SER I 119 22.69 -20.35 -41.34
C SER I 119 22.05 -20.85 -42.60
N PHE I 120 22.89 -20.92 -43.63
CA PHE I 120 22.53 -21.51 -44.90
C PHE I 120 23.63 -22.48 -45.35
N THR I 121 23.25 -23.62 -45.94
CA THR I 121 24.24 -24.51 -46.52
C THR I 121 24.07 -24.58 -48.04
N ALA I 122 25.19 -24.78 -48.74
CA ALA I 122 25.15 -24.86 -50.19
C ALA I 122 26.31 -25.68 -50.73
N PRO I 123 26.29 -26.02 -52.03
CA PRO I 123 27.36 -26.82 -52.62
C PRO I 123 28.72 -26.13 -52.57
N THR I 124 28.79 -24.88 -53.02
CA THR I 124 30.03 -24.12 -52.96
C THR I 124 30.10 -23.34 -51.64
N SER I 125 31.17 -22.58 -51.43
CA SER I 125 31.29 -21.77 -50.20
C SER I 125 30.75 -20.37 -50.39
N GLU I 126 31.06 -19.73 -51.51
CA GLU I 126 30.51 -18.42 -51.82
C GLU I 126 29.00 -18.55 -52.05
N GLU I 127 28.57 -19.71 -52.52
CA GLU I 127 27.16 -19.99 -52.63
C GLU I 127 26.45 -19.84 -51.29
N ALA I 128 27.09 -20.29 -50.21
CA ALA I 128 26.52 -20.12 -48.88
C ALA I 128 26.65 -18.67 -48.43
N GLN I 129 27.90 -18.20 -48.34
CA GLN I 129 28.21 -16.84 -48.01
C GLN I 129 27.18 -15.89 -48.58
N THR I 130 27.01 -15.88 -49.90
CA THR I 130 26.12 -14.86 -50.48
C THR I 130 24.66 -15.09 -50.11
N VAL I 131 24.06 -16.21 -50.51
CA VAL I 131 22.63 -16.42 -50.25
C VAL I 131 22.18 -16.07 -48.83
N LEU I 132 22.95 -16.46 -47.80
CA LEU I 132 22.58 -16.11 -46.42
C LEU I 132 22.55 -14.61 -46.20
N SER I 133 23.63 -13.95 -46.59
CA SER I 133 23.71 -12.48 -46.54
C SER I 133 22.57 -11.79 -47.31
N GLY I 134 22.38 -12.18 -48.56
CA GLY I 134 21.30 -11.64 -49.37
C GLY I 134 19.90 -11.82 -48.77
N TYR I 135 19.69 -12.86 -47.97
CA TYR I 135 18.40 -13.08 -47.34
C TYR I 135 18.31 -12.31 -46.03
N ILE I 136 19.40 -12.26 -45.28
CA ILE I 136 19.45 -11.45 -44.06
C ILE I 136 19.11 -10.01 -44.37
N ASP I 137 19.51 -9.53 -45.54
CA ASP I 137 19.24 -8.17 -45.97
C ASP I 137 17.80 -7.99 -46.40
N TYR I 138 17.37 -8.79 -47.37
CA TYR I 138 15.97 -8.80 -47.79
C TYR I 138 15.07 -8.63 -46.58
N ILE I 139 15.22 -9.54 -45.61
CA ILE I 139 14.43 -9.51 -44.39
C ILE I 139 14.61 -8.22 -43.60
N SER I 140 15.85 -7.78 -43.39
CA SER I 140 16.01 -6.59 -42.59
C SER I 140 15.34 -5.37 -43.25
N ALA I 141 15.41 -5.31 -44.58
CA ALA I 141 14.72 -4.30 -45.37
C ALA I 141 13.25 -4.33 -44.98
N LEU I 142 12.74 -5.54 -44.77
CA LEU I 142 11.34 -5.70 -44.41
C LEU I 142 10.99 -5.19 -43.03
N VAL I 143 11.82 -5.46 -42.03
CA VAL I 143 11.50 -4.99 -40.68
C VAL I 143 11.60 -3.47 -40.58
N VAL I 144 12.46 -2.89 -41.42
CA VAL I 144 12.70 -1.45 -41.43
C VAL I 144 11.53 -0.71 -42.07
N LYS I 145 11.10 -1.16 -43.24
CA LYS I 145 10.00 -0.52 -43.92
C LYS I 145 8.67 -0.68 -43.14
N GLU I 146 8.58 -1.72 -42.33
CA GLU I 146 7.38 -1.98 -41.54
C GLU I 146 7.41 -1.17 -40.23
N SER I 147 8.58 -1.06 -39.62
CA SER I 147 8.73 -0.25 -38.42
C SER I 147 8.40 1.21 -38.72
N ILE I 148 8.66 1.63 -39.95
CA ILE I 148 8.41 3.01 -40.34
C ILE I 148 6.93 3.21 -40.61
N GLU I 149 6.36 2.44 -41.54
CA GLU I 149 4.92 2.47 -41.78
C GLU I 149 4.17 2.50 -40.45
N ASN I 150 4.77 1.88 -39.44
CA ASN I 150 4.13 1.78 -38.14
C ASN I 150 4.07 3.11 -37.45
N VAL I 151 5.21 3.81 -37.42
CA VAL I 151 5.27 5.15 -36.84
C VAL I 151 4.43 6.15 -37.64
N ARG I 152 4.67 6.22 -38.96
CA ARG I 152 3.85 7.06 -39.84
C ARG I 152 2.37 6.82 -39.61
N ASN I 153 2.02 5.64 -39.10
CA ASN I 153 0.64 5.34 -38.78
C ASN I 153 0.21 5.96 -37.46
N LYS I 154 0.98 5.74 -36.40
CA LYS I 154 0.68 6.30 -35.10
C LYS I 154 0.63 7.83 -35.16
N LEU I 155 1.26 8.42 -36.17
CA LEU I 155 1.23 9.89 -36.39
C LEU I 155 -0.08 10.31 -37.09
N GLU I 156 -0.41 9.63 -38.17
CA GLU I 156 -1.67 9.88 -38.87
C GLU I 156 -2.90 9.79 -37.96
N ILE I 157 -2.90 8.84 -37.02
CA ILE I 157 -3.97 8.72 -36.03
C ILE I 157 -3.96 9.86 -35.02
N LYS I 158 -2.78 10.23 -34.53
CA LYS I 158 -2.66 11.30 -33.55
C LYS I 158 -3.28 12.57 -34.14
N THR I 159 -2.89 12.88 -35.37
CA THR I 159 -3.43 14.01 -36.09
C THR I 159 -4.94 13.90 -36.25
N GLN I 160 -5.39 12.81 -36.87
CA GLN I 160 -6.82 12.65 -37.11
C GLN I 160 -7.62 12.87 -35.83
N PHE I 161 -7.02 12.59 -34.68
CA PHE I 161 -7.71 12.76 -33.42
C PHE I 161 -7.66 14.20 -32.90
N GLU I 162 -6.47 14.74 -32.71
CA GLU I 162 -6.36 16.11 -32.19
C GLU I 162 -7.20 17.07 -33.02
N LYS I 163 -7.27 16.77 -34.30
CA LYS I 163 -8.03 17.54 -35.24
C LYS I 163 -9.52 17.37 -34.95
N GLU I 164 -9.96 16.14 -34.74
CA GLU I 164 -11.37 15.92 -34.49
C GLU I 164 -11.86 16.32 -33.10
N LYS I 165 -11.08 16.03 -32.06
CA LYS I 165 -11.43 16.53 -30.74
C LYS I 165 -11.53 18.05 -30.77
N LEU I 166 -10.79 18.68 -31.67
CA LEU I 166 -10.82 20.13 -31.75
C LEU I 166 -12.12 20.68 -32.38
N ALA I 167 -12.44 20.29 -33.61
CA ALA I 167 -13.66 20.75 -34.24
C ALA I 167 -14.81 20.57 -33.25
N GLN I 168 -14.85 19.39 -32.65
CA GLN I 168 -15.83 19.06 -31.63
C GLN I 168 -15.80 20.03 -30.47
N ASP I 169 -14.66 20.21 -29.84
CA ASP I 169 -14.60 21.04 -28.64
C ASP I 169 -14.81 22.51 -28.96
N ARG I 170 -14.68 22.87 -30.24
CA ARG I 170 -15.06 24.20 -30.66
C ARG I 170 -16.56 24.37 -30.52
N ILE I 171 -17.29 23.37 -30.97
CA ILE I 171 -18.74 23.42 -30.85
C ILE I 171 -19.21 23.40 -29.39
N LYS I 172 -18.68 22.48 -28.59
CA LYS I 172 -19.02 22.46 -27.17
C LYS I 172 -18.74 23.82 -26.53
N MET I 173 -17.83 24.59 -27.12
CA MET I 173 -17.44 25.90 -26.56
C MET I 173 -18.32 26.99 -27.09
N LYS I 174 -18.93 26.74 -28.24
CA LYS I 174 -19.90 27.66 -28.80
C LYS I 174 -21.20 27.57 -28.00
N ASN I 175 -21.61 26.35 -27.67
CA ASN I 175 -22.85 26.13 -26.96
C ASN I 175 -22.80 26.66 -25.54
N GLN I 176 -21.63 26.68 -24.93
CA GLN I 176 -21.53 27.19 -23.57
C GLN I 176 -21.67 28.71 -23.62
N LEU I 177 -21.10 29.30 -24.67
CA LEU I 177 -21.20 30.74 -24.90
C LEU I 177 -22.67 31.16 -24.99
N ASP I 178 -23.46 30.43 -25.78
CA ASP I 178 -24.91 30.65 -25.88
C ASP I 178 -25.60 30.59 -24.53
N ALA I 179 -25.37 29.50 -23.81
CA ALA I 179 -25.93 29.34 -22.48
C ALA I 179 -25.51 30.49 -21.58
N ASN I 180 -24.37 31.09 -21.88
CA ASN I 180 -23.88 32.20 -21.06
C ASN I 180 -24.43 33.54 -21.51
N ILE I 181 -24.81 33.62 -22.77
CA ILE I 181 -25.46 34.81 -23.33
C ILE I 181 -26.85 34.98 -22.69
N GLN I 182 -27.70 33.97 -22.80
CA GLN I 182 -29.02 34.02 -22.19
C GLN I 182 -28.94 34.28 -20.70
N ARG I 183 -27.98 33.66 -20.02
CA ARG I 183 -27.89 33.82 -18.58
C ARG I 183 -27.56 35.28 -18.27
N LEU I 184 -26.89 35.93 -19.21
CA LEU I 184 -26.48 37.30 -19.04
C LEU I 184 -27.64 38.25 -19.41
N ASN I 185 -28.45 37.83 -20.38
CA ASN I 185 -29.65 38.55 -20.77
C ASN I 185 -30.64 38.67 -19.61
N TYR I 186 -30.78 37.60 -18.84
CA TYR I 186 -31.61 37.62 -17.65
C TYR I 186 -30.89 38.30 -16.50
N SER I 187 -29.56 38.31 -16.53
CA SER I 187 -28.83 39.04 -15.50
C SER I 187 -29.04 40.52 -15.73
N LEU I 188 -29.18 40.91 -16.99
CA LEU I 188 -29.51 42.28 -17.33
C LEU I 188 -30.86 42.66 -16.68
N ASP I 189 -31.93 41.93 -17.01
CA ASP I 189 -33.24 42.20 -16.45
C ASP I 189 -33.23 42.32 -14.95
N ILE I 190 -32.74 41.29 -14.28
CA ILE I 190 -32.67 41.33 -12.83
C ILE I 190 -31.91 42.57 -12.35
N ALA I 191 -30.76 42.85 -12.95
CA ALA I 191 -30.05 44.09 -12.61
C ALA I 191 -30.95 45.34 -12.76
N ASN I 192 -31.59 45.47 -13.92
CA ASN I 192 -32.57 46.53 -14.14
C ASN I 192 -33.62 46.57 -13.03
N ALA I 193 -34.49 45.57 -13.00
CA ALA I 193 -35.50 45.46 -11.95
C ALA I 193 -34.95 45.83 -10.58
N ALA I 194 -33.74 45.38 -10.25
CA ALA I 194 -33.16 45.65 -8.93
C ALA I 194 -32.74 47.10 -8.76
N GLY I 195 -32.72 47.86 -9.86
CA GLY I 195 -32.34 49.26 -9.86
C GLY I 195 -30.84 49.53 -10.05
N ILE I 196 -30.05 48.45 -10.03
CA ILE I 196 -28.60 48.54 -10.10
C ILE I 196 -28.09 48.93 -11.49
N LYS I 197 -27.47 50.11 -11.62
CA LYS I 197 -26.91 50.55 -12.91
C LYS I 197 -25.38 50.59 -12.94
N LYS I 198 -24.78 51.05 -11.85
CA LYS I 198 -23.33 51.07 -11.77
C LYS I 198 -22.88 50.00 -10.79
N PRO I 199 -21.62 49.54 -10.92
CA PRO I 199 -20.91 48.56 -10.10
C PRO I 199 -21.20 48.61 -8.57
N VAL I 200 -20.48 47.80 -7.80
CA VAL I 200 -20.73 47.67 -6.36
C VAL I 200 -19.45 47.72 -5.50
N ASP I 206 -25.08 37.16 -6.52
CA ASP I 206 -26.04 36.11 -6.81
C ASP I 206 -25.40 34.95 -7.59
N PRO I 207 -25.67 33.69 -7.16
CA PRO I 207 -24.98 32.52 -7.71
C PRO I 207 -25.45 32.15 -9.13
N ASP I 208 -26.72 32.37 -9.45
CA ASP I 208 -27.25 32.01 -10.77
C ASP I 208 -27.21 33.16 -11.79
N PHE I 209 -27.48 34.37 -11.33
CA PHE I 209 -27.45 35.56 -12.19
C PHE I 209 -26.68 36.68 -11.49
N SER I 210 -25.36 36.67 -11.60
CA SER I 210 -24.56 37.71 -10.96
C SER I 210 -24.86 39.02 -11.66
N ILE I 211 -25.07 40.05 -10.86
CA ILE I 211 -25.45 41.37 -11.36
C ILE I 211 -24.47 42.41 -10.88
N SER I 212 -23.50 42.01 -10.08
CA SER I 212 -22.63 42.96 -9.40
C SER I 212 -21.87 43.90 -10.35
N LEU I 213 -21.99 43.69 -11.65
CA LEU I 213 -21.43 44.65 -12.63
C LEU I 213 -22.33 45.89 -12.83
N GLY I 214 -23.62 45.75 -12.56
CA GLY I 214 -24.55 46.83 -12.83
C GLY I 214 -25.03 46.75 -14.26
N ALA I 215 -26.27 47.18 -14.49
CA ALA I 215 -26.89 47.05 -15.79
C ALA I 215 -26.10 47.75 -16.88
N ASP I 216 -25.43 48.84 -16.52
CA ASP I 216 -24.69 49.63 -17.50
C ASP I 216 -23.55 48.80 -18.11
N GLY I 217 -22.71 48.23 -17.26
CA GLY I 217 -21.72 47.26 -17.70
C GLY I 217 -22.31 46.08 -18.45
N ILE I 218 -23.02 45.22 -17.73
CA ILE I 218 -23.70 44.09 -18.33
C ILE I 218 -24.28 44.33 -19.73
N GLU I 219 -24.88 45.49 -19.96
CA GLU I 219 -25.50 45.74 -21.25
C GLU I 219 -24.50 45.58 -22.40
N ARG I 220 -23.33 46.20 -22.22
CA ARG I 220 -22.29 46.23 -23.25
C ARG I 220 -21.71 44.82 -23.43
N LYS I 221 -21.37 44.21 -22.29
CA LYS I 221 -20.90 42.83 -22.23
C LYS I 221 -21.75 41.95 -23.13
N LEU I 222 -23.05 42.21 -23.12
CA LEU I 222 -23.98 41.41 -23.92
C LEU I 222 -23.78 41.67 -25.41
N GLU I 223 -23.52 42.92 -25.78
CA GLU I 223 -23.30 43.27 -27.18
C GLU I 223 -22.05 42.57 -27.75
N ILE I 224 -20.99 42.56 -26.93
CA ILE I 224 -19.70 42.01 -27.28
C ILE I 224 -19.73 40.48 -27.41
N GLU I 225 -20.45 39.83 -26.50
CA GLU I 225 -20.50 38.39 -26.51
C GLU I 225 -21.39 37.82 -27.61
N LYS I 226 -22.40 38.57 -28.03
CA LYS I 226 -23.28 38.11 -29.11
C LYS I 226 -22.59 38.33 -30.46
N ALA I 227 -21.55 39.14 -30.42
CA ALA I 227 -20.83 39.57 -31.61
C ALA I 227 -19.70 38.61 -31.99
N VAL I 228 -19.34 37.72 -31.06
CA VAL I 228 -18.22 36.80 -31.27
C VAL I 228 -18.45 35.83 -32.44
N THR I 229 -17.46 35.75 -33.33
CA THR I 229 -17.57 34.97 -34.56
C THR I 229 -16.60 33.79 -34.56
N ASP I 230 -15.74 33.76 -33.55
CA ASP I 230 -14.78 32.67 -33.40
C ASP I 230 -14.44 32.52 -31.91
N VAL I 231 -14.71 31.32 -31.38
CA VAL I 231 -14.54 31.06 -29.97
C VAL I 231 -13.07 31.07 -29.55
N ALA I 232 -12.20 31.05 -30.55
CA ALA I 232 -10.76 31.06 -30.31
C ALA I 232 -10.30 32.45 -29.90
N GLU I 233 -10.98 33.48 -30.40
CA GLU I 233 -10.64 34.89 -30.14
C GLU I 233 -10.14 35.13 -28.73
N LEU I 234 -10.94 34.72 -27.77
CA LEU I 234 -10.61 34.96 -26.37
C LEU I 234 -10.01 33.76 -25.67
N ASN I 235 -9.83 32.65 -26.38
CA ASN I 235 -9.33 31.44 -25.76
C ASN I 235 -7.90 31.00 -26.12
N GLY I 236 -6.96 31.31 -25.24
CA GLY I 236 -5.59 30.90 -25.41
C GLY I 236 -5.46 29.41 -25.67
N GLU I 237 -6.13 28.59 -24.88
CA GLU I 237 -5.99 27.14 -25.01
C GLU I 237 -6.57 26.54 -26.29
N LEU I 238 -7.54 27.19 -26.91
CA LEU I 238 -8.08 26.67 -28.16
C LEU I 238 -7.24 27.12 -29.35
N ARG I 239 -6.47 28.18 -29.14
CA ARG I 239 -5.57 28.67 -30.18
C ARG I 239 -4.39 27.72 -30.31
N ASN I 240 -3.74 27.45 -29.18
CA ASN I 240 -2.64 26.51 -29.12
C ASN I 240 -3.03 25.15 -29.69
N ARG I 241 -4.22 24.69 -29.34
CA ARG I 241 -4.69 23.40 -29.82
C ARG I 241 -4.74 23.38 -31.35
N GLN I 242 -5.01 24.54 -31.94
CA GLN I 242 -4.99 24.68 -33.39
C GLN I 242 -3.56 24.61 -33.89
N TYR I 243 -2.66 25.26 -33.16
CA TYR I 243 -1.24 25.21 -33.48
C TYR I 243 -0.73 23.76 -33.45
N LEU I 244 -1.10 23.04 -32.41
CA LEU I 244 -0.71 21.65 -32.28
C LEU I 244 -1.15 20.87 -33.52
N VAL I 245 -2.43 20.93 -33.85
CA VAL I 245 -2.91 20.29 -35.07
C VAL I 245 -2.08 20.72 -36.29
N GLU I 246 -1.59 21.95 -36.26
CA GLU I 246 -0.85 22.45 -37.39
C GLU I 246 0.51 21.76 -37.46
N GLN I 247 1.22 21.69 -36.33
CA GLN I 247 2.52 21.03 -36.29
C GLN I 247 2.44 19.57 -36.78
N LEU I 248 1.49 18.81 -36.24
CA LEU I 248 1.26 17.42 -36.62
C LEU I 248 1.01 17.22 -38.11
N THR I 249 0.12 18.01 -38.70
CA THR I 249 -0.13 17.86 -40.13
C THR I 249 1.15 18.10 -40.92
N LYS I 250 2.00 18.99 -40.42
CA LYS I 250 3.22 19.34 -41.13
C LYS I 250 4.23 18.20 -41.05
N ALA I 251 4.60 17.86 -39.81
CA ALA I 251 5.60 16.84 -39.51
C ALA I 251 5.43 15.64 -40.40
N ASN I 252 6.54 15.16 -40.94
CA ASN I 252 6.56 13.89 -41.64
C ASN I 252 7.65 13.03 -40.99
N ILE I 253 7.62 11.72 -41.24
CA ILE I 253 8.64 10.81 -40.70
C ILE I 253 9.65 10.44 -41.78
N ASN I 254 10.94 10.60 -41.51
CA ASN I 254 11.93 10.34 -42.56
C ASN I 254 12.10 8.86 -42.93
N ASP I 255 12.37 8.58 -44.21
CA ASP I 255 12.78 7.24 -44.62
C ASP I 255 14.11 6.85 -43.99
N VAL I 256 14.12 6.66 -42.68
CA VAL I 256 15.34 6.35 -41.93
C VAL I 256 15.79 4.88 -42.14
N ASN I 257 17.10 4.65 -42.08
CA ASN I 257 17.66 3.31 -42.13
C ASN I 257 18.37 2.92 -40.84
N PHE I 258 17.90 1.84 -40.23
CA PHE I 258 18.57 1.29 -39.07
C PHE I 258 18.77 -0.20 -39.34
N THR I 259 19.30 -0.93 -38.38
CA THR I 259 19.41 -2.38 -38.51
C THR I 259 18.90 -3.10 -37.26
N PRO I 260 17.94 -4.03 -37.44
CA PRO I 260 17.19 -4.70 -36.38
C PRO I 260 18.05 -5.56 -35.47
N PHE I 261 19.35 -5.61 -35.71
CA PHE I 261 20.24 -6.47 -34.94
C PHE I 261 21.66 -5.91 -34.94
N LYS I 262 22.55 -6.65 -34.30
CA LYS I 262 23.98 -6.36 -34.25
C LYS I 262 24.74 -7.69 -34.50
N TYR I 263 25.67 -7.72 -35.45
CA TYR I 263 26.45 -8.94 -35.69
C TYR I 263 27.45 -9.28 -34.57
N GLN I 264 27.39 -10.49 -34.02
CA GLN I 264 28.55 -11.02 -33.31
C GLN I 264 29.44 -11.63 -34.38
N LEU I 265 28.81 -12.34 -35.30
CA LEU I 265 29.49 -12.91 -36.47
C LEU I 265 28.70 -12.56 -37.71
N SER I 266 29.32 -11.88 -38.67
CA SER I 266 28.63 -11.58 -39.92
C SER I 266 28.70 -12.83 -40.78
N PRO I 267 27.82 -12.95 -41.77
CA PRO I 267 27.89 -14.14 -42.63
C PRO I 267 29.34 -14.49 -42.91
N SER I 268 29.66 -15.78 -42.81
CA SER I 268 31.03 -16.25 -42.88
C SER I 268 31.28 -16.97 -44.18
N LEU I 269 32.56 -17.11 -44.50
CA LEU I 269 33.01 -17.90 -45.63
C LEU I 269 33.70 -19.15 -45.07
N PRO I 270 33.01 -20.30 -45.12
CA PRO I 270 33.38 -21.49 -44.33
C PRO I 270 34.69 -22.18 -44.76
#